data_9PQ3
#
_entry.id   9PQ3
#
_cell.length_a   1.00
_cell.length_b   1.00
_cell.length_c   1.00
_cell.angle_alpha   90.00
_cell.angle_beta   90.00
_cell.angle_gamma   90.00
#
_symmetry.space_group_name_H-M   'P 1'
#
loop_
_entity.id
_entity.type
_entity.pdbx_description
1 polymer 'HIV-1 459C-ALT RnS DS-SOSIP gp41'
2 polymer 'HIV-1 459C-ALT RnS DS-SOSIP gp120'
3 branched 2-acetamido-2-deoxy-beta-D-glucopyranose-(1-4)-2-acetamido-2-deoxy-beta-D-glucopyranose
4 branched beta-D-mannopyranose-(1-4)-2-acetamido-2-deoxy-beta-D-glucopyranose-(1-4)-2-acetamido-2-deoxy-beta-D-glucopyranose
5 branched alpha-D-mannopyranose-(1-2)-alpha-D-mannopyranose-(1-3)-[alpha-D-mannopyranose-(1-6)]beta-D-mannopyranose-(1-4)-2-acetamido-2-deoxy-beta-D-glucopyranose-(1-4)-2-acetamido-2-deoxy-beta-D-glucopyranose
6 branched alpha-D-mannopyranose-(1-3)-beta-D-mannopyranose-(1-4)-2-acetamido-2-deoxy-beta-D-glucopyranose-(1-4)-2-acetamido-2-deoxy-beta-D-glucopyranose
7 branched alpha-D-mannopyranose-(1-3)-[alpha-D-mannopyranose-(1-6)]beta-D-mannopyranose-(1-4)-2-acetamido-2-deoxy-beta-D-glucopyranose-(1-4)-2-acetamido-2-deoxy-beta-D-glucopyranose
8 non-polymer 2-acetamido-2-deoxy-beta-D-glucopyranose
#
loop_
_entity_poly.entity_id
_entity_poly.type
_entity_poly.pdbx_seq_one_letter_code
_entity_poly.pdbx_strand_id
1 'polypeptide(L)'
;AVGIGAVFLGFLGAAGSTMGAASNTLTVQARQLLSGIVQQQSNLPKAPEAQQHLLQLTVWGIKQLQTRVLAIERYLEVQQ
LLGLWGCSGKLICCTAVPWNSSWSNKSETEIWNNMTWMQWDREISNYTNTIYRLLEESQFQQEINEVDLLALD
;
A,B,F
2 'polypeptide(L)'
;GNLWVTVYYGVPVWREAETTLFCASDAKAYDREVHNVWATHACVPTDPNPQEIVLENVTENFNMWKNDMVDQMHEDIISL
WDQSLKPCVKLTPLCVTLDCKAFNSSSHTNSSIAMQEMKNCTFNITTSVKGKRQQEHALFYKLDIVPLNKNGRQYRLINC
NTSTITQACPKVSFDPIPIHYCTPAGYAILKCNNKTFNGTGPCNNVSTVQCTHGIKPVVSTQLLLNGSLAEEDIIIRSEN
LTNNAKTIIVHLNESVEIVCVRPNNMTRKSIRIGPGQTFYALNEIIGDIRQAHCNISKEKWNNTLHRVWKKLVEHFPNKT
TIRFDRHSGGDLEITTHSFNCGGEFFYCNTSGLFNITYNSNYTYNDTKHNGTKVITLPCRIKQIINMWQEVGRAMYAPPI
AGNITCTSNITGLLLTRDGGNNSTETETFRPGGGDMRDNWRSELYKYKVVEIKPLGIAPTGCKRRVVER
;
C,G,I
#
loop_
_chem_comp.id
_chem_comp.type
_chem_comp.name
_chem_comp.formula
BMA D-saccharide, beta linking beta-D-mannopyranose 'C6 H12 O6'
MAN D-saccharide, alpha linking alpha-D-mannopyranose 'C6 H12 O6'
NAG D-saccharide, beta linking 2-acetamido-2-deoxy-beta-D-glucopyranose 'C8 H15 N O6'
#
# COMPACT_ATOMS: atom_id res chain seq x y z
N VAL A 7 -22.98 -39.65 -2.07
CA VAL A 7 -22.70 -38.79 -0.93
C VAL A 7 -21.67 -37.73 -1.33
N PHE A 8 -21.87 -36.51 -0.83
CA PHE A 8 -20.94 -35.43 -1.11
C PHE A 8 -19.63 -35.67 -0.36
N LEU A 9 -18.51 -35.38 -1.02
CA LEU A 9 -17.19 -35.47 -0.43
C LEU A 9 -16.57 -34.07 -0.44
N GLY A 10 -15.98 -33.69 0.69
CA GLY A 10 -15.48 -32.35 0.88
C GLY A 10 -14.15 -32.11 0.20
N PHE A 11 -13.47 -31.05 0.65
CA PHE A 11 -12.14 -30.72 0.15
C PHE A 11 -11.14 -31.81 0.52
N LEU A 12 -10.42 -32.29 -0.50
CA LEU A 12 -9.36 -33.29 -0.38
C LEU A 12 -9.83 -34.60 0.23
N GLY A 13 -11.14 -34.89 0.14
CA GLY A 13 -11.69 -36.07 0.79
C GLY A 13 -11.29 -37.38 0.15
N ALA A 14 -10.91 -37.37 -1.12
CA ALA A 14 -10.50 -38.56 -1.84
C ALA A 14 -8.98 -38.68 -1.95
N ALA A 15 -8.24 -37.95 -1.12
CA ALA A 15 -6.78 -38.00 -1.17
C ALA A 15 -6.27 -39.37 -0.74
N GLY A 16 -6.84 -39.93 0.32
CA GLY A 16 -6.49 -41.28 0.74
C GLY A 16 -7.15 -42.38 -0.07
N SER A 17 -8.11 -42.03 -0.90
CA SER A 17 -8.80 -43.00 -1.74
C SER A 17 -7.88 -43.46 -2.87
N THR A 18 -8.28 -44.55 -3.53
CA THR A 18 -7.64 -44.95 -4.76
C THR A 18 -7.93 -43.93 -5.85
N MET A 19 -7.02 -43.81 -6.82
CA MET A 19 -7.13 -42.76 -7.81
C MET A 19 -8.31 -42.96 -8.75
N GLY A 20 -8.78 -44.21 -8.91
CA GLY A 20 -9.97 -44.45 -9.71
C GLY A 20 -11.22 -43.86 -9.09
N ALA A 21 -11.35 -43.98 -7.77
CA ALA A 21 -12.45 -43.33 -7.07
C ALA A 21 -12.23 -41.82 -6.95
N ALA A 22 -10.95 -41.41 -6.83
CA ALA A 22 -10.60 -39.99 -6.72
C ALA A 22 -10.76 -39.25 -8.04
N SER A 23 -10.95 -39.96 -9.16
CA SER A 23 -11.24 -39.30 -10.43
C SER A 23 -12.67 -38.81 -10.55
N ASN A 24 -13.44 -38.79 -9.46
CA ASN A 24 -14.81 -38.31 -9.46
C ASN A 24 -15.00 -37.02 -8.68
N THR A 25 -13.94 -36.50 -8.06
CA THR A 25 -14.06 -35.33 -7.17
C THR A 25 -12.97 -34.30 -7.47
N LEU A 26 -12.80 -33.97 -8.74
CA LEU A 26 -11.88 -32.91 -9.14
C LEU A 26 -12.50 -31.53 -8.99
N THR A 27 -13.83 -31.44 -9.02
CA THR A 27 -14.50 -30.15 -9.08
C THR A 27 -14.36 -29.38 -7.78
N VAL A 28 -14.28 -30.07 -6.64
CA VAL A 28 -14.17 -29.37 -5.35
C VAL A 28 -12.83 -28.64 -5.26
N GLN A 29 -11.75 -29.30 -5.68
CA GLN A 29 -10.45 -28.64 -5.75
C GLN A 29 -10.47 -27.52 -6.77
N ALA A 30 -11.18 -27.71 -7.89
CA ALA A 30 -11.27 -26.67 -8.91
C ALA A 30 -11.90 -25.39 -8.35
N ARG A 31 -13.04 -25.51 -7.65
CA ARG A 31 -13.66 -24.33 -7.07
C ARG A 31 -12.87 -23.79 -5.88
N GLN A 32 -12.12 -24.63 -5.18
CA GLN A 32 -11.34 -24.14 -4.05
C GLN A 32 -10.13 -23.34 -4.51
N LEU A 33 -9.63 -23.61 -5.73
CA LEU A 33 -8.35 -23.03 -6.18
C LEU A 33 -8.35 -21.51 -6.31
N LEU A 34 -9.50 -20.84 -6.33
CA LEU A 34 -9.52 -19.38 -6.41
C LEU A 34 -10.36 -18.75 -5.30
N SER A 35 -10.93 -19.56 -4.41
CA SER A 35 -11.97 -19.10 -3.50
C SER A 35 -11.42 -18.12 -2.46
N GLY A 36 -12.21 -17.10 -2.17
CA GLY A 36 -11.84 -16.10 -1.17
C GLY A 36 -13.05 -15.38 -0.60
N THR A 58 -3.11 -0.52 6.21
CA THR A 58 -2.22 -0.26 5.09
C THR A 58 -1.30 -1.43 4.83
N VAL A 59 -0.53 -1.82 5.85
CA VAL A 59 0.41 -2.93 5.71
C VAL A 59 -0.34 -4.26 5.63
N TRP A 60 -1.34 -4.44 6.50
CA TRP A 60 -2.16 -5.64 6.42
C TRP A 60 -2.89 -5.73 5.08
N GLY A 61 -3.41 -4.58 4.62
CA GLY A 61 -4.00 -4.51 3.30
C GLY A 61 -3.03 -4.91 2.21
N ILE A 62 -1.77 -4.51 2.37
CA ILE A 62 -0.72 -4.90 1.42
C ILE A 62 -0.56 -6.42 1.40
N LYS A 63 -0.55 -7.06 2.58
CA LYS A 63 -0.34 -8.51 2.56
C LYS A 63 -1.54 -9.29 2.01
N GLN A 64 -2.75 -8.91 2.39
CA GLN A 64 -3.94 -9.59 1.81
C GLN A 64 -3.92 -9.39 0.28
N LEU A 65 -3.65 -8.17 -0.16
CA LEU A 65 -3.61 -7.86 -1.59
C LEU A 65 -2.57 -8.70 -2.32
N GLN A 66 -1.37 -8.77 -1.76
CA GLN A 66 -0.28 -9.51 -2.45
C GLN A 66 -0.65 -11.01 -2.48
N THR A 67 -1.18 -11.55 -1.39
CA THR A 67 -1.45 -12.99 -1.40
C THR A 67 -2.63 -13.34 -2.31
N ARG A 68 -3.60 -12.42 -2.46
CA ARG A 68 -4.63 -12.62 -3.46
C ARG A 68 -4.05 -12.58 -4.87
N VAL A 69 -3.12 -11.64 -5.10
CA VAL A 69 -2.42 -11.56 -6.38
C VAL A 69 -1.64 -12.84 -6.65
N LEU A 70 -0.99 -13.38 -5.60
CA LEU A 70 -0.24 -14.62 -5.74
C LEU A 70 -1.15 -15.78 -6.12
N ALA A 71 -2.31 -15.88 -5.47
CA ALA A 71 -3.27 -16.94 -5.79
C ALA A 71 -3.78 -16.83 -7.22
N ILE A 72 -4.12 -15.61 -7.64
CA ILE A 72 -4.69 -15.44 -8.98
C ILE A 72 -3.63 -15.68 -10.07
N GLU A 73 -2.38 -15.27 -9.87
CA GLU A 73 -1.41 -15.55 -10.93
C GLU A 73 -0.94 -17.00 -10.90
N ARG A 74 -0.99 -17.67 -9.75
CA ARG A 74 -0.78 -19.12 -9.73
C ARG A 74 -1.87 -19.84 -10.53
N TYR A 75 -3.12 -19.44 -10.34
CA TYR A 75 -4.22 -20.03 -11.10
C TYR A 75 -4.06 -19.72 -12.59
N LEU A 76 -3.62 -18.50 -12.92
CA LEU A 76 -3.43 -18.12 -14.32
C LEU A 76 -2.33 -18.94 -14.97
N GLU A 77 -1.24 -19.19 -14.24
CA GLU A 77 -0.15 -20.01 -14.77
C GLU A 77 -0.61 -21.45 -14.97
N VAL A 78 -1.39 -21.99 -14.02
CA VAL A 78 -1.90 -23.35 -14.15
C VAL A 78 -2.84 -23.46 -15.36
N GLN A 79 -3.71 -22.45 -15.54
CA GLN A 79 -4.64 -22.47 -16.66
C GLN A 79 -3.91 -22.32 -17.99
N GLN A 80 -2.84 -21.53 -18.02
CA GLN A 80 -2.06 -21.43 -19.26
C GLN A 80 -1.35 -22.74 -19.56
N LEU A 81 -0.81 -23.41 -18.53
CA LEU A 81 -0.17 -24.70 -18.75
C LEU A 81 -1.18 -25.75 -19.23
N LEU A 82 -2.44 -25.63 -18.79
CA LEU A 82 -3.48 -26.49 -19.35
C LEU A 82 -3.79 -26.12 -20.81
N GLY A 83 -3.81 -24.82 -21.11
CA GLY A 83 -4.12 -24.38 -22.46
C GLY A 83 -3.06 -24.75 -23.48
N LEU A 84 -1.79 -24.74 -23.06
CA LEU A 84 -0.68 -25.04 -23.96
C LEU A 84 -0.60 -26.51 -24.33
N TRP A 85 -1.36 -27.38 -23.66
CA TRP A 85 -1.43 -28.79 -23.99
C TRP A 85 -2.70 -29.14 -24.75
N GLY A 86 -3.43 -28.13 -25.22
CA GLY A 86 -4.71 -28.37 -25.89
C GLY A 86 -5.77 -28.96 -24.98
N CYS A 87 -5.76 -28.57 -23.70
CA CYS A 87 -6.70 -29.11 -22.73
C CYS A 87 -7.32 -28.00 -21.89
N SER A 88 -7.49 -26.81 -22.46
CA SER A 88 -8.09 -25.70 -21.76
C SER A 88 -9.60 -25.89 -21.66
N GLY A 89 -10.16 -25.53 -20.50
CA GLY A 89 -11.59 -25.58 -20.31
C GLY A 89 -12.17 -26.95 -20.03
N LYS A 90 -11.35 -27.98 -19.91
CA LYS A 90 -11.80 -29.33 -19.62
C LYS A 90 -11.22 -29.77 -18.29
N LEU A 91 -11.98 -30.58 -17.54
CA LEU A 91 -11.53 -31.04 -16.23
C LEU A 91 -10.34 -31.98 -16.36
N ILE A 92 -10.48 -33.04 -17.15
CA ILE A 92 -9.34 -33.87 -17.52
C ILE A 92 -9.37 -34.02 -19.04
N CYS A 93 -8.20 -34.32 -19.62
CA CYS A 93 -8.05 -34.27 -21.06
C CYS A 93 -7.01 -35.27 -21.52
N CYS A 94 -7.31 -35.94 -22.62
CA CYS A 94 -6.41 -36.92 -23.22
C CYS A 94 -5.54 -36.27 -24.29
N THR A 95 -4.35 -36.82 -24.49
CA THR A 95 -3.41 -36.33 -25.48
C THR A 95 -2.92 -37.49 -26.33
N ALA A 96 -1.92 -37.23 -27.17
CA ALA A 96 -1.39 -38.23 -28.08
C ALA A 96 0.03 -38.65 -27.75
N VAL A 97 0.57 -38.28 -26.60
CA VAL A 97 1.88 -38.76 -26.16
C VAL A 97 1.75 -40.21 -25.75
N PRO A 98 2.49 -41.14 -26.37
CA PRO A 98 2.50 -42.52 -25.87
C PRO A 98 3.20 -42.60 -24.53
N TRP A 99 2.67 -43.46 -23.67
CA TRP A 99 3.24 -43.64 -22.34
C TRP A 99 4.53 -44.45 -22.42
N ASN A 100 5.53 -44.00 -21.68
CA ASN A 100 6.85 -44.65 -21.66
C ASN A 100 6.92 -45.58 -20.46
N SER A 101 7.36 -46.81 -20.69
CA SER A 101 7.51 -47.77 -19.61
C SER A 101 8.68 -47.43 -18.69
N SER A 102 9.60 -46.57 -19.14
CA SER A 102 10.71 -46.16 -18.28
C SER A 102 10.23 -45.31 -17.11
N TRP A 103 9.16 -44.53 -17.32
CA TRP A 103 8.56 -43.80 -16.22
C TRP A 103 7.93 -44.74 -15.20
N SER A 104 7.10 -45.67 -15.69
CA SER A 104 6.47 -46.67 -14.83
C SER A 104 6.04 -47.88 -15.65
N ASN A 105 6.44 -49.08 -15.21
CA ASN A 105 6.01 -50.31 -15.84
C ASN A 105 4.80 -50.93 -15.14
N LYS A 106 4.14 -50.17 -14.27
CA LYS A 106 3.00 -50.70 -13.52
C LYS A 106 1.79 -50.91 -14.44
N SER A 107 0.97 -51.88 -14.07
CA SER A 107 -0.25 -52.18 -14.81
C SER A 107 -1.31 -51.12 -14.52
N GLU A 108 -2.32 -51.08 -15.39
CA GLU A 108 -3.39 -50.09 -15.23
C GLU A 108 -4.24 -50.40 -14.00
N THR A 109 -4.49 -51.69 -13.73
CA THR A 109 -5.42 -52.07 -12.66
C THR A 109 -4.87 -51.71 -11.29
N GLU A 110 -3.57 -51.93 -11.06
CA GLU A 110 -2.98 -51.58 -9.78
C GLU A 110 -2.92 -50.07 -9.60
N ILE A 111 -2.74 -49.32 -10.69
CA ILE A 111 -2.73 -47.87 -10.60
C ILE A 111 -4.12 -47.33 -10.28
N TRP A 112 -5.15 -47.89 -10.90
CA TRP A 112 -6.49 -47.33 -10.80
C TRP A 112 -7.39 -48.05 -9.79
N ASN A 113 -6.87 -49.01 -9.04
CA ASN A 113 -7.66 -49.65 -7.99
C ASN A 113 -6.91 -49.87 -6.69
N ASN A 114 -5.62 -49.54 -6.59
CA ASN A 114 -4.87 -49.70 -5.36
C ASN A 114 -3.95 -48.52 -5.06
N MET A 115 -3.72 -47.63 -6.01
CA MET A 115 -2.63 -46.67 -5.95
C MET A 115 -3.20 -45.28 -5.69
N THR A 116 -2.67 -44.61 -4.66
CA THR A 116 -3.10 -43.28 -4.28
C THR A 116 -2.39 -42.23 -5.14
N TRP A 117 -2.89 -41.00 -5.07
CA TRP A 117 -2.32 -39.91 -5.86
C TRP A 117 -1.01 -39.41 -5.27
N MET A 118 -0.89 -39.43 -3.94
CA MET A 118 0.28 -38.89 -3.25
C MET A 118 1.56 -39.62 -3.64
N GLN A 119 1.58 -40.93 -3.43
CA GLN A 119 2.78 -41.70 -3.72
C GLN A 119 2.99 -41.83 -5.23
N TRP A 120 1.91 -41.73 -6.02
CA TRP A 120 2.06 -41.67 -7.48
C TRP A 120 2.79 -40.41 -7.91
N ASP A 121 2.44 -39.26 -7.33
CA ASP A 121 3.18 -38.03 -7.60
C ASP A 121 4.63 -38.16 -7.14
N ARG A 122 4.83 -38.82 -6.00
CA ARG A 122 6.20 -39.09 -5.53
C ARG A 122 6.97 -39.96 -6.53
N GLU A 123 6.29 -40.91 -7.17
CA GLU A 123 6.96 -41.79 -8.15
C GLU A 123 7.31 -41.03 -9.43
N ILE A 124 6.37 -40.27 -9.97
CA ILE A 124 6.56 -39.64 -11.28
C ILE A 124 7.12 -38.22 -11.14
N SER A 125 7.54 -37.83 -9.93
CA SER A 125 8.20 -36.54 -9.72
C SER A 125 9.50 -36.42 -10.50
N ASN A 126 10.14 -37.55 -10.81
CA ASN A 126 11.37 -37.50 -11.59
C ASN A 126 11.09 -37.12 -13.05
N TYR A 127 9.93 -37.52 -13.57
CA TYR A 127 9.63 -37.36 -14.99
C TYR A 127 8.51 -36.36 -15.28
N THR A 128 8.07 -35.56 -14.29
CA THR A 128 7.12 -34.48 -14.58
C THR A 128 7.61 -33.57 -15.71
N ASN A 129 8.89 -33.18 -15.68
CA ASN A 129 9.38 -32.22 -16.66
C ASN A 129 9.48 -32.83 -18.06
N THR A 130 9.95 -34.08 -18.13
CA THR A 130 10.04 -34.76 -19.43
C THR A 130 8.66 -34.99 -20.03
N ILE A 131 7.71 -35.43 -19.21
CA ILE A 131 6.34 -35.63 -19.69
C ILE A 131 5.73 -34.30 -20.13
N TYR A 132 6.00 -33.23 -19.38
CA TYR A 132 5.49 -31.91 -19.73
C TYR A 132 6.02 -31.45 -21.08
N ARG A 133 7.33 -31.54 -21.29
CA ARG A 133 7.92 -31.06 -22.55
C ARG A 133 7.43 -31.89 -23.73
N LEU A 134 7.30 -33.21 -23.53
CA LEU A 134 6.69 -34.05 -24.57
C LEU A 134 5.25 -33.60 -24.85
N LEU A 135 4.54 -33.09 -23.83
CA LEU A 135 3.18 -32.63 -24.01
C LEU A 135 3.10 -31.38 -24.89
N GLU A 136 3.93 -30.37 -24.56
CA GLU A 136 3.94 -29.13 -25.37
C GLU A 136 4.35 -29.46 -26.80
N GLU A 137 5.35 -30.31 -26.98
CA GLU A 137 5.88 -30.65 -28.30
C GLU A 137 4.85 -31.40 -29.14
N SER A 138 4.13 -32.35 -28.52
CA SER A 138 3.09 -33.07 -29.25
C SER A 138 1.93 -32.16 -29.62
N GLN A 139 1.52 -31.27 -28.70
CA GLN A 139 0.43 -30.35 -29.00
C GLN A 139 0.77 -29.42 -30.16
N PHE A 140 1.98 -28.85 -30.13
CA PHE A 140 2.43 -27.96 -31.19
C PHE A 140 2.53 -28.70 -32.52
N GLN A 141 3.05 -29.93 -32.50
CA GLN A 141 3.22 -30.68 -33.75
C GLN A 141 1.87 -31.08 -34.35
N GLN A 142 0.95 -31.58 -33.52
CA GLN A 142 -0.38 -31.95 -34.02
C GLN A 142 -1.13 -30.73 -34.53
N GLU A 143 -0.99 -29.60 -33.85
CA GLU A 143 -1.77 -28.42 -34.22
C GLU A 143 -1.21 -27.78 -35.48
N ILE A 144 0.12 -27.78 -35.65
CA ILE A 144 0.69 -27.28 -36.90
C ILE A 144 0.46 -28.28 -38.04
N ASN A 145 0.30 -29.58 -37.73
CA ASN A 145 -0.11 -30.52 -38.75
C ASN A 145 -1.54 -30.27 -39.20
N GLU A 146 -2.41 -29.90 -38.26
CA GLU A 146 -3.78 -29.50 -38.61
C GLU A 146 -3.78 -28.25 -39.47
N VAL A 147 -2.91 -27.29 -39.14
CA VAL A 147 -2.80 -26.06 -39.93
C VAL A 147 -2.34 -26.36 -41.35
N ASP A 148 -1.34 -27.24 -41.48
CA ASP A 148 -0.85 -27.62 -42.81
C ASP A 148 -1.89 -28.41 -43.58
N LEU A 149 -2.66 -29.25 -42.89
CA LEU A 149 -3.72 -30.04 -43.55
C LEU A 149 -4.83 -29.14 -44.06
N LEU A 150 -5.24 -28.15 -43.26
CA LEU A 150 -6.28 -27.23 -43.71
C LEU A 150 -5.76 -26.18 -44.67
N ALA A 151 -4.43 -26.04 -44.79
CA ALA A 151 -3.86 -25.07 -45.73
C ALA A 151 -4.16 -25.47 -47.17
N LEU A 152 -4.12 -26.76 -47.48
CA LEU A 152 -4.45 -27.23 -48.83
C LEU A 152 -5.95 -27.39 -49.04
N ASP A 153 -6.76 -27.18 -48.01
CA ASP A 153 -8.21 -27.29 -48.14
C ASP A 153 -8.83 -25.96 -48.58
N GLY B 1 -3.90 -52.06 -25.68
CA GLY B 1 -2.56 -52.38 -25.22
C GLY B 1 -1.72 -51.15 -24.96
N ASN B 2 -1.69 -50.23 -25.93
CA ASN B 2 -0.93 -49.01 -25.78
C ASN B 2 -1.59 -48.06 -24.79
N LEU B 3 -0.78 -47.19 -24.18
CA LEU B 3 -1.25 -46.25 -23.18
C LEU B 3 -0.85 -44.84 -23.59
N TRP B 4 -1.54 -43.85 -23.03
CA TRP B 4 -1.33 -42.46 -23.37
C TRP B 4 -1.36 -41.60 -22.12
N VAL B 5 -0.63 -40.49 -22.19
CA VAL B 5 -0.64 -39.49 -21.12
C VAL B 5 -2.01 -38.83 -21.04
N THR B 6 -2.52 -38.68 -19.81
CA THR B 6 -3.77 -37.99 -19.56
C THR B 6 -3.55 -36.97 -18.47
N VAL B 7 -3.97 -35.73 -18.73
CA VAL B 7 -3.77 -34.60 -17.84
C VAL B 7 -4.99 -34.45 -16.95
N TYR B 8 -4.75 -34.33 -15.65
CA TYR B 8 -5.80 -34.24 -14.64
C TYR B 8 -5.68 -32.93 -13.89
N TYR B 9 -6.79 -32.20 -13.79
CA TYR B 9 -6.84 -30.91 -13.10
C TYR B 9 -7.74 -31.02 -11.89
N GLY B 10 -7.29 -30.50 -10.77
CA GLY B 10 -8.01 -30.60 -9.53
C GLY B 10 -7.69 -31.83 -8.69
N VAL B 11 -6.52 -32.41 -8.87
CA VAL B 11 -6.14 -33.63 -8.15
C VAL B 11 -5.94 -33.30 -6.67
N PRO B 12 -6.45 -34.11 -5.73
CA PRO B 12 -6.16 -33.90 -4.30
C PRO B 12 -4.76 -34.35 -3.92
N VAL B 13 -3.78 -33.50 -4.23
CA VAL B 13 -2.38 -33.75 -3.92
C VAL B 13 -1.77 -32.44 -3.42
N TRP B 14 -0.99 -32.52 -2.35
CA TRP B 14 -0.39 -31.34 -1.73
C TRP B 14 1.10 -31.57 -1.57
N ARG B 15 1.81 -30.49 -1.26
CA ARG B 15 3.24 -30.56 -0.98
C ARG B 15 3.57 -29.59 0.15
N GLU B 16 4.68 -29.85 0.82
CA GLU B 16 5.12 -28.97 1.90
C GLU B 16 5.63 -27.66 1.34
N ALA B 17 5.15 -26.55 1.91
CA ALA B 17 5.55 -25.23 1.45
C ALA B 17 5.36 -24.23 2.59
N GLU B 18 6.02 -23.09 2.45
CA GLU B 18 5.95 -22.00 3.41
C GLU B 18 5.30 -20.80 2.74
N THR B 19 4.26 -20.24 3.37
CA THR B 19 3.55 -19.10 2.81
C THR B 19 2.94 -18.26 3.92
N THR B 20 2.47 -17.06 3.57
CA THR B 20 1.82 -16.17 4.52
C THR B 20 0.32 -16.43 4.50
N LEU B 21 -0.32 -16.16 5.64
CA LEU B 21 -1.76 -16.32 5.81
C LEU B 21 -2.34 -15.01 6.31
N PHE B 22 -3.65 -15.01 6.60
CA PHE B 22 -4.29 -13.80 7.09
C PHE B 22 -5.13 -14.10 8.32
N CYS B 23 -5.39 -13.05 9.08
CA CYS B 23 -6.08 -13.14 10.37
C CYS B 23 -7.59 -12.98 10.18
N ALA B 24 -8.33 -13.52 11.15
CA ALA B 24 -9.79 -13.40 11.17
C ALA B 24 -10.26 -13.43 12.62
N SER B 25 -10.94 -12.36 13.02
CA SER B 25 -11.50 -12.25 14.36
C SER B 25 -12.99 -12.53 14.32
N ASP B 26 -13.56 -12.80 15.49
CA ASP B 26 -14.99 -13.08 15.59
C ASP B 26 -15.80 -11.81 15.35
N ALA B 27 -17.05 -12.00 14.95
CA ALA B 27 -17.93 -10.87 14.66
C ALA B 27 -18.29 -10.10 15.93
N LYS B 28 -18.39 -10.81 17.06
CA LYS B 28 -18.72 -10.16 18.32
C LYS B 28 -17.59 -9.26 18.82
N ALA B 29 -16.37 -9.43 18.30
CA ALA B 29 -15.30 -8.50 18.61
C ALA B 29 -15.51 -7.16 17.92
N TYR B 30 -16.35 -7.12 16.89
CA TYR B 30 -16.66 -5.87 16.19
C TYR B 30 -17.83 -5.12 16.80
N ASP B 31 -18.55 -5.72 17.75
CA ASP B 31 -19.65 -5.05 18.45
C ASP B 31 -19.05 -4.18 19.53
N ARG B 32 -18.70 -2.95 19.15
CA ARG B 32 -17.92 -1.99 19.93
C ARG B 32 -16.59 -2.69 20.29
N GLU B 33 -16.07 -2.50 21.51
CA GLU B 33 -14.82 -3.10 22.03
C GLU B 33 -13.65 -3.03 21.05
N VAL B 34 -13.61 -1.98 20.23
CA VAL B 34 -12.47 -1.77 19.33
C VAL B 34 -11.25 -1.26 20.09
N HIS B 35 -11.44 -0.84 21.35
CA HIS B 35 -10.36 -0.35 22.20
C HIS B 35 -9.67 -1.54 22.88
N ASN B 36 -9.00 -2.34 22.05
CA ASN B 36 -8.23 -3.49 22.50
C ASN B 36 -6.94 -3.53 21.70
N VAL B 37 -5.88 -4.07 22.33
CA VAL B 37 -4.56 -4.06 21.70
C VAL B 37 -4.55 -4.95 20.46
N TRP B 38 -5.19 -6.11 20.55
CA TRP B 38 -5.27 -7.01 19.41
C TRP B 38 -6.48 -6.79 18.53
N ALA B 39 -7.29 -5.76 18.83
CA ALA B 39 -8.44 -5.42 17.99
C ALA B 39 -7.97 -4.90 16.65
N THR B 40 -8.25 -5.64 15.59
CA THR B 40 -7.68 -5.37 14.27
C THR B 40 -8.83 -5.22 13.27
N HIS B 41 -8.85 -4.08 12.56
CA HIS B 41 -9.88 -3.85 11.56
C HIS B 41 -9.65 -4.69 10.31
N ALA B 42 -8.43 -5.17 10.11
CA ALA B 42 -8.14 -5.98 8.93
C ALA B 42 -8.57 -7.42 9.10
N CYS B 43 -8.63 -7.90 10.35
CA CYS B 43 -9.11 -9.26 10.62
C CYS B 43 -10.57 -9.38 10.23
N VAL B 44 -10.84 -10.15 9.18
CA VAL B 44 -12.18 -10.30 8.61
C VAL B 44 -13.05 -11.06 9.60
N PRO B 45 -14.39 -10.94 9.53
CA PRO B 45 -15.24 -11.77 10.38
C PRO B 45 -15.02 -13.26 10.10
N THR B 46 -15.07 -14.05 11.18
CA THR B 46 -14.86 -15.48 11.07
C THR B 46 -15.99 -16.11 10.28
N ASP B 47 -15.63 -17.01 9.36
CA ASP B 47 -16.61 -17.68 8.51
C ASP B 47 -17.55 -18.52 9.37
N PRO B 48 -18.87 -18.26 9.32
CA PRO B 48 -19.80 -19.03 10.15
C PRO B 48 -19.90 -20.47 9.67
N ASN B 49 -19.93 -21.38 10.66
CA ASN B 49 -19.91 -22.83 10.50
C ASN B 49 -18.71 -23.20 9.63
N PRO B 50 -17.48 -23.16 10.18
CA PRO B 50 -16.31 -23.55 9.37
C PRO B 50 -16.33 -25.04 9.07
N GLN B 51 -15.77 -25.40 7.92
CA GLN B 51 -15.78 -26.76 7.43
C GLN B 51 -14.49 -27.47 7.81
N GLU B 52 -14.60 -28.51 8.61
CA GLU B 52 -13.48 -29.41 8.92
C GLU B 52 -13.76 -30.73 8.22
N ILE B 53 -12.86 -31.15 7.33
CA ILE B 53 -13.07 -32.33 6.50
C ILE B 53 -12.04 -33.38 6.88
N VAL B 54 -12.52 -34.54 7.29
CA VAL B 54 -11.65 -35.63 7.71
C VAL B 54 -11.13 -36.36 6.49
N LEU B 55 -9.81 -36.51 6.40
CA LEU B 55 -9.14 -37.17 5.28
C LEU B 55 -8.80 -38.59 5.73
N GLU B 56 -9.70 -39.53 5.44
CA GLU B 56 -9.50 -40.91 5.84
C GLU B 56 -8.36 -41.55 5.03
N ASN B 57 -7.67 -42.49 5.68
CA ASN B 57 -6.57 -43.26 5.09
C ASN B 57 -5.43 -42.36 4.64
N VAL B 58 -5.19 -41.26 5.35
CA VAL B 58 -4.15 -40.29 5.03
C VAL B 58 -3.18 -40.21 6.19
N THR B 59 -1.89 -40.36 5.91
CA THR B 59 -0.84 -40.23 6.92
C THR B 59 0.10 -39.11 6.51
N GLU B 60 0.32 -38.16 7.41
CA GLU B 60 1.19 -37.03 7.15
C GLU B 60 2.16 -36.86 8.31
N ASN B 61 3.37 -36.38 7.99
CA ASN B 61 4.42 -36.19 8.99
C ASN B 61 4.41 -34.74 9.45
N PHE B 62 3.79 -34.50 10.60
CA PHE B 62 3.81 -33.18 11.21
C PHE B 62 5.13 -32.96 11.93
N ASN B 63 5.52 -31.68 12.02
CA ASN B 63 6.68 -31.30 12.83
C ASN B 63 6.50 -29.83 13.19
N MET B 64 6.24 -29.57 14.47
CA MET B 64 5.92 -28.23 14.92
C MET B 64 7.15 -27.41 15.32
N TRP B 65 8.34 -28.01 15.31
CA TRP B 65 9.53 -27.29 15.75
C TRP B 65 10.10 -26.39 14.65
N LYS B 66 10.34 -26.96 13.48
CA LYS B 66 10.68 -26.13 12.32
C LYS B 66 9.45 -25.72 11.52
N ASN B 67 8.27 -25.70 12.15
CA ASN B 67 7.05 -25.30 11.48
C ASN B 67 7.08 -23.81 11.13
N ASP B 68 6.47 -23.46 10.01
CA ASP B 68 6.23 -22.08 9.67
C ASP B 68 5.00 -21.59 10.44
N MET B 69 4.48 -20.41 10.06
CA MET B 69 3.43 -19.64 10.76
C MET B 69 3.60 -19.64 12.28
N VAL B 70 4.85 -19.57 12.73
CA VAL B 70 5.20 -19.35 14.13
C VAL B 70 6.07 -18.11 14.27
N ASP B 71 7.11 -18.00 13.43
CA ASP B 71 7.80 -16.72 13.27
C ASP B 71 6.86 -15.67 12.69
N GLN B 72 5.96 -16.09 11.80
CA GLN B 72 4.95 -15.18 11.26
C GLN B 72 3.99 -14.71 12.36
N MET B 73 3.62 -15.60 13.27
CA MET B 73 2.79 -15.22 14.42
C MET B 73 3.52 -14.20 15.29
N HIS B 74 4.82 -14.42 15.53
CA HIS B 74 5.61 -13.50 16.34
C HIS B 74 5.70 -12.13 15.67
N GLU B 75 5.94 -12.11 14.36
CA GLU B 75 6.00 -10.84 13.63
C GLU B 75 4.67 -10.13 13.65
N ASP B 76 3.57 -10.87 13.51
CA ASP B 76 2.23 -10.27 13.53
C ASP B 76 1.92 -9.67 14.89
N ILE B 77 2.25 -10.39 15.98
CA ILE B 77 1.90 -9.88 17.31
C ILE B 77 2.81 -8.69 17.67
N ILE B 78 4.06 -8.71 17.22
CA ILE B 78 4.96 -7.57 17.43
C ILE B 78 4.46 -6.35 16.65
N SER B 79 4.04 -6.55 15.40
CA SER B 79 3.54 -5.44 14.60
C SER B 79 2.25 -4.89 15.17
N LEU B 80 1.40 -5.76 15.74
CA LEU B 80 0.17 -5.28 16.37
C LEU B 80 0.46 -4.48 17.62
N TRP B 81 1.44 -4.92 18.44
CA TRP B 81 1.85 -4.14 19.60
C TRP B 81 2.38 -2.77 19.18
N ASP B 82 3.22 -2.75 18.15
CA ASP B 82 3.80 -1.48 17.71
C ASP B 82 2.74 -0.55 17.13
N GLN B 83 1.78 -1.10 16.37
CA GLN B 83 0.73 -0.28 15.77
C GLN B 83 -0.19 0.28 16.84
N SER B 84 -0.46 -0.49 17.89
CA SER B 84 -1.19 0.06 19.03
C SER B 84 -0.33 1.07 19.79
N LEU B 85 0.99 0.94 19.72
CA LEU B 85 1.88 1.81 20.46
C LEU B 85 2.03 3.18 19.82
N LYS B 86 1.90 3.27 18.48
CA LYS B 86 2.14 4.53 17.79
C LYS B 86 1.21 5.69 18.18
N PRO B 87 -0.13 5.56 18.19
CA PRO B 87 -0.95 6.77 18.34
C PRO B 87 -1.04 7.30 19.77
N CYS B 88 -0.32 6.72 20.73
CA CYS B 88 -0.42 7.15 22.11
C CYS B 88 0.69 8.15 22.45
N VAL B 89 0.80 8.47 23.75
CA VAL B 89 1.62 9.56 24.24
C VAL B 89 3.01 9.05 24.62
N LYS B 90 4.04 9.75 24.14
CA LYS B 90 5.43 9.44 24.46
C LYS B 90 5.88 10.33 25.61
N LEU B 91 6.52 9.74 26.61
CA LEU B 91 6.91 10.44 27.82
C LEU B 91 8.35 10.95 27.74
N THR B 92 8.59 11.88 26.82
CA THR B 92 9.86 12.59 26.81
C THR B 92 10.12 13.47 28.04
N PRO B 93 9.18 14.30 28.56
CA PRO B 93 9.58 15.19 29.66
C PRO B 93 9.70 14.50 31.01
N LEU B 94 9.26 13.25 31.13
CA LEU B 94 9.29 12.57 32.42
C LEU B 94 10.68 12.07 32.81
N CYS B 95 11.68 12.19 31.94
CA CYS B 95 13.07 11.93 32.32
C CYS B 95 13.60 13.15 33.07
N VAL B 96 13.24 13.21 34.35
CA VAL B 96 13.58 14.32 35.23
C VAL B 96 13.95 13.70 36.59
N THR B 97 14.90 14.34 37.28
CA THR B 97 15.36 13.85 38.57
C THR B 97 14.22 13.85 39.58
N LEU B 98 14.09 12.73 40.30
CA LEU B 98 13.01 12.52 41.26
C LEU B 98 13.57 12.46 42.67
N ASP B 99 12.91 13.15 43.59
CA ASP B 99 13.21 13.03 45.02
C ASP B 99 12.23 12.00 45.58
N CYS B 100 12.74 10.79 45.82
CA CYS B 100 11.92 9.67 46.25
C CYS B 100 12.17 9.35 47.71
N LYS B 101 11.08 9.15 48.45
CA LYS B 101 11.12 8.83 49.86
C LYS B 101 10.38 7.52 50.10
N ALA B 102 10.76 6.84 51.18
CA ALA B 102 10.13 5.58 51.53
C ALA B 102 8.71 5.81 52.06
N PHE B 103 7.88 4.79 51.92
CA PHE B 103 6.50 4.84 52.38
C PHE B 103 6.40 4.23 53.77
N ASN B 104 5.82 4.98 54.71
CA ASN B 104 5.65 4.47 56.06
C ASN B 104 4.58 3.38 56.12
N SER B 105 3.49 3.56 55.37
CA SER B 105 2.37 2.61 55.28
C SER B 105 1.77 2.33 56.64
N SER B 106 1.55 3.39 57.42
CA SER B 106 1.00 3.25 58.77
C SER B 106 -0.51 3.01 58.71
N SER B 107 -1.11 2.89 59.88
CA SER B 107 -2.55 2.64 60.00
C SER B 107 -3.35 3.90 59.64
N ALA B 114 5.93 -5.13 52.06
CA ALA B 114 5.96 -4.08 51.04
C ALA B 114 6.87 -2.94 51.47
N MET B 115 7.76 -3.21 52.41
CA MET B 115 8.72 -2.22 52.86
C MET B 115 9.73 -1.93 51.75
N GLN B 116 9.95 -0.64 51.49
CA GLN B 116 10.79 -0.07 50.43
C GLN B 116 10.29 -0.38 49.02
N GLU B 117 9.17 -1.09 48.87
CA GLU B 117 8.62 -1.34 47.54
C GLU B 117 7.90 -0.11 47.00
N MET B 118 7.30 0.69 47.87
CA MET B 118 6.57 1.89 47.47
C MET B 118 7.42 3.12 47.73
N LYS B 119 7.50 4.00 46.74
CA LYS B 119 8.26 5.24 46.84
C LYS B 119 7.39 6.43 46.48
N ASN B 120 7.41 7.44 47.33
CA ASN B 120 6.76 8.72 47.05
C ASN B 120 7.80 9.63 46.39
N CYS B 121 7.64 9.88 45.09
CA CYS B 121 8.63 10.63 44.31
C CYS B 121 8.04 11.96 43.90
N THR B 122 8.75 13.04 44.21
CA THR B 122 8.38 14.39 43.82
C THR B 122 9.32 14.87 42.72
N PHE B 123 8.77 15.56 41.74
CA PHE B 123 9.53 15.95 40.56
C PHE B 123 8.89 17.17 39.92
N ASN B 124 9.68 17.85 39.08
CA ASN B 124 9.18 19.02 38.37
C ASN B 124 8.61 18.62 37.02
N ILE B 125 7.36 19.02 36.78
CA ILE B 125 6.67 18.76 35.53
C ILE B 125 6.42 20.09 34.84
N THR B 126 6.51 20.09 33.51
CA THR B 126 6.17 21.28 32.74
C THR B 126 4.68 21.57 32.84
N THR B 127 4.34 22.83 33.01
CA THR B 127 2.96 23.26 33.20
C THR B 127 2.32 23.57 31.84
N SER B 128 1.17 24.23 31.86
CA SER B 128 0.54 24.69 30.63
C SER B 128 1.41 25.70 29.89
N VAL B 129 2.25 26.44 30.60
CA VAL B 129 3.26 27.31 30.01
C VAL B 129 4.57 26.52 29.95
N LYS B 130 5.21 26.53 28.77
CA LYS B 130 6.44 25.76 28.59
C LYS B 130 7.61 26.32 29.39
N GLY B 131 7.54 27.58 29.80
CA GLY B 131 8.56 28.21 30.61
C GLY B 131 8.36 28.10 32.09
N LYS B 132 7.40 27.30 32.54
CA LYS B 132 7.09 27.16 33.96
C LYS B 132 7.11 25.69 34.35
N ARG B 133 7.50 25.43 35.59
CA ARG B 133 7.56 24.09 36.14
C ARG B 133 6.85 24.05 37.49
N GLN B 134 6.23 22.93 37.79
CA GLN B 134 5.55 22.74 39.06
C GLN B 134 5.96 21.40 39.66
N GLN B 135 6.21 21.39 40.96
CA GLN B 135 6.57 20.16 41.66
C GLN B 135 5.32 19.37 41.99
N GLU B 136 5.35 18.08 41.71
CA GLU B 136 4.24 17.18 41.97
C GLU B 136 4.77 15.80 42.35
N HIS B 137 3.95 15.06 43.08
CA HIS B 137 4.33 13.76 43.60
C HIS B 137 3.59 12.64 42.88
N ALA B 138 4.16 11.44 43.01
CA ALA B 138 3.56 10.23 42.47
C ALA B 138 4.06 9.04 43.27
N LEU B 139 3.39 7.91 43.09
CA LEU B 139 3.74 6.66 43.72
C LEU B 139 4.41 5.76 42.69
N PHE B 140 5.54 5.18 43.06
CA PHE B 140 6.31 4.35 42.14
C PHE B 140 6.81 3.10 42.86
N TYR B 141 7.15 2.08 42.07
CA TYR B 141 7.68 0.85 42.61
C TYR B 141 9.20 0.94 42.73
N LYS B 142 9.78 -0.04 43.43
CA LYS B 142 11.22 -0.09 43.55
C LYS B 142 11.89 -0.63 42.28
N LEU B 143 11.19 -1.50 41.54
CA LEU B 143 11.80 -2.16 40.38
C LEU B 143 11.93 -1.20 39.20
N ASP B 144 10.92 -0.36 38.99
CA ASP B 144 10.92 0.52 37.81
C ASP B 144 11.70 1.82 38.02
N ILE B 145 12.34 1.98 39.18
CA ILE B 145 13.18 3.14 39.44
C ILE B 145 14.57 2.63 39.79
N VAL B 146 15.58 3.45 39.51
CA VAL B 146 16.97 3.12 39.82
C VAL B 146 17.63 4.30 40.52
N PRO B 147 18.59 4.07 41.42
CA PRO B 147 19.28 5.19 42.06
C PRO B 147 20.34 5.79 41.15
N LEU B 148 20.39 7.13 41.15
CA LEU B 148 21.44 7.87 40.47
C LEU B 148 22.77 7.80 41.22
N ASN B 149 22.72 7.71 42.55
CA ASN B 149 23.88 7.77 43.40
C ASN B 149 23.78 6.71 44.49
N LYS B 150 24.75 6.70 45.39
CA LYS B 150 24.85 5.67 46.42
C LYS B 150 24.20 6.06 47.74
N ASN B 151 23.77 7.31 47.91
CA ASN B 151 23.13 7.70 49.17
C ASN B 151 21.64 7.46 49.18
N GLY B 152 21.06 7.03 48.05
CA GLY B 152 19.64 6.72 48.00
C GLY B 152 18.71 7.91 48.13
N ARG B 153 19.05 9.02 47.49
CA ARG B 153 18.20 10.21 47.50
C ARG B 153 17.75 10.60 46.11
N GLN B 154 18.66 10.70 45.15
CA GLN B 154 18.33 11.05 43.77
C GLN B 154 18.12 9.78 42.96
N TYR B 155 17.02 9.75 42.20
CA TYR B 155 16.65 8.58 41.42
C TYR B 155 16.31 9.01 39.99
N ARG B 156 16.21 8.04 39.11
CA ARG B 156 15.85 8.25 37.71
C ARG B 156 15.13 7.01 37.20
N LEU B 157 14.42 7.18 36.10
CA LEU B 157 13.75 6.04 35.48
C LEU B 157 14.77 5.06 34.93
N ILE B 158 14.37 3.78 34.86
CA ILE B 158 15.29 2.72 34.45
C ILE B 158 15.68 2.88 32.98
N ASN B 159 14.71 3.24 32.13
CA ASN B 159 14.94 3.37 30.70
C ASN B 159 15.34 4.79 30.29
N CYS B 160 15.70 5.65 31.25
CA CYS B 160 15.98 7.05 30.94
C CYS B 160 17.19 7.20 30.02
N ASN B 161 18.26 6.45 30.29
CA ASN B 161 19.43 6.46 29.43
C ASN B 161 19.40 5.34 28.38
N THR B 162 18.23 4.77 28.11
CA THR B 162 18.09 3.73 27.09
C THR B 162 17.20 4.16 25.94
N SER B 163 16.00 4.65 26.22
CA SER B 163 15.01 5.00 25.20
C SER B 163 13.98 5.92 25.85
N THR B 164 12.84 6.09 25.19
CA THR B 164 11.72 6.85 25.72
C THR B 164 10.49 5.95 25.79
N ILE B 165 9.87 5.91 26.98
CA ILE B 165 8.67 5.07 27.15
C ILE B 165 7.49 5.70 26.41
N THR B 166 6.57 4.84 25.98
CA THR B 166 5.28 5.26 25.44
C THR B 166 4.19 4.67 26.32
N GLN B 167 3.33 5.54 26.85
CA GLN B 167 2.26 5.11 27.73
C GLN B 167 1.14 4.46 26.92
N ALA B 168 0.61 3.37 27.45
CA ALA B 168 -0.58 2.76 26.85
C ALA B 168 -1.77 3.69 27.01
N CYS B 169 -2.56 3.81 25.95
CA CYS B 169 -3.76 4.61 26.02
C CYS B 169 -4.77 3.93 26.93
N PRO B 170 -5.45 4.68 27.81
CA PRO B 170 -6.26 4.02 28.86
C PRO B 170 -7.48 3.30 28.34
N LYS B 171 -8.00 3.70 27.18
CA LYS B 171 -9.15 3.00 26.61
C LYS B 171 -8.77 1.61 26.12
N VAL B 172 -7.53 1.42 25.68
CA VAL B 172 -7.10 0.14 25.14
C VAL B 172 -6.98 -0.88 26.27
N SER B 173 -7.51 -2.07 26.02
CA SER B 173 -7.56 -3.16 27.01
C SER B 173 -6.66 -4.29 26.55
N PHE B 174 -5.91 -4.87 27.49
CA PHE B 174 -4.94 -5.92 27.21
C PHE B 174 -5.56 -7.32 27.22
N ASP B 175 -6.87 -7.43 27.05
CA ASP B 175 -7.55 -8.73 27.03
C ASP B 175 -7.18 -9.50 25.78
N PRO B 176 -6.64 -10.71 25.88
CA PRO B 176 -6.44 -11.54 24.68
C PRO B 176 -7.76 -11.95 24.05
N ILE B 177 -7.77 -12.02 22.73
CA ILE B 177 -8.96 -12.39 21.98
C ILE B 177 -8.60 -13.54 21.04
N PRO B 178 -9.52 -14.44 20.71
CA PRO B 178 -9.22 -15.51 19.76
C PRO B 178 -8.93 -14.97 18.36
N ILE B 179 -7.98 -15.61 17.69
CA ILE B 179 -7.56 -15.22 16.35
C ILE B 179 -7.52 -16.48 15.48
N HIS B 180 -8.21 -16.45 14.35
CA HIS B 180 -8.23 -17.55 13.40
C HIS B 180 -7.26 -17.23 12.27
N TYR B 181 -6.44 -18.22 11.90
CA TYR B 181 -5.49 -18.05 10.82
C TYR B 181 -6.01 -18.80 9.58
N CYS B 182 -6.18 -18.08 8.48
CA CYS B 182 -6.77 -18.64 7.28
C CYS B 182 -5.83 -18.48 6.10
N THR B 183 -5.76 -19.53 5.28
CA THR B 183 -4.94 -19.57 4.08
C THR B 183 -5.61 -18.82 2.94
N PRO B 184 -4.83 -18.34 1.97
CA PRO B 184 -5.40 -17.86 0.71
C PRO B 184 -5.78 -19.05 -0.17
N ALA B 185 -6.23 -18.72 -1.39
CA ALA B 185 -6.59 -19.76 -2.34
C ALA B 185 -5.35 -20.53 -2.81
N GLY B 186 -5.52 -21.83 -3.02
CA GLY B 186 -4.42 -22.68 -3.40
C GLY B 186 -3.59 -23.23 -2.26
N TYR B 187 -3.97 -22.94 -1.02
CA TYR B 187 -3.27 -23.43 0.16
C TYR B 187 -4.26 -24.08 1.11
N ALA B 188 -3.75 -24.87 2.04
CA ALA B 188 -4.61 -25.54 2.99
C ALA B 188 -3.89 -25.71 4.32
N ILE B 189 -4.69 -25.85 5.38
CA ILE B 189 -4.19 -26.14 6.72
C ILE B 189 -4.66 -27.55 7.10
N LEU B 190 -3.70 -28.39 7.46
CA LEU B 190 -3.96 -29.75 7.91
C LEU B 190 -3.83 -29.80 9.43
N LYS B 191 -4.82 -30.43 10.07
CA LYS B 191 -4.92 -30.57 11.51
C LYS B 191 -4.80 -32.03 11.91
N CYS B 192 -3.94 -32.30 12.89
CA CYS B 192 -3.73 -33.66 13.38
C CYS B 192 -4.74 -33.94 14.49
N ASN B 193 -5.69 -34.83 14.23
CA ASN B 193 -6.74 -35.17 15.17
C ASN B 193 -6.30 -36.22 16.18
N ASN B 194 -5.08 -36.75 16.06
CA ASN B 194 -4.59 -37.75 17.00
C ASN B 194 -4.40 -37.10 18.38
N LYS B 195 -5.16 -37.60 19.36
CA LYS B 195 -5.16 -37.04 20.70
C LYS B 195 -3.89 -37.34 21.49
N THR B 196 -3.15 -38.37 21.10
CA THR B 196 -1.88 -38.71 21.74
C THR B 196 -0.68 -38.28 20.93
N PHE B 197 -0.85 -37.31 20.03
CA PHE B 197 0.25 -36.85 19.21
C PHE B 197 1.26 -36.06 20.05
N ASN B 198 2.54 -36.39 19.89
CA ASN B 198 3.59 -35.79 20.70
C ASN B 198 4.24 -34.58 20.03
N GLY B 199 3.74 -34.17 18.87
CA GLY B 199 4.21 -32.98 18.19
C GLY B 199 5.00 -33.23 16.92
N THR B 200 5.62 -34.40 16.78
CA THR B 200 6.41 -34.68 15.59
C THR B 200 6.15 -36.12 15.14
N GLY B 201 6.31 -36.34 13.84
CA GLY B 201 6.16 -37.67 13.28
C GLY B 201 4.86 -37.85 12.54
N PRO B 202 4.50 -39.09 12.24
CA PRO B 202 3.27 -39.36 11.50
C PRO B 202 2.03 -39.14 12.36
N CYS B 203 0.95 -38.76 11.70
CA CYS B 203 -0.36 -38.61 12.34
C CYS B 203 -1.38 -39.38 11.52
N ASN B 204 -2.01 -40.37 12.14
CA ASN B 204 -2.91 -41.26 11.40
C ASN B 204 -4.22 -40.56 11.03
N ASN B 205 -4.76 -39.77 11.96
CA ASN B 205 -6.05 -39.10 11.75
C ASN B 205 -5.79 -37.66 11.36
N VAL B 206 -6.06 -37.32 10.10
CA VAL B 206 -5.80 -35.98 9.58
C VAL B 206 -7.11 -35.37 9.13
N SER B 207 -7.24 -34.05 9.33
CA SER B 207 -8.36 -33.29 8.78
C SER B 207 -7.80 -32.05 8.11
N THR B 208 -8.65 -31.38 7.33
CA THR B 208 -8.29 -30.11 6.71
C THR B 208 -9.31 -29.06 7.11
N VAL B 209 -8.82 -27.83 7.32
CA VAL B 209 -9.66 -26.70 7.66
C VAL B 209 -9.20 -25.49 6.86
N GLN B 210 -10.15 -24.60 6.55
CA GLN B 210 -9.78 -23.32 5.94
C GLN B 210 -9.13 -22.40 6.96
N CYS B 211 -9.63 -22.42 8.19
CA CYS B 211 -9.10 -21.58 9.26
C CYS B 211 -8.87 -22.44 10.50
N THR B 212 -7.84 -22.07 11.26
CA THR B 212 -7.59 -22.71 12.55
C THR B 212 -8.62 -22.27 13.58
N HIS B 213 -8.60 -22.92 14.73
CA HIS B 213 -9.44 -22.50 15.84
C HIS B 213 -8.93 -21.18 16.40
N GLY B 214 -9.81 -20.48 17.11
CA GLY B 214 -9.45 -19.21 17.74
C GLY B 214 -8.35 -19.36 18.78
N ILE B 215 -7.28 -18.59 18.61
CA ILE B 215 -6.10 -18.70 19.46
C ILE B 215 -5.92 -17.37 20.18
N LYS B 216 -5.96 -17.40 21.51
CA LYS B 216 -5.66 -16.22 22.30
C LYS B 216 -4.15 -16.08 22.44
N PRO B 217 -3.56 -14.95 22.03
CA PRO B 217 -2.11 -14.75 22.18
C PRO B 217 -1.72 -14.38 23.61
N VAL B 218 -1.63 -15.40 24.45
CA VAL B 218 -1.33 -15.20 25.86
C VAL B 218 0.18 -15.07 26.05
N VAL B 219 0.61 -13.99 26.68
CA VAL B 219 2.02 -13.71 26.90
C VAL B 219 2.37 -14.14 28.32
N SER B 220 3.19 -15.19 28.45
CA SER B 220 3.56 -15.71 29.75
C SER B 220 4.86 -16.49 29.62
N THR B 221 5.49 -16.73 30.76
CA THR B 221 6.68 -17.57 30.84
C THR B 221 6.54 -18.49 32.05
N GLN B 222 7.17 -19.67 31.96
CA GLN B 222 7.25 -20.72 32.98
C GLN B 222 5.91 -21.44 33.17
N LEU B 223 4.85 -20.93 32.55
CA LEU B 223 3.49 -21.43 32.67
C LEU B 223 2.74 -20.97 31.43
N LEU B 224 1.70 -21.73 31.07
CA LEU B 224 0.82 -21.38 29.96
C LEU B 224 -0.58 -21.18 30.48
N LEU B 225 -1.23 -20.09 30.03
CA LEU B 225 -2.51 -19.66 30.58
C LEU B 225 -3.56 -19.66 29.50
N ASN B 226 -4.75 -20.18 29.85
CA ASN B 226 -5.96 -20.12 29.02
C ASN B 226 -5.77 -20.79 27.66
N GLY B 227 -4.91 -21.80 27.59
CA GLY B 227 -4.65 -22.52 26.37
C GLY B 227 -5.53 -23.76 26.22
N SER B 228 -5.26 -24.50 25.16
CA SER B 228 -5.98 -25.75 24.91
C SER B 228 -5.49 -26.84 25.87
N LEU B 229 -6.26 -27.91 25.94
CA LEU B 229 -5.96 -29.02 26.83
C LEU B 229 -5.88 -30.32 26.04
N ALA B 230 -4.98 -31.20 26.46
CA ALA B 230 -4.92 -32.54 25.88
C ALA B 230 -6.16 -33.32 26.25
N GLU B 231 -6.56 -34.26 25.38
CA GLU B 231 -7.82 -34.96 25.59
C GLU B 231 -7.63 -36.22 26.42
N GLU B 232 -6.49 -36.90 26.29
CA GLU B 232 -6.31 -38.21 26.90
C GLU B 232 -5.26 -38.22 28.00
N ASP B 233 -4.04 -37.78 27.71
CA ASP B 233 -2.94 -37.94 28.66
C ASP B 233 -2.02 -36.73 28.60
N ILE B 234 -1.13 -36.64 29.59
CA ILE B 234 -0.12 -35.59 29.61
C ILE B 234 0.87 -35.80 28.47
N ILE B 235 1.15 -34.73 27.73
CA ILE B 235 1.96 -34.81 26.52
C ILE B 235 3.27 -34.07 26.75
N ILE B 236 4.38 -34.75 26.45
CA ILE B 236 5.71 -34.17 26.54
C ILE B 236 6.21 -33.92 25.13
N ARG B 237 6.53 -32.66 24.81
CA ARG B 237 6.95 -32.28 23.48
C ARG B 237 8.35 -31.68 23.55
N SER B 238 9.25 -32.21 22.72
CA SER B 238 10.63 -31.74 22.68
C SER B 238 11.19 -32.02 21.30
N GLU B 239 11.97 -31.07 20.77
CA GLU B 239 12.65 -31.32 19.50
C GLU B 239 13.72 -32.39 19.64
N ASN B 240 14.38 -32.43 20.80
CA ASN B 240 15.39 -33.46 21.08
C ASN B 240 15.43 -33.62 22.60
N LEU B 241 14.86 -34.72 23.10
CA LEU B 241 14.76 -34.92 24.54
C LEU B 241 16.12 -35.08 25.19
N THR B 242 17.05 -35.77 24.53
CA THR B 242 18.39 -35.93 25.06
C THR B 242 19.18 -34.63 25.03
N ASN B 243 18.80 -33.67 24.18
CA ASN B 243 19.44 -32.35 24.16
C ASN B 243 18.79 -31.51 25.25
N ASN B 244 19.58 -31.19 26.28
CA ASN B 244 19.08 -30.37 27.37
C ASN B 244 18.94 -28.90 26.97
N ALA B 245 19.58 -28.48 25.88
CA ALA B 245 19.52 -27.08 25.46
C ALA B 245 18.19 -26.71 24.82
N LYS B 246 17.35 -27.68 24.52
CA LYS B 246 16.05 -27.43 23.88
C LYS B 246 14.95 -27.44 24.94
N THR B 247 13.98 -26.55 24.77
CA THR B 247 12.89 -26.43 25.73
C THR B 247 11.96 -27.64 25.67
N ILE B 248 11.26 -27.90 26.77
CA ILE B 248 10.32 -28.99 26.89
C ILE B 248 8.96 -28.43 27.21
N ILE B 249 7.95 -28.80 26.42
CA ILE B 249 6.58 -28.32 26.58
C ILE B 249 5.74 -29.45 27.15
N VAL B 250 5.08 -29.19 28.27
CA VAL B 250 4.23 -30.16 28.95
C VAL B 250 2.79 -29.73 28.80
N HIS B 251 1.96 -30.61 28.27
CA HIS B 251 0.55 -30.34 28.00
C HIS B 251 -0.30 -31.20 28.93
N LEU B 252 -1.13 -30.54 29.73
CA LEU B 252 -1.98 -31.24 30.68
C LEU B 252 -3.33 -31.57 30.08
N ASN B 253 -3.94 -32.64 30.61
CA ASN B 253 -5.30 -33.01 30.22
C ASN B 253 -6.37 -32.35 31.08
N GLU B 254 -5.98 -31.68 32.17
CA GLU B 254 -6.89 -30.95 33.01
C GLU B 254 -6.22 -29.67 33.47
N SER B 255 -6.99 -28.58 33.49
CA SER B 255 -6.45 -27.28 33.85
C SER B 255 -6.30 -27.16 35.37
N VAL B 256 -5.52 -26.19 35.80
CA VAL B 256 -5.36 -25.86 37.22
C VAL B 256 -5.82 -24.43 37.42
N GLU B 257 -6.77 -24.23 38.33
CA GLU B 257 -7.29 -22.89 38.57
C GLU B 257 -6.25 -22.04 39.28
N ILE B 258 -5.96 -20.85 38.73
CA ILE B 258 -5.03 -19.91 39.35
C ILE B 258 -5.76 -18.59 39.55
N VAL B 259 -5.69 -18.06 40.76
CA VAL B 259 -6.36 -16.81 41.13
C VAL B 259 -5.31 -15.83 41.59
N CYS B 260 -5.07 -14.80 40.79
CA CYS B 260 -4.05 -13.79 41.07
C CYS B 260 -4.74 -12.47 41.37
N VAL B 261 -4.43 -11.89 42.53
CA VAL B 261 -5.13 -10.73 43.05
C VAL B 261 -4.14 -9.65 43.46
N ARG B 262 -4.36 -8.44 42.95
CA ARG B 262 -3.78 -7.23 43.53
C ARG B 262 -4.84 -6.68 44.48
N PRO B 263 -4.61 -6.71 45.79
CA PRO B 263 -5.68 -6.40 46.75
C PRO B 263 -5.79 -4.92 47.12
N ASN B 264 -4.79 -4.11 46.83
CA ASN B 264 -4.79 -2.72 47.29
C ASN B 264 -5.76 -1.87 46.48
N ASN B 265 -6.20 -0.77 47.08
CA ASN B 265 -7.13 0.17 46.46
C ASN B 265 -6.31 1.34 45.92
N MET B 266 -6.25 1.45 44.59
CA MET B 266 -5.47 2.49 43.94
C MET B 266 -6.32 3.71 43.62
N THR B 267 -5.64 4.78 43.24
CA THR B 267 -6.27 5.99 42.74
C THR B 267 -5.46 6.51 41.56
N ARG B 268 -6.16 6.92 40.51
CA ARG B 268 -5.54 7.40 39.28
C ARG B 268 -5.63 8.92 39.23
N LYS B 269 -4.50 9.58 39.01
CA LYS B 269 -4.44 11.03 38.88
C LYS B 269 -4.01 11.38 37.47
N SER B 270 -4.81 12.21 36.79
CA SER B 270 -4.51 12.65 35.43
C SER B 270 -3.76 13.97 35.51
N ILE B 271 -2.54 14.00 34.96
CA ILE B 271 -1.68 15.16 34.99
C ILE B 271 -1.46 15.65 33.56
N ARG B 272 -1.69 16.94 33.34
CA ARG B 272 -1.45 17.57 32.05
C ARG B 272 0.04 17.79 31.90
N ILE B 273 0.69 17.01 31.03
CA ILE B 273 2.11 17.20 30.78
C ILE B 273 2.32 18.26 29.71
N GLY B 274 1.75 18.06 28.54
CA GLY B 274 1.81 19.03 27.47
C GLY B 274 0.45 19.24 26.85
N PRO B 275 0.39 20.00 25.74
CA PRO B 275 -0.90 20.23 25.07
C PRO B 275 -1.48 18.95 24.48
N GLY B 276 -2.60 18.49 25.05
CA GLY B 276 -3.19 17.24 24.64
C GLY B 276 -2.52 16.01 25.20
N GLN B 277 -1.60 16.17 26.16
CA GLN B 277 -0.86 15.06 26.75
C GLN B 277 -1.27 14.90 28.20
N THR B 278 -1.88 13.76 28.51
CA THR B 278 -2.30 13.44 29.88
C THR B 278 -1.62 12.16 30.32
N PHE B 279 -0.96 12.21 31.48
CA PHE B 279 -0.27 11.07 32.05
C PHE B 279 -0.96 10.65 33.34
N TYR B 280 -1.16 9.35 33.51
CA TYR B 280 -1.90 8.82 34.63
C TYR B 280 -0.94 8.26 35.67
N ALA B 281 -0.98 8.82 36.87
CA ALA B 281 -0.07 8.48 37.95
C ALA B 281 -0.83 7.85 39.11
N LEU B 282 -0.08 7.18 39.96
CA LEU B 282 -0.63 6.50 41.14
C LEU B 282 -0.67 7.47 42.31
N ASN B 283 -1.87 7.66 42.87
CA ASN B 283 -2.05 8.50 44.03
C ASN B 283 -1.95 7.64 45.30
N GLU B 284 -2.43 8.19 46.42
CA GLU B 284 -2.32 7.51 47.71
C GLU B 284 -3.19 6.26 47.73
N ILE B 285 -2.70 5.23 48.45
CA ILE B 285 -3.41 3.96 48.53
C ILE B 285 -4.48 4.06 49.62
N ILE B 286 -5.71 3.74 49.26
CA ILE B 286 -6.82 3.69 50.20
C ILE B 286 -6.72 2.38 50.99
N GLY B 287 -6.62 2.48 52.30
CA GLY B 287 -6.55 1.30 53.15
C GLY B 287 -5.13 0.80 53.33
N ASP B 288 -5.05 -0.47 53.74
CA ASP B 288 -3.77 -1.09 54.02
C ASP B 288 -3.05 -1.44 52.72
N ILE B 289 -1.74 -1.67 52.84
CA ILE B 289 -0.89 -2.03 51.71
C ILE B 289 -0.45 -3.48 51.91
N ARG B 290 -0.75 -4.32 50.92
CA ARG B 290 -0.43 -5.74 50.98
C ARG B 290 0.15 -6.18 49.65
N GLN B 291 0.99 -7.21 49.70
CA GLN B 291 1.63 -7.74 48.51
C GLN B 291 0.62 -8.51 47.67
N ALA B 292 0.76 -8.42 46.35
CA ALA B 292 -0.05 -9.23 45.45
C ALA B 292 0.38 -10.68 45.52
N HIS B 293 -0.56 -11.58 45.23
CA HIS B 293 -0.30 -13.01 45.37
C HIS B 293 -1.18 -13.80 44.41
N CYS B 294 -0.76 -15.03 44.14
CA CYS B 294 -1.53 -15.99 43.36
C CYS B 294 -1.73 -17.24 44.19
N ASN B 295 -2.86 -17.92 43.99
CA ASN B 295 -3.25 -19.05 44.82
C ASN B 295 -3.46 -20.29 43.97
N ILE B 296 -2.91 -21.41 44.44
CA ILE B 296 -2.98 -22.70 43.76
C ILE B 296 -3.38 -23.75 44.79
N SER B 297 -4.33 -24.61 44.42
CA SER B 297 -4.71 -25.72 45.27
C SER B 297 -3.54 -26.68 45.44
N LYS B 298 -3.28 -27.09 46.68
CA LYS B 298 -2.09 -27.88 46.98
C LYS B 298 -2.21 -29.30 46.43
N GLU B 299 -3.37 -29.93 46.60
CA GLU B 299 -3.54 -31.32 46.18
C GLU B 299 -3.59 -31.44 44.66
N LYS B 300 -4.23 -30.48 43.99
CA LYS B 300 -4.28 -30.49 42.53
C LYS B 300 -2.89 -30.34 41.92
N TRP B 301 -2.09 -29.42 42.46
CA TRP B 301 -0.73 -29.23 41.96
C TRP B 301 0.15 -30.42 42.27
N ASN B 302 -0.04 -31.05 43.43
CA ASN B 302 0.72 -32.24 43.78
C ASN B 302 0.39 -33.40 42.85
N ASN B 303 -0.90 -33.60 42.55
CA ASN B 303 -1.29 -34.64 41.61
C ASN B 303 -0.76 -34.34 40.21
N THR B 304 -0.77 -33.05 39.81
CA THR B 304 -0.19 -32.64 38.54
C THR B 304 1.30 -32.98 38.45
N LEU B 305 2.05 -32.65 39.50
CA LEU B 305 3.48 -32.93 39.50
C LEU B 305 3.77 -34.43 39.50
N HIS B 306 2.96 -35.20 40.22
CA HIS B 306 3.13 -36.65 40.19
C HIS B 306 2.84 -37.23 38.81
N ARG B 307 1.80 -36.70 38.14
CA ARG B 307 1.48 -37.15 36.79
C ARG B 307 2.61 -36.83 35.81
N VAL B 308 3.14 -35.61 35.86
CA VAL B 308 4.18 -35.23 34.90
C VAL B 308 5.49 -35.93 35.24
N TRP B 309 5.73 -36.25 36.52
CA TRP B 309 6.88 -37.06 36.89
C TRP B 309 6.77 -38.47 36.33
N LYS B 310 5.58 -39.07 36.44
CA LYS B 310 5.38 -40.42 35.91
C LYS B 310 5.52 -40.44 34.39
N LYS B 311 5.04 -39.40 33.72
CA LYS B 311 5.23 -39.31 32.28
C LYS B 311 6.71 -39.10 31.91
N LEU B 312 7.43 -38.33 32.72
CA LEU B 312 8.84 -38.06 32.43
C LEU B 312 9.72 -39.26 32.76
N VAL B 313 9.23 -40.19 33.57
CA VAL B 313 9.95 -41.44 33.84
C VAL B 313 10.13 -42.25 32.56
N GLU B 314 9.13 -42.24 31.67
CA GLU B 314 9.15 -43.09 30.47
C GLU B 314 10.29 -42.70 29.52
N HIS B 315 10.51 -41.41 29.30
CA HIS B 315 11.49 -40.94 28.33
C HIS B 315 12.90 -40.86 28.90
N PHE B 316 13.15 -41.47 30.04
CA PHE B 316 14.45 -41.44 30.71
C PHE B 316 14.67 -42.81 31.35
N PRO B 317 15.87 -43.08 31.87
CA PRO B 317 16.06 -44.28 32.69
C PRO B 317 15.11 -44.32 33.87
N ASN B 318 14.56 -45.51 34.14
CA ASN B 318 13.49 -45.64 35.13
C ASN B 318 14.01 -45.43 36.55
N LYS B 319 15.21 -45.93 36.85
CA LYS B 319 15.77 -45.80 38.19
C LYS B 319 16.62 -44.53 38.30
N THR B 320 15.99 -43.40 37.96
CA THR B 320 16.61 -42.09 38.01
C THR B 320 15.70 -41.15 38.79
N THR B 321 16.20 -40.62 39.90
CA THR B 321 15.43 -39.64 40.67
C THR B 321 15.34 -38.33 39.89
N ILE B 322 14.25 -37.61 40.11
CA ILE B 322 13.99 -36.36 39.39
C ILE B 322 13.80 -35.24 40.41
N ARG B 323 14.56 -34.17 40.25
CA ARG B 323 14.51 -33.03 41.14
C ARG B 323 13.86 -31.86 40.40
N PHE B 324 12.97 -31.15 41.08
CA PHE B 324 12.42 -29.90 40.58
C PHE B 324 13.08 -28.76 41.34
N ASP B 325 13.60 -27.78 40.61
CA ASP B 325 14.26 -26.62 41.19
C ASP B 325 13.77 -25.35 40.51
N ARG B 326 13.90 -24.24 41.23
CA ARG B 326 13.57 -22.93 40.67
C ARG B 326 14.61 -22.54 39.63
N HIS B 327 14.34 -21.43 38.94
CA HIS B 327 15.26 -20.96 37.90
C HIS B 327 16.58 -20.51 38.51
N SER B 328 17.67 -20.77 37.78
CA SER B 328 19.01 -20.48 38.29
C SER B 328 19.24 -18.99 38.47
N GLY B 329 18.81 -18.18 37.50
CA GLY B 329 19.01 -16.75 37.58
C GLY B 329 18.92 -16.10 36.22
N GLY B 330 18.96 -14.78 36.24
CA GLY B 330 18.84 -13.98 35.05
C GLY B 330 17.97 -12.77 35.32
N ASP B 331 17.40 -12.23 34.26
CA ASP B 331 16.49 -11.09 34.38
C ASP B 331 15.17 -11.51 35.03
N LEU B 332 14.47 -10.52 35.57
CA LEU B 332 13.21 -10.79 36.27
C LEU B 332 12.12 -11.29 35.33
N GLU B 333 12.25 -11.01 34.03
CA GLU B 333 11.22 -11.42 33.08
C GLU B 333 11.17 -12.93 32.91
N ILE B 334 12.32 -13.61 33.04
CA ILE B 334 12.39 -15.04 32.79
C ILE B 334 12.33 -15.80 34.11
N THR B 335 13.03 -15.30 35.13
CA THR B 335 13.12 -15.97 36.42
C THR B 335 11.77 -16.10 37.14
N THR B 336 10.82 -15.20 36.87
CA THR B 336 9.53 -15.26 37.52
C THR B 336 8.44 -15.38 36.46
N HIS B 337 7.26 -15.81 36.89
CA HIS B 337 6.09 -15.89 36.02
C HIS B 337 5.60 -14.48 35.72
N SER B 338 5.86 -14.00 34.51
CA SER B 338 5.39 -12.69 34.08
C SER B 338 4.20 -12.87 33.14
N PHE B 339 3.13 -12.13 33.40
CA PHE B 339 1.89 -12.28 32.65
C PHE B 339 1.07 -11.01 32.81
N ASN B 340 -0.08 -10.96 32.13
CA ASN B 340 -1.00 -9.84 32.20
C ASN B 340 -2.20 -10.22 33.04
N CYS B 341 -2.64 -9.28 33.88
CA CYS B 341 -3.80 -9.48 34.73
C CYS B 341 -4.51 -8.14 34.90
N GLY B 342 -5.57 -7.96 34.11
CA GLY B 342 -6.36 -6.73 34.18
C GLY B 342 -5.62 -5.49 33.76
N GLY B 343 -4.65 -5.62 32.84
CA GLY B 343 -3.85 -4.50 32.41
C GLY B 343 -2.61 -4.24 33.26
N GLU B 344 -2.54 -4.82 34.46
CA GLU B 344 -1.38 -4.71 35.31
C GLU B 344 -0.49 -5.93 35.14
N PHE B 345 0.82 -5.70 35.03
CA PHE B 345 1.75 -6.77 34.70
C PHE B 345 2.35 -7.32 35.99
N PHE B 346 2.17 -8.61 36.22
CA PHE B 346 2.58 -9.28 37.45
C PHE B 346 3.88 -10.05 37.20
N TYR B 347 4.74 -10.08 38.22
CA TYR B 347 5.98 -10.86 38.18
C TYR B 347 6.01 -11.69 39.46
N CYS B 348 5.61 -12.95 39.37
CA CYS B 348 5.31 -13.78 40.53
C CYS B 348 6.40 -14.81 40.76
N ASN B 349 6.93 -14.86 41.98
CA ASN B 349 7.95 -15.82 42.36
C ASN B 349 7.40 -17.24 42.32
N THR B 350 8.13 -18.15 41.67
CA THR B 350 7.68 -19.51 41.43
C THR B 350 8.57 -20.55 42.09
N SER B 351 9.12 -20.24 43.26
CA SER B 351 10.02 -21.18 43.93
C SER B 351 9.25 -22.33 44.57
N GLY B 352 8.02 -22.08 45.02
CA GLY B 352 7.25 -23.10 45.72
C GLY B 352 6.82 -24.26 44.86
N LEU B 353 6.41 -23.99 43.61
CA LEU B 353 5.90 -25.03 42.73
C LEU B 353 6.98 -25.98 42.20
N PHE B 354 8.24 -25.63 42.38
CA PHE B 354 9.37 -26.42 41.89
C PHE B 354 10.33 -26.70 43.03
N ASN B 355 9.78 -27.20 44.13
CA ASN B 355 10.49 -27.40 45.39
C ASN B 355 10.25 -28.81 45.91
N ILE B 356 10.43 -29.81 45.04
CA ILE B 356 10.13 -31.19 45.38
C ILE B 356 10.98 -32.13 44.52
N THR B 357 11.44 -33.22 45.13
CA THR B 357 12.17 -34.27 44.45
C THR B 357 11.43 -35.60 44.67
N TYR B 358 11.51 -36.47 43.66
CA TYR B 358 10.78 -37.74 43.68
C TYR B 358 11.76 -38.89 43.48
N ASN B 359 11.75 -39.83 44.41
CA ASN B 359 12.58 -41.02 44.29
C ASN B 359 12.05 -41.94 43.20
N SER B 360 12.89 -42.91 42.81
CA SER B 360 12.51 -43.87 41.78
C SER B 360 11.47 -44.88 42.25
N ASN B 361 11.18 -44.92 43.55
CA ASN B 361 10.16 -45.81 44.11
C ASN B 361 8.76 -45.50 43.58
N THR B 372 -7.31 -29.09 51.75
CA THR B 372 -7.86 -27.82 51.25
C THR B 372 -6.85 -26.69 51.43
N LYS B 373 -5.62 -27.04 51.77
CA LYS B 373 -4.56 -26.04 51.90
C LYS B 373 -4.20 -25.48 50.53
N VAL B 374 -3.70 -24.24 50.53
CA VAL B 374 -3.42 -23.52 49.29
C VAL B 374 -1.99 -23.00 49.35
N ILE B 375 -1.23 -23.29 48.29
CA ILE B 375 0.11 -22.72 48.13
C ILE B 375 -0.04 -21.29 47.64
N THR B 376 0.53 -20.35 48.39
CA THR B 376 0.44 -18.93 48.09
C THR B 376 1.85 -18.38 47.87
N LEU B 377 2.03 -17.61 46.81
CA LEU B 377 3.33 -17.13 46.38
C LEU B 377 3.32 -15.60 46.24
N PRO B 378 4.45 -14.94 46.44
CA PRO B 378 4.48 -13.48 46.30
C PRO B 378 4.54 -13.04 44.83
N CYS B 379 4.11 -11.80 44.61
CA CYS B 379 4.16 -11.19 43.29
C CYS B 379 4.56 -9.73 43.42
N ARG B 380 5.24 -9.23 42.41
CA ARG B 380 5.65 -7.83 42.32
C ARG B 380 5.04 -7.22 41.06
N ILE B 381 5.05 -5.89 41.01
CA ILE B 381 4.44 -5.15 39.91
C ILE B 381 5.49 -4.23 39.29
N LYS B 382 5.63 -4.30 37.96
CA LYS B 382 6.49 -3.41 37.21
C LYS B 382 5.65 -2.59 36.24
N GLN B 383 6.02 -1.32 36.06
CA GLN B 383 5.33 -0.45 35.12
C GLN B 383 6.14 -0.17 33.86
N ILE B 384 7.46 -0.32 33.90
CA ILE B 384 8.30 -0.17 32.72
C ILE B 384 8.55 -1.56 32.15
N ILE B 385 8.09 -1.79 30.93
CA ILE B 385 7.99 -3.13 30.36
C ILE B 385 8.85 -3.19 29.10
N ASN B 386 9.65 -4.24 29.00
CA ASN B 386 10.42 -4.57 27.79
C ASN B 386 10.02 -5.97 27.36
N MET B 387 8.99 -6.06 26.54
CA MET B 387 8.39 -7.33 26.16
C MET B 387 8.87 -7.72 24.76
N TRP B 388 8.94 -9.05 24.52
CA TRP B 388 9.68 -9.75 23.46
C TRP B 388 11.18 -9.55 23.57
N GLN B 389 11.68 -9.23 24.78
CA GLN B 389 13.10 -9.01 25.06
C GLN B 389 13.71 -7.93 24.17
N GLU B 390 12.91 -6.91 23.85
CA GLU B 390 13.36 -5.84 22.98
C GLU B 390 14.09 -4.77 23.78
N VAL B 391 15.10 -4.17 23.16
CA VAL B 391 15.90 -3.10 23.76
C VAL B 391 15.68 -1.84 22.95
N GLY B 392 15.36 -0.75 23.62
CA GLY B 392 15.04 0.51 22.97
C GLY B 392 13.57 0.72 22.69
N ARG B 393 12.71 -0.25 23.01
CA ARG B 393 11.27 -0.13 22.85
C ARG B 393 10.64 -0.52 24.19
N ALA B 394 10.09 0.46 24.89
CA ALA B 394 9.59 0.26 26.25
C ALA B 394 8.18 0.82 26.40
N MET B 395 7.46 0.25 27.37
CA MET B 395 6.04 0.52 27.58
C MET B 395 5.80 0.94 29.02
N TYR B 396 5.00 1.98 29.21
CA TYR B 396 4.54 2.38 30.54
C TYR B 396 3.12 1.90 30.75
N ALA B 397 2.88 1.26 31.89
CA ALA B 397 1.56 0.72 32.21
C ALA B 397 0.81 1.70 33.10
N PRO B 398 -0.31 2.26 32.63
CA PRO B 398 -1.15 3.10 33.49
C PRO B 398 -1.76 2.27 34.61
N PRO B 399 -1.89 2.83 35.81
CA PRO B 399 -2.52 2.09 36.91
C PRO B 399 -4.02 1.97 36.71
N ILE B 400 -4.60 1.00 37.43
CA ILE B 400 -6.05 0.77 37.42
C ILE B 400 -6.54 0.96 38.85
N ALA B 401 -7.54 1.83 39.01
CA ALA B 401 -8.06 2.13 40.33
C ALA B 401 -8.80 0.92 40.91
N GLY B 402 -8.80 0.84 42.24
CA GLY B 402 -9.41 -0.30 42.91
C GLY B 402 -8.49 -1.49 42.97
N ASN B 403 -9.09 -2.66 43.17
CA ASN B 403 -8.41 -3.93 43.26
C ASN B 403 -8.63 -4.75 41.98
N ILE B 404 -7.77 -5.75 41.78
CA ILE B 404 -7.77 -6.53 40.55
C ILE B 404 -7.74 -8.02 40.90
N THR B 405 -8.61 -8.80 40.28
CA THR B 405 -8.61 -10.25 40.44
C THR B 405 -8.72 -10.91 39.07
N CYS B 406 -7.81 -11.85 38.79
CA CYS B 406 -7.84 -12.62 37.55
C CYS B 406 -7.81 -14.10 37.89
N THR B 407 -8.81 -14.84 37.40
CA THR B 407 -8.83 -16.29 37.53
C THR B 407 -8.62 -16.90 36.16
N SER B 408 -7.60 -17.74 36.03
CA SER B 408 -7.20 -18.31 34.76
C SER B 408 -6.93 -19.80 34.94
N ASN B 409 -6.60 -20.45 33.82
CA ASN B 409 -6.36 -21.88 33.78
C ASN B 409 -4.92 -22.17 33.40
N ILE B 410 -4.27 -23.01 34.19
CA ILE B 410 -2.96 -23.56 33.86
C ILE B 410 -3.20 -24.76 32.98
N THR B 411 -2.73 -24.66 31.73
CA THR B 411 -2.90 -25.72 30.73
C THR B 411 -1.59 -26.18 30.12
N GLY B 412 -0.46 -25.59 30.47
CA GLY B 412 0.82 -26.01 29.94
C GLY B 412 1.96 -25.54 30.80
N LEU B 413 3.11 -26.21 30.62
CA LEU B 413 4.33 -25.89 31.36
C LEU B 413 5.51 -25.84 30.39
N LEU B 414 6.47 -24.99 30.72
CA LEU B 414 7.73 -24.90 29.98
C LEU B 414 8.87 -25.25 30.93
N LEU B 415 9.64 -26.28 30.57
CA LEU B 415 10.69 -26.80 31.42
C LEU B 415 12.01 -26.86 30.66
N THR B 416 13.10 -26.82 31.41
CA THR B 416 14.44 -26.94 30.85
C THR B 416 15.26 -27.87 31.72
N ARG B 417 15.94 -28.82 31.09
CA ARG B 417 16.81 -29.75 31.79
C ARG B 417 18.24 -29.22 31.84
N ASP B 418 18.90 -29.46 32.95
CA ASP B 418 20.30 -29.07 33.12
C ASP B 418 21.21 -30.24 32.75
N GLY B 419 22.44 -29.91 32.40
CA GLY B 419 23.41 -30.91 31.99
C GLY B 419 24.03 -31.66 33.15
N GLY B 420 23.65 -32.93 33.30
CA GLY B 420 24.22 -33.77 34.33
C GLY B 420 25.49 -34.44 33.86
N ASN B 421 26.48 -34.48 34.75
CA ASN B 421 27.77 -35.08 34.43
C ASN B 421 27.63 -36.60 34.40
N ASN B 422 27.77 -37.18 33.21
CA ASN B 422 27.63 -38.61 32.93
C ASN B 422 26.22 -39.05 33.38
N SER B 423 26.11 -40.28 33.90
CA SER B 423 24.85 -40.80 34.41
C SER B 423 24.92 -40.81 35.93
N THR B 424 24.50 -39.71 36.54
CA THR B 424 24.46 -39.60 37.99
C THR B 424 23.14 -40.09 38.58
N GLU B 425 22.31 -40.72 37.76
CA GLU B 425 20.97 -41.21 38.13
C GLU B 425 20.08 -40.09 38.67
N THR B 426 20.29 -38.86 38.20
CA THR B 426 19.45 -37.75 38.60
C THR B 426 19.35 -36.77 37.43
N GLU B 427 18.14 -36.25 37.22
CA GLU B 427 17.90 -35.22 36.23
C GLU B 427 17.05 -34.13 36.87
N THR B 428 17.51 -32.89 36.76
CA THR B 428 16.79 -31.76 37.34
C THR B 428 16.20 -30.90 36.23
N PHE B 429 15.03 -30.33 36.52
CA PHE B 429 14.30 -29.49 35.59
C PHE B 429 13.94 -28.18 36.26
N ARG B 430 14.11 -27.08 35.54
CA ARG B 430 13.78 -25.76 36.05
C ARG B 430 12.86 -25.04 35.07
N PRO B 431 11.97 -24.18 35.56
CA PRO B 431 11.10 -23.44 34.64
C PRO B 431 11.89 -22.43 33.82
N GLY B 432 11.59 -22.40 32.52
CA GLY B 432 12.31 -21.55 31.58
C GLY B 432 11.36 -20.72 30.76
N GLY B 433 11.72 -20.51 29.51
CA GLY B 433 10.95 -19.68 28.61
C GLY B 433 11.80 -18.64 27.91
N GLY B 434 11.32 -17.39 27.89
CA GLY B 434 12.05 -16.32 27.25
C GLY B 434 11.67 -16.13 25.80
N ASP B 435 11.44 -17.25 25.10
CA ASP B 435 11.01 -17.23 23.70
C ASP B 435 9.50 -17.34 23.68
N MET B 436 8.84 -16.23 23.34
CA MET B 436 7.38 -16.24 23.24
C MET B 436 6.89 -17.02 22.04
N ARG B 437 7.78 -17.35 21.10
CA ARG B 437 7.44 -18.21 19.96
C ARG B 437 6.95 -19.56 20.45
N ASP B 438 7.60 -20.10 21.49
CA ASP B 438 7.16 -21.34 22.13
C ASP B 438 5.73 -21.21 22.66
N ASN B 439 5.36 -20.01 23.11
CA ASN B 439 3.99 -19.78 23.57
C ASN B 439 2.99 -19.97 22.43
N TRP B 440 3.38 -19.63 21.20
CA TRP B 440 2.51 -19.94 20.08
C TRP B 440 2.71 -21.36 19.57
N ARG B 441 3.79 -22.03 19.98
CA ARG B 441 4.08 -23.35 19.47
C ARG B 441 3.24 -24.42 20.17
N SER B 442 2.84 -24.16 21.42
CA SER B 442 2.01 -25.10 22.15
C SER B 442 0.56 -25.08 21.68
N GLU B 443 0.17 -24.06 20.91
CA GLU B 443 -1.18 -23.98 20.36
C GLU B 443 -1.22 -24.24 18.86
N LEU B 444 -0.09 -24.15 18.17
CA LEU B 444 0.01 -24.42 16.75
C LEU B 444 0.73 -25.71 16.44
N TYR B 445 0.77 -26.65 17.41
CA TYR B 445 1.47 -27.90 17.18
C TYR B 445 0.73 -28.79 16.18
N LYS B 446 -0.59 -28.76 16.20
CA LYS B 446 -1.39 -29.67 15.39
C LYS B 446 -1.66 -29.15 13.98
N TYR B 447 -1.27 -27.92 13.67
CA TYR B 447 -1.61 -27.30 12.40
C TYR B 447 -0.37 -27.19 11.51
N LYS B 448 -0.55 -27.51 10.23
CA LYS B 448 0.53 -27.33 9.25
C LYS B 448 -0.06 -26.77 7.96
N VAL B 449 0.81 -26.16 7.15
CA VAL B 449 0.41 -25.45 5.94
C VAL B 449 0.95 -26.21 4.74
N VAL B 450 0.07 -26.51 3.79
CA VAL B 450 0.43 -27.25 2.58
C VAL B 450 -0.04 -26.48 1.35
N GLU B 451 0.64 -26.72 0.23
CA GLU B 451 0.35 -26.07 -1.04
C GLU B 451 -0.22 -27.10 -2.02
N ILE B 452 -1.31 -26.73 -2.68
CA ILE B 452 -1.95 -27.63 -3.64
C ILE B 452 -1.18 -27.58 -4.96
N LYS B 453 -1.01 -28.75 -5.56
CA LYS B 453 -0.40 -28.90 -6.88
C LYS B 453 -1.39 -29.66 -7.76
N PRO B 454 -2.48 -29.00 -8.18
CA PRO B 454 -3.63 -29.74 -8.73
C PRO B 454 -3.36 -30.44 -10.06
N LEU B 455 -2.31 -30.06 -10.77
CA LEU B 455 -1.99 -30.72 -12.03
C LEU B 455 -1.45 -32.12 -11.77
N GLY B 456 -1.90 -33.07 -12.59
CA GLY B 456 -1.47 -34.45 -12.44
C GLY B 456 -1.42 -35.15 -13.78
N ILE B 457 -0.66 -36.24 -13.81
CA ILE B 457 -0.44 -37.04 -15.02
C ILE B 457 -0.79 -38.48 -14.72
N ALA B 458 -1.49 -39.13 -15.65
CA ALA B 458 -1.83 -40.54 -15.44
C ALA B 458 -1.84 -41.25 -16.79
N PRO B 459 -1.34 -42.47 -16.87
CA PRO B 459 -1.50 -43.25 -18.10
C PRO B 459 -2.89 -43.87 -18.19
N THR B 460 -3.50 -43.73 -19.36
CA THR B 460 -4.84 -44.27 -19.58
C THR B 460 -4.91 -44.75 -21.02
N GLY B 461 -5.86 -45.65 -21.28
CA GLY B 461 -6.08 -46.15 -22.62
C GLY B 461 -6.81 -45.20 -23.55
N CYS B 462 -7.13 -44.00 -23.08
CA CYS B 462 -7.79 -42.99 -23.89
C CYS B 462 -6.78 -42.26 -24.77
N LYS B 463 -7.16 -42.04 -26.03
CA LYS B 463 -6.32 -41.34 -26.99
C LYS B 463 -7.12 -40.21 -27.61
N ARG B 464 -6.49 -39.05 -27.76
CA ARG B 464 -7.14 -37.91 -28.38
C ARG B 464 -7.20 -38.11 -29.90
N ARG B 465 -8.09 -37.35 -30.54
CA ARG B 465 -8.31 -37.45 -31.96
C ARG B 465 -7.33 -36.54 -32.71
N VAL B 466 -7.49 -36.43 -34.02
CA VAL B 466 -6.63 -35.58 -34.84
C VAL B 466 -7.45 -34.46 -35.48
N VAL C 7 17.78 -27.03 -32.59
CA VAL C 7 18.45 -26.19 -31.60
C VAL C 7 17.42 -25.29 -30.91
N PHE C 8 17.58 -25.10 -29.60
CA PHE C 8 16.69 -24.23 -28.85
C PHE C 8 16.96 -22.77 -29.23
N LEU C 9 15.89 -22.00 -29.36
CA LEU C 9 15.97 -20.57 -29.63
C LEU C 9 15.35 -19.82 -28.46
N GLY C 10 16.03 -18.78 -27.98
CA GLY C 10 15.63 -18.08 -26.78
C GLY C 10 14.48 -17.12 -27.01
N PHE C 11 14.35 -16.18 -26.07
CA PHE C 11 13.33 -15.14 -26.17
C PHE C 11 13.62 -14.23 -27.36
N LEU C 12 12.59 -14.05 -28.21
CA LEU C 12 12.61 -13.17 -29.38
C LEU C 12 13.70 -13.53 -30.38
N GLY C 13 14.18 -14.79 -30.38
CA GLY C 13 15.29 -15.17 -31.22
C GLY C 13 14.97 -15.24 -32.69
N ALA C 14 13.69 -15.41 -33.04
CA ALA C 14 13.25 -15.48 -34.43
C ALA C 14 12.66 -14.17 -34.92
N ALA C 15 12.92 -13.07 -34.22
CA ALA C 15 12.37 -11.78 -34.63
C ALA C 15 12.97 -11.31 -35.95
N GLY C 16 14.28 -11.48 -36.11
CA GLY C 16 14.91 -11.17 -37.38
C GLY C 16 14.76 -12.23 -38.44
N SER C 17 14.25 -13.41 -38.06
CA SER C 17 14.03 -14.49 -39.01
C SER C 17 12.83 -14.18 -39.90
N THR C 18 12.72 -14.95 -40.98
CA THR C 18 11.50 -14.92 -41.78
C THR C 18 10.34 -15.49 -40.98
N MET C 19 9.13 -15.04 -41.30
CA MET C 19 7.96 -15.39 -40.49
C MET C 19 7.62 -16.88 -40.60
N GLY C 20 8.00 -17.52 -41.70
CA GLY C 20 7.78 -18.95 -41.83
C GLY C 20 8.61 -19.76 -40.85
N ALA C 21 9.87 -19.36 -40.64
CA ALA C 21 10.69 -19.98 -39.62
C ALA C 21 10.28 -19.53 -38.22
N ALA C 22 9.81 -18.29 -38.09
CA ALA C 22 9.37 -17.74 -36.82
C ALA C 22 8.04 -18.32 -36.36
N SER C 23 7.31 -19.03 -37.23
CA SER C 23 6.10 -19.71 -36.81
C SER C 23 6.36 -21.00 -36.04
N ASN C 24 7.59 -21.25 -35.61
CA ASN C 24 7.94 -22.44 -34.84
C ASN C 24 8.32 -22.11 -33.39
N THR C 25 8.35 -20.84 -33.01
CA THR C 25 8.84 -20.44 -31.69
C THR C 25 7.89 -19.44 -31.03
N LEU C 26 6.59 -19.76 -31.03
CA LEU C 26 5.62 -18.94 -30.33
C LEU C 26 5.56 -19.25 -28.84
N THR C 27 5.99 -20.46 -28.46
CA THR C 27 5.80 -20.93 -27.09
C THR C 27 6.67 -20.17 -26.11
N VAL C 28 7.86 -19.73 -26.53
CA VAL C 28 8.76 -19.02 -25.62
C VAL C 28 8.17 -17.67 -25.22
N GLN C 29 7.59 -16.95 -26.19
CA GLN C 29 6.88 -15.72 -25.88
C GLN C 29 5.65 -15.99 -25.04
N ALA C 30 4.97 -17.12 -25.30
CA ALA C 30 3.79 -17.48 -24.51
C ALA C 30 4.13 -17.66 -23.03
N ARG C 31 5.19 -18.41 -22.73
CA ARG C 31 5.59 -18.59 -21.33
C ARG C 31 6.21 -17.32 -20.74
N GLN C 32 6.81 -16.47 -21.56
CA GLN C 32 7.40 -15.25 -21.04
C GLN C 32 6.33 -14.23 -20.66
N LEU C 33 5.14 -14.30 -21.30
CA LEU C 33 4.12 -13.26 -21.15
C LEU C 33 3.56 -13.10 -19.74
N LEU C 34 3.76 -14.07 -18.84
CA LEU C 34 3.27 -13.91 -17.47
C LEU C 34 4.37 -14.15 -16.43
N SER C 35 5.60 -14.41 -16.87
CA SER C 35 6.64 -14.93 -15.99
C SER C 35 7.09 -13.88 -14.98
N GLY C 36 7.33 -14.35 -13.75
CA GLY C 36 7.79 -13.48 -12.68
C GLY C 36 8.52 -14.24 -11.59
N THR C 58 6.75 -0.56 1.64
CA THR C 58 5.36 -0.16 1.45
C THR C 58 5.14 0.41 0.06
N VAL C 59 5.88 1.47 -0.27
CA VAL C 59 5.75 2.12 -1.57
C VAL C 59 6.33 1.24 -2.67
N TRP C 60 7.50 0.65 -2.43
CA TRP C 60 8.07 -0.28 -3.39
C TRP C 60 7.17 -1.49 -3.58
N GLY C 61 6.62 -1.99 -2.48
CA GLY C 61 5.63 -3.05 -2.56
C GLY C 61 4.43 -2.67 -3.41
N ILE C 62 4.01 -1.40 -3.29
CA ILE C 62 2.91 -0.89 -4.11
C ILE C 62 3.27 -0.95 -5.59
N LYS C 63 4.51 -0.56 -5.94
CA LYS C 63 4.83 -0.56 -7.37
C LYS C 63 5.00 -1.97 -7.94
N GLN C 64 5.66 -2.88 -7.22
CA GLN C 64 5.75 -4.28 -7.72
C GLN C 64 4.34 -4.84 -7.86
N LEU C 65 3.48 -4.61 -6.86
CA LEU C 65 2.12 -5.11 -6.88
C LEU C 65 1.34 -4.58 -8.08
N GLN C 66 1.44 -3.27 -8.31
CA GLN C 66 0.66 -2.66 -9.43
C GLN C 66 1.18 -3.20 -10.76
N THR C 67 2.51 -3.33 -10.91
CA THR C 67 3.01 -3.76 -12.22
C THR C 67 2.72 -5.23 -12.46
N ARG C 68 2.66 -6.05 -11.40
CA ARG C 68 2.20 -7.43 -11.57
C ARG C 68 0.72 -7.45 -11.96
N VAL C 69 -0.08 -6.58 -11.35
CA VAL C 69 -1.49 -6.47 -11.71
C VAL C 69 -1.63 -6.02 -13.16
N LEU C 70 -0.78 -5.09 -13.60
CA LEU C 70 -0.80 -4.62 -14.98
C LEU C 70 -0.48 -5.75 -15.95
N ALA C 71 0.54 -6.56 -15.63
CA ALA C 71 0.90 -7.69 -16.48
C ALA C 71 -0.22 -8.72 -16.57
N ILE C 72 -0.83 -9.04 -15.42
CA ILE C 72 -1.88 -10.06 -15.41
C ILE C 72 -3.14 -9.59 -16.13
N GLU C 73 -3.52 -8.31 -15.99
CA GLU C 73 -4.73 -7.90 -16.71
C GLU C 73 -4.45 -7.67 -18.19
N ARG C 74 -3.21 -7.33 -18.57
CA ARG C 74 -2.86 -7.32 -19.99
C ARG C 74 -2.96 -8.71 -20.59
N TYR C 75 -2.46 -9.72 -19.86
CA TYR C 75 -2.59 -11.10 -20.35
C TYR C 75 -4.06 -11.51 -20.40
N LEU C 76 -4.86 -11.09 -19.43
CA LEU C 76 -6.27 -11.44 -19.41
C LEU C 76 -7.01 -10.81 -20.59
N GLU C 77 -6.67 -9.56 -20.91
CA GLU C 77 -7.28 -8.90 -22.07
C GLU C 77 -6.89 -9.57 -23.38
N VAL C 78 -5.62 -9.98 -23.49
CA VAL C 78 -5.15 -10.67 -24.69
C VAL C 78 -5.87 -12.02 -24.84
N GLN C 79 -6.00 -12.75 -23.72
CA GLN C 79 -6.67 -14.05 -23.76
C GLN C 79 -8.15 -13.91 -24.07
N GLN C 80 -8.79 -12.84 -23.58
CA GLN C 80 -10.19 -12.63 -23.94
C GLN C 80 -10.34 -12.27 -25.41
N LEU C 81 -9.42 -11.46 -25.94
CA LEU C 81 -9.45 -11.14 -27.38
C LEU C 81 -9.22 -12.38 -28.23
N LEU C 82 -8.43 -13.33 -27.73
CA LEU C 82 -8.31 -14.62 -28.42
C LEU C 82 -9.60 -15.43 -28.31
N GLY C 83 -10.24 -15.41 -27.14
CA GLY C 83 -11.45 -16.18 -26.95
C GLY C 83 -12.63 -15.67 -27.77
N LEU C 84 -12.72 -14.35 -27.96
CA LEU C 84 -13.81 -13.75 -28.70
C LEU C 84 -13.74 -14.02 -30.20
N TRP C 85 -12.62 -14.54 -30.69
CA TRP C 85 -12.48 -14.93 -32.09
C TRP C 85 -12.61 -16.43 -32.29
N GLY C 86 -13.05 -17.15 -31.26
CA GLY C 86 -13.13 -18.60 -31.34
C GLY C 86 -11.78 -19.28 -31.44
N CYS C 87 -10.76 -18.71 -30.81
CA CYS C 87 -9.40 -19.24 -30.88
C CYS C 87 -8.76 -19.32 -29.50
N SER C 88 -9.56 -19.53 -28.46
CA SER C 88 -9.04 -19.66 -27.11
C SER C 88 -8.36 -21.01 -26.92
N GLY C 89 -7.24 -21.00 -26.20
CA GLY C 89 -6.54 -22.22 -25.86
C GLY C 89 -5.69 -22.81 -26.97
N LYS C 90 -5.58 -22.15 -28.11
CA LYS C 90 -4.77 -22.62 -29.22
C LYS C 90 -3.66 -21.63 -29.50
N LEU C 91 -2.50 -22.12 -29.92
CA LEU C 91 -1.37 -21.23 -30.17
C LEU C 91 -1.62 -20.33 -31.37
N ILE C 92 -1.97 -20.92 -32.52
CA ILE C 92 -2.47 -20.15 -33.65
C ILE C 92 -3.76 -20.80 -34.11
N CYS C 93 -4.59 -20.03 -34.79
CA CYS C 93 -5.95 -20.47 -35.09
C CYS C 93 -6.43 -19.83 -36.39
N CYS C 94 -7.11 -20.63 -37.20
CA CYS C 94 -7.67 -20.20 -38.47
C CYS C 94 -9.11 -19.76 -38.27
N THR C 95 -9.55 -18.83 -39.12
CA THR C 95 -10.92 -18.31 -39.09
C THR C 95 -11.50 -18.37 -40.49
N ALA C 96 -12.67 -17.77 -40.66
CA ALA C 96 -13.39 -17.79 -41.93
C ALA C 96 -13.49 -16.41 -42.59
N VAL C 97 -12.75 -15.42 -42.11
CA VAL C 97 -12.69 -14.12 -42.78
C VAL C 97 -11.85 -14.26 -44.04
N PRO C 98 -12.40 -13.97 -45.22
CA PRO C 98 -11.56 -13.94 -46.42
C PRO C 98 -10.59 -12.77 -46.38
N TRP C 99 -9.38 -13.02 -46.89
CA TRP C 99 -8.35 -11.99 -46.90
C TRP C 99 -8.65 -10.96 -47.99
N ASN C 100 -8.47 -9.69 -47.65
CA ASN C 100 -8.73 -8.58 -48.55
C ASN C 100 -7.42 -8.15 -49.19
N SER C 101 -7.43 -8.01 -50.52
CA SER C 101 -6.24 -7.56 -51.22
C SER C 101 -5.93 -6.09 -50.97
N SER C 102 -6.91 -5.33 -50.47
CA SER C 102 -6.67 -3.92 -50.16
C SER C 102 -5.70 -3.78 -48.98
N TRP C 103 -5.73 -4.72 -48.04
CA TRP C 103 -4.75 -4.71 -46.97
C TRP C 103 -3.35 -5.00 -47.49
N SER C 104 -3.21 -6.07 -48.28
CA SER C 104 -1.94 -6.42 -48.89
C SER C 104 -2.16 -7.30 -50.12
N ASN C 105 -1.57 -6.92 -51.25
CA ASN C 105 -1.61 -7.73 -52.46
C ASN C 105 -0.39 -8.62 -52.61
N LYS C 106 0.40 -8.79 -51.56
CA LYS C 106 1.62 -9.57 -51.61
C LYS C 106 1.30 -11.05 -51.74
N SER C 107 2.20 -11.79 -52.38
CA SER C 107 2.05 -13.22 -52.54
C SER C 107 2.38 -13.94 -51.23
N GLU C 108 1.96 -15.20 -51.14
CA GLU C 108 2.19 -15.97 -49.92
C GLU C 108 3.68 -16.29 -49.74
N THR C 109 4.37 -16.57 -50.84
CA THR C 109 5.76 -17.03 -50.77
C THR C 109 6.69 -15.93 -50.24
N GLU C 110 6.49 -14.69 -50.71
CA GLU C 110 7.32 -13.59 -50.25
C GLU C 110 7.02 -13.26 -48.79
N ILE C 111 5.77 -13.45 -48.36
CA ILE C 111 5.42 -13.21 -46.96
C ILE C 111 6.05 -14.27 -46.06
N TRP C 112 6.03 -15.53 -46.48
CA TRP C 112 6.42 -16.62 -45.62
C TRP C 112 7.85 -17.13 -45.87
N ASN C 113 8.61 -16.47 -46.75
CA ASN C 113 10.01 -16.86 -46.93
C ASN C 113 10.98 -15.68 -47.03
N ASN C 114 10.50 -14.44 -47.00
CA ASN C 114 11.37 -13.28 -47.06
C ASN C 114 10.97 -12.17 -46.10
N MET C 115 9.78 -12.22 -45.51
CA MET C 115 9.17 -11.09 -44.85
C MET C 115 9.20 -11.31 -43.34
N THR C 116 9.73 -10.33 -42.61
CA THR C 116 9.84 -10.39 -41.15
C THR C 116 8.52 -9.96 -40.51
N TRP C 117 8.41 -10.22 -39.21
CA TRP C 117 7.17 -9.88 -38.49
C TRP C 117 7.10 -8.39 -38.19
N MET C 118 8.25 -7.74 -37.96
CA MET C 118 8.29 -6.33 -37.57
C MET C 118 7.69 -5.43 -38.64
N GLN C 119 8.25 -5.50 -39.84
CA GLN C 119 7.79 -4.63 -40.92
C GLN C 119 6.41 -5.07 -41.42
N TRP C 120 6.07 -6.35 -41.23
CA TRP C 120 4.71 -6.79 -41.54
C TRP C 120 3.69 -6.14 -40.61
N ASP C 121 4.01 -6.07 -39.31
CA ASP C 121 3.14 -5.36 -38.38
C ASP C 121 3.07 -3.88 -38.73
N ARG C 122 4.21 -3.31 -39.17
CA ARG C 122 4.23 -1.93 -39.65
C ARG C 122 3.31 -1.74 -40.86
N GLU C 123 3.25 -2.74 -41.75
CA GLU C 123 2.41 -2.66 -42.93
C GLU C 123 0.93 -2.74 -42.58
N ILE C 124 0.55 -3.73 -41.75
CA ILE C 124 -0.86 -4.00 -41.48
C ILE C 124 -1.35 -3.23 -40.24
N SER C 125 -0.53 -2.32 -39.71
CA SER C 125 -0.95 -1.47 -38.59
C SER C 125 -2.14 -0.58 -38.95
N ASN C 126 -2.32 -0.28 -40.24
CA ASN C 126 -3.47 0.52 -40.65
C ASN C 126 -4.77 -0.27 -40.55
N TYR C 127 -4.71 -1.59 -40.76
CA TYR C 127 -5.91 -2.40 -40.85
C TYR C 127 -6.05 -3.41 -39.70
N THR C 128 -5.26 -3.30 -38.63
CA THR C 128 -5.49 -4.14 -37.45
C THR C 128 -6.94 -4.03 -36.95
N ASN C 129 -7.47 -2.82 -36.86
CA ASN C 129 -8.79 -2.63 -36.28
C ASN C 129 -9.89 -3.19 -37.19
N THR C 130 -9.78 -2.96 -38.50
CA THR C 130 -10.76 -3.49 -39.44
C THR C 130 -10.74 -5.01 -39.47
N ILE C 131 -9.54 -5.60 -39.48
CA ILE C 131 -9.42 -7.06 -39.46
C ILE C 131 -9.99 -7.61 -38.15
N TYR C 132 -9.73 -6.92 -37.04
CA TYR C 132 -10.24 -7.36 -35.74
C TYR C 132 -11.76 -7.37 -35.72
N ARG C 133 -12.39 -6.26 -36.16
CA ARG C 133 -13.85 -6.18 -36.12
C ARG C 133 -14.49 -7.20 -37.05
N LEU C 134 -13.89 -7.42 -38.23
CA LEU C 134 -14.33 -8.50 -39.09
C LEU C 134 -14.22 -9.86 -38.40
N LEU C 135 -13.21 -10.02 -37.53
CA LEU C 135 -13.03 -11.28 -36.81
C LEU C 135 -14.13 -11.53 -35.79
N GLU C 136 -14.42 -10.52 -34.97
CA GLU C 136 -15.52 -10.66 -33.96
C GLU C 136 -16.84 -10.91 -34.68
N GLU C 137 -17.10 -10.20 -35.76
CA GLU C 137 -18.36 -10.30 -36.49
C GLU C 137 -18.52 -11.67 -37.16
N SER C 138 -17.45 -12.19 -37.75
CA SER C 138 -17.52 -13.52 -38.35
C SER C 138 -17.69 -14.60 -37.29
N GLN C 139 -17.00 -14.49 -36.15
CA GLN C 139 -17.14 -15.48 -35.09
C GLN C 139 -18.57 -15.51 -34.54
N PHE C 140 -19.13 -14.33 -34.27
CA PHE C 140 -20.50 -14.24 -33.76
C PHE C 140 -21.50 -14.78 -34.78
N GLN C 141 -21.31 -14.46 -36.06
CA GLN C 141 -22.25 -14.91 -37.08
C GLN C 141 -22.19 -16.42 -37.28
N GLN C 142 -20.99 -16.99 -37.36
CA GLN C 142 -20.86 -18.44 -37.50
C GLN C 142 -21.40 -19.17 -36.28
N GLU C 143 -21.16 -18.62 -35.09
CA GLU C 143 -21.56 -19.32 -33.88
C GLU C 143 -23.08 -19.24 -33.66
N ILE C 144 -23.70 -18.10 -34.02
CA ILE C 144 -25.15 -18.04 -33.95
C ILE C 144 -25.80 -18.83 -35.09
N ASN C 145 -25.09 -19.01 -36.21
CA ASN C 145 -25.56 -19.92 -37.24
C ASN C 145 -25.54 -21.36 -36.75
N GLU C 146 -24.50 -21.73 -36.00
CA GLU C 146 -24.44 -23.05 -35.39
C GLU C 146 -25.57 -23.24 -34.38
N VAL C 147 -25.87 -22.19 -33.60
CA VAL C 147 -26.96 -22.24 -32.63
C VAL C 147 -28.30 -22.45 -33.33
N ASP C 148 -28.52 -21.70 -34.42
CA ASP C 148 -29.76 -21.85 -35.18
C ASP C 148 -29.84 -23.21 -35.86
N LEU C 149 -28.71 -23.74 -36.34
CA LEU C 149 -28.70 -25.06 -36.97
C LEU C 149 -29.02 -26.15 -35.97
N LEU C 150 -28.46 -26.07 -34.76
CA LEU C 150 -28.74 -27.08 -33.74
C LEU C 150 -30.10 -26.85 -33.08
N ALA C 151 -30.71 -25.68 -33.28
CA ALA C 151 -32.03 -25.42 -32.71
C ALA C 151 -33.09 -26.33 -33.32
N LEU C 152 -33.01 -26.58 -34.63
CA LEU C 152 -33.94 -27.48 -35.28
C LEU C 152 -33.56 -28.95 -35.13
N ASP C 153 -32.42 -29.24 -34.51
CA ASP C 153 -31.98 -30.62 -34.31
C ASP C 153 -32.54 -31.18 -33.01
N GLY D 1 -6.30 -20.83 -54.03
CA GLY D 1 -6.26 -19.47 -54.55
C GLY D 1 -6.69 -18.44 -53.53
N ASN D 2 -7.82 -18.68 -52.89
CA ASN D 2 -8.32 -17.77 -51.88
C ASN D 2 -7.48 -17.84 -50.60
N LEU D 3 -7.48 -16.75 -49.84
CA LEU D 3 -6.70 -16.64 -48.61
C LEU D 3 -7.63 -16.25 -47.47
N TRP D 4 -7.17 -16.53 -46.24
CA TRP D 4 -7.95 -16.28 -45.05
C TRP D 4 -7.08 -15.69 -43.96
N VAL D 5 -7.72 -14.90 -43.09
CA VAL D 5 -7.05 -14.35 -41.92
C VAL D 5 -6.69 -15.47 -40.95
N THR D 6 -5.47 -15.42 -40.41
CA THR D 6 -5.01 -16.36 -39.42
C THR D 6 -4.42 -15.59 -38.26
N VAL D 7 -4.86 -15.91 -37.05
CA VAL D 7 -4.48 -15.22 -35.83
C VAL D 7 -3.30 -15.94 -35.20
N TYR D 8 -2.26 -15.18 -34.86
CA TYR D 8 -1.02 -15.72 -34.31
C TYR D 8 -0.78 -15.13 -32.92
N TYR D 9 -0.51 -16.00 -31.95
CA TYR D 9 -0.27 -15.60 -30.57
C TYR D 9 1.16 -15.96 -30.20
N GLY D 10 1.86 -15.01 -29.57
CA GLY D 10 3.25 -15.19 -29.23
C GLY D 10 4.23 -14.73 -30.28
N VAL D 11 3.83 -13.81 -31.16
CA VAL D 11 4.70 -13.34 -32.24
C VAL D 11 5.85 -12.53 -31.66
N PRO D 12 7.09 -12.73 -32.09
CA PRO D 12 8.21 -11.85 -31.65
C PRO D 12 8.19 -10.49 -32.33
N VAL D 13 7.32 -9.62 -31.83
CA VAL D 13 7.19 -8.25 -32.32
C VAL D 13 7.03 -7.34 -31.11
N TRP D 14 7.73 -6.20 -31.14
CA TRP D 14 7.73 -5.26 -30.03
C TRP D 14 7.42 -3.87 -30.58
N ARG D 15 7.13 -2.95 -29.66
CA ARG D 15 6.90 -1.56 -30.00
C ARG D 15 7.51 -0.68 -28.91
N GLU D 16 7.78 0.57 -29.26
CA GLU D 16 8.34 1.52 -28.31
C GLU D 16 7.28 1.94 -27.30
N ALA D 17 7.63 1.87 -26.02
CA ALA D 17 6.70 2.23 -24.97
C ALA D 17 7.49 2.65 -23.73
N GLU D 18 6.79 3.35 -22.83
CA GLU D 18 7.37 3.81 -21.57
C GLU D 18 6.64 3.11 -20.43
N THR D 19 7.39 2.50 -19.52
CA THR D 19 6.82 1.79 -18.39
C THR D 19 7.77 1.80 -17.21
N THR D 20 7.27 1.39 -16.04
CA THR D 20 8.08 1.30 -14.83
C THR D 20 8.67 -0.10 -14.72
N LEU D 21 9.82 -0.19 -14.07
CA LEU D 21 10.53 -1.44 -13.85
C LEU D 21 10.80 -1.61 -12.36
N PHE D 22 11.51 -2.66 -11.99
CA PHE D 22 11.82 -2.89 -10.58
C PHE D 22 13.30 -3.20 -10.41
N CYS D 23 13.76 -2.99 -9.18
CA CYS D 23 15.16 -3.11 -8.82
C CYS D 23 15.48 -4.53 -8.35
N ALA D 24 16.76 -4.89 -8.48
CA ALA D 24 17.26 -6.18 -8.02
C ALA D 24 18.71 -6.03 -7.62
N SER D 25 19.01 -6.35 -6.36
CA SER D 25 20.36 -6.30 -5.83
C SER D 25 20.92 -7.71 -5.75
N ASP D 26 22.25 -7.78 -5.61
CA ASP D 26 22.92 -9.08 -5.51
C ASP D 26 22.61 -9.73 -4.17
N ALA D 27 22.75 -11.07 -4.13
CA ALA D 27 22.46 -11.82 -2.92
C ALA D 27 23.50 -11.53 -1.84
N LYS D 28 24.75 -11.28 -2.24
CA LYS D 28 25.80 -10.97 -1.27
C LYS D 28 25.58 -9.63 -0.57
N ALA D 29 24.75 -8.76 -1.14
CA ALA D 29 24.38 -7.54 -0.44
C ALA D 29 23.44 -7.82 0.73
N TYR D 30 22.81 -8.99 0.74
CA TYR D 30 21.93 -9.37 1.84
C TYR D 30 22.66 -10.10 2.96
N ASP D 31 23.94 -10.44 2.77
CA ASP D 31 24.74 -11.07 3.81
C ASP D 31 25.25 -9.98 4.74
N ARG D 32 24.42 -9.65 5.73
CA ARG D 32 24.57 -8.49 6.62
C ARG D 32 24.62 -7.24 5.73
N GLU D 33 25.46 -6.26 6.05
CA GLU D 33 25.68 -5.00 5.31
C GLU D 33 24.38 -4.32 4.86
N VAL D 34 23.31 -4.47 5.67
CA VAL D 34 22.06 -3.77 5.42
C VAL D 34 22.15 -2.30 5.78
N HIS D 35 23.22 -1.91 6.49
CA HIS D 35 23.46 -0.52 6.88
C HIS D 35 24.16 0.22 5.73
N ASN D 36 23.43 0.38 4.64
CA ASN D 36 23.89 1.11 3.47
C ASN D 36 22.75 1.96 2.94
N VAL D 37 23.09 3.09 2.32
CA VAL D 37 22.07 4.04 1.87
C VAL D 37 21.22 3.42 0.77
N TRP D 38 21.86 2.73 -0.17
CA TRP D 38 21.13 2.08 -1.25
C TRP D 38 20.72 0.65 -0.92
N ALA D 39 20.97 0.18 0.29
CA ALA D 39 20.52 -1.15 0.70
C ALA D 39 19.00 -1.19 0.80
N THR D 40 18.37 -1.97 -0.08
CA THR D 40 16.93 -1.95 -0.24
C THR D 40 16.40 -3.37 -0.03
N HIS D 41 15.44 -3.51 0.89
CA HIS D 41 14.84 -4.82 1.13
C HIS D 41 13.89 -5.23 0.01
N ALA D 42 13.43 -4.27 -0.78
CA ALA D 42 12.50 -4.57 -1.87
C ALA D 42 13.24 -5.10 -3.10
N CYS D 43 14.52 -4.72 -3.26
CA CYS D 43 15.32 -5.23 -4.37
C CYS D 43 15.52 -6.73 -4.22
N VAL D 44 14.89 -7.50 -5.12
CA VAL D 44 14.90 -8.95 -5.07
C VAL D 44 16.32 -9.45 -5.36
N PRO D 45 16.67 -10.67 -4.96
CA PRO D 45 17.98 -11.22 -5.35
C PRO D 45 18.10 -11.34 -6.87
N THR D 46 19.30 -11.05 -7.36
CA THR D 46 19.55 -11.10 -8.80
C THR D 46 19.42 -12.53 -9.30
N ASP D 47 18.75 -12.69 -10.44
CA ASP D 47 18.53 -14.00 -11.03
C ASP D 47 19.86 -14.64 -11.41
N PRO D 48 20.20 -15.80 -10.86
CA PRO D 48 21.49 -16.43 -11.19
C PRO D 48 21.53 -16.91 -12.64
N ASN D 49 22.67 -16.66 -13.27
CA ASN D 49 22.95 -16.90 -14.68
C ASN D 49 21.86 -16.20 -15.51
N PRO D 50 21.91 -14.87 -15.64
CA PRO D 50 20.90 -14.19 -16.46
C PRO D 50 21.07 -14.52 -17.93
N GLN D 51 19.96 -14.53 -18.65
CA GLN D 51 19.93 -14.92 -20.06
C GLN D 51 20.01 -13.69 -20.94
N GLU D 52 21.08 -13.61 -21.74
CA GLU D 52 21.22 -12.60 -22.78
C GLU D 52 21.09 -13.30 -24.12
N ILE D 53 20.10 -12.89 -24.92
CA ILE D 53 19.78 -13.59 -26.16
C ILE D 53 20.07 -12.64 -27.32
N VAL D 54 20.94 -13.07 -28.23
CA VAL D 54 21.33 -12.26 -29.38
C VAL D 54 20.27 -12.37 -30.46
N LEU D 55 19.77 -11.23 -30.92
CA LEU D 55 18.74 -11.17 -31.95
C LEU D 55 19.43 -10.86 -33.28
N GLU D 56 19.77 -11.92 -34.01
CA GLU D 56 20.45 -11.77 -35.29
C GLU D 56 19.52 -11.16 -36.34
N ASN D 57 20.13 -10.39 -37.25
CA ASN D 57 19.45 -9.73 -38.37
C ASN D 57 18.37 -8.76 -37.89
N VAL D 58 18.62 -8.11 -36.75
CA VAL D 58 17.68 -7.17 -36.15
C VAL D 58 18.36 -5.81 -36.04
N THR D 59 17.70 -4.77 -36.55
CA THR D 59 18.18 -3.41 -36.46
C THR D 59 17.16 -2.56 -35.71
N GLU D 60 17.62 -1.87 -34.67
CA GLU D 60 16.74 -1.03 -33.86
C GLU D 60 17.38 0.34 -33.68
N ASN D 61 16.55 1.37 -33.59
CA ASN D 61 17.00 2.74 -33.44
C ASN D 61 17.00 3.10 -31.95
N PHE D 62 18.17 3.04 -31.33
CA PHE D 62 18.31 3.49 -29.96
C PHE D 62 18.43 5.01 -29.90
N ASN D 63 18.00 5.57 -28.77
CA ASN D 63 18.19 6.99 -28.51
C ASN D 63 18.15 7.17 -26.99
N MET D 64 19.31 7.48 -26.41
CA MET D 64 19.43 7.56 -24.96
C MET D 64 19.12 8.94 -24.39
N TRP D 65 18.87 9.94 -25.23
CA TRP D 65 18.64 11.29 -24.74
C TRP D 65 17.20 11.49 -24.28
N LYS D 66 16.23 11.14 -25.13
CA LYS D 66 14.84 11.11 -24.68
C LYS D 66 14.44 9.73 -24.17
N ASN D 67 15.40 8.92 -23.73
CA ASN D 67 15.11 7.60 -23.21
C ASN D 67 14.36 7.69 -21.89
N ASP D 68 13.48 6.72 -21.65
CA ASP D 68 12.85 6.56 -20.35
C ASP D 68 13.82 5.82 -19.43
N MET D 69 13.32 5.36 -18.27
CA MET D 69 14.09 4.79 -17.15
C MET D 69 15.39 5.54 -16.86
N VAL D 70 15.33 6.87 -16.98
CA VAL D 70 16.38 7.78 -16.55
C VAL D 70 15.85 8.80 -15.56
N ASP D 71 14.70 9.42 -15.88
CA ASP D 71 13.95 10.15 -14.87
C ASP D 71 13.45 9.20 -13.78
N GLN D 72 13.10 7.97 -14.15
CA GLN D 72 12.71 6.97 -13.18
C GLN D 72 13.87 6.61 -12.26
N MET D 73 15.08 6.51 -12.82
CA MET D 73 16.27 6.27 -12.01
C MET D 73 16.51 7.42 -11.03
N HIS D 74 16.33 8.66 -11.49
CA HIS D 74 16.50 9.83 -10.63
C HIS D 74 15.47 9.84 -9.51
N GLU D 75 14.21 9.53 -9.83
CA GLU D 75 13.17 9.47 -8.81
C GLU D 75 13.44 8.35 -7.80
N ASP D 76 13.93 7.19 -8.28
CA ASP D 76 14.23 6.09 -7.39
C ASP D 76 15.38 6.42 -6.45
N ILE D 77 16.44 7.06 -6.97
CA ILE D 77 17.59 7.35 -6.11
C ILE D 77 17.26 8.47 -5.12
N ILE D 78 16.42 9.43 -5.54
CA ILE D 78 15.96 10.48 -4.63
C ILE D 78 15.09 9.89 -3.53
N SER D 79 14.18 8.98 -3.90
CA SER D 79 13.31 8.34 -2.90
C SER D 79 14.13 7.47 -1.94
N LEU D 80 15.17 6.81 -2.44
CA LEU D 80 16.02 6.02 -1.56
C LEU D 80 16.80 6.90 -0.59
N TRP D 81 17.31 8.04 -1.06
CA TRP D 81 17.98 8.99 -0.16
C TRP D 81 17.02 9.50 0.90
N ASP D 82 15.79 9.85 0.51
CA ASP D 82 14.83 10.36 1.47
C ASP D 82 14.41 9.29 2.48
N GLN D 83 14.23 8.05 2.02
CA GLN D 83 13.84 6.97 2.91
C GLN D 83 14.94 6.63 3.89
N SER D 84 16.20 6.70 3.45
CA SER D 84 17.30 6.58 4.41
C SER D 84 17.39 7.79 5.33
N LEU D 85 16.90 8.94 4.86
CA LEU D 85 17.00 10.17 5.64
C LEU D 85 15.97 10.22 6.77
N LYS D 86 14.80 9.59 6.58
CA LYS D 86 13.73 9.70 7.57
C LYS D 86 14.07 9.17 8.97
N PRO D 87 14.57 7.95 9.17
CA PRO D 87 14.65 7.42 10.56
C PRO D 87 15.79 7.99 11.39
N CYS D 88 16.57 8.95 10.87
CA CYS D 88 17.71 9.46 11.60
C CYS D 88 17.34 10.74 12.36
N VAL D 89 18.36 11.40 12.92
CA VAL D 89 18.18 12.49 13.87
C VAL D 89 18.19 13.83 13.14
N LYS D 90 17.19 14.67 13.44
CA LYS D 90 17.08 16.01 12.90
C LYS D 90 17.68 17.01 13.88
N LEU D 91 18.52 17.91 13.37
CA LEU D 91 19.26 18.84 14.22
C LEU D 91 18.54 20.19 14.34
N THR D 92 17.37 20.15 14.97
CA THR D 92 16.70 21.41 15.33
C THR D 92 17.45 22.24 16.38
N PRO D 93 18.00 21.72 17.49
CA PRO D 93 18.58 22.64 18.48
C PRO D 93 19.93 23.20 18.09
N LEU D 94 20.56 22.68 17.04
CA LEU D 94 21.90 23.13 16.67
C LEU D 94 21.91 24.47 15.95
N CYS D 95 20.75 25.05 15.65
CA CYS D 95 20.67 26.43 15.15
C CYS D 95 20.80 27.37 16.34
N VAL D 96 22.05 27.56 16.77
CA VAL D 96 22.39 28.38 17.92
C VAL D 96 23.65 29.17 17.55
N THR D 97 23.74 30.40 18.08
CA THR D 97 24.88 31.26 17.79
C THR D 97 26.18 30.64 18.28
N LEU D 98 27.19 30.66 17.40
CA LEU D 98 28.47 30.03 17.67
C LEU D 98 29.55 31.10 17.79
N ASP D 99 30.41 30.96 18.79
CA ASP D 99 31.60 31.78 18.93
C ASP D 99 32.74 30.99 18.29
N CYS D 100 33.14 31.38 17.08
CA CYS D 100 34.13 30.66 16.31
C CYS D 100 35.45 31.43 16.27
N LYS D 101 36.54 30.71 16.50
CA LYS D 101 37.88 31.27 16.50
C LYS D 101 38.73 30.52 15.49
N ALA D 102 39.76 31.21 14.98
CA ALA D 102 40.66 30.60 14.01
C ALA D 102 41.55 29.56 14.69
N PHE D 103 42.02 28.61 13.88
CA PHE D 103 42.90 27.54 14.36
C PHE D 103 44.36 27.92 14.10
N ASN D 104 45.17 27.89 15.16
CA ASN D 104 46.58 28.21 15.01
C ASN D 104 47.33 27.12 14.25
N SER D 105 46.98 25.85 14.52
CA SER D 105 47.57 24.68 13.86
C SER D 105 49.09 24.63 14.04
N SER D 106 49.54 24.88 15.26
CA SER D 106 50.97 24.92 15.55
C SER D 106 51.52 23.49 15.67
N SER D 107 52.82 23.40 15.95
CA SER D 107 53.48 22.11 16.09
C SER D 107 53.09 21.41 17.38
N ALA D 114 45.72 25.56 4.98
CA ALA D 114 44.51 25.32 5.75
C ALA D 114 44.23 26.47 6.71
N MET D 115 44.84 27.61 6.45
CA MET D 115 44.61 28.80 7.27
C MET D 115 43.19 29.31 7.05
N GLN D 116 42.49 29.58 8.17
CA GLN D 116 41.10 30.00 8.27
C GLN D 116 40.11 28.95 7.79
N GLU D 117 40.57 27.77 7.36
CA GLU D 117 39.66 26.70 6.96
C GLU D 117 39.07 25.99 8.17
N MET D 118 39.82 25.91 9.26
CA MET D 118 39.37 25.25 10.48
C MET D 118 38.95 26.29 11.50
N LYS D 119 37.77 26.08 12.10
CA LYS D 119 37.24 26.99 13.11
C LYS D 119 36.87 26.21 14.37
N ASN D 120 37.32 26.70 15.52
CA ASN D 120 36.93 26.18 16.82
C ASN D 120 35.72 26.97 17.29
N CYS D 121 34.54 26.34 17.28
CA CYS D 121 33.29 27.03 17.58
C CYS D 121 32.73 26.51 18.89
N THR D 122 32.45 27.42 19.81
CA THR D 122 31.83 27.11 21.10
C THR D 122 30.39 27.59 21.09
N PHE D 123 29.49 26.79 21.66
CA PHE D 123 28.07 27.06 21.59
C PHE D 123 27.36 26.40 22.76
N ASN D 124 26.15 26.86 23.03
CA ASN D 124 25.35 26.29 24.10
C ASN D 124 24.46 25.17 23.56
N ILE D 125 24.56 24.00 24.18
CA ILE D 125 23.78 22.82 23.83
C ILE D 125 22.86 22.50 25.00
N THR D 126 21.64 22.06 24.69
CA THR D 126 20.73 21.61 25.73
C THR D 126 21.26 20.33 26.38
N THR D 127 21.16 20.26 27.69
CA THR D 127 21.68 19.14 28.46
C THR D 127 20.61 18.07 28.60
N SER D 128 20.84 17.12 29.52
CA SER D 128 19.82 16.12 29.84
C SER D 128 18.57 16.75 30.43
N VAL D 129 18.69 17.90 31.08
CA VAL D 129 17.55 18.69 31.53
C VAL D 129 17.27 19.74 30.46
N LYS D 130 16.00 19.85 30.06
CA LYS D 130 15.64 20.78 29.00
C LYS D 130 15.78 22.24 29.43
N GLY D 131 15.78 22.51 30.74
CA GLY D 131 15.97 23.86 31.25
C GLY D 131 17.40 24.25 31.53
N LYS D 132 18.37 23.44 31.10
CA LYS D 132 19.78 23.72 31.34
C LYS D 132 20.54 23.70 30.03
N ARG D 133 21.59 24.52 29.96
CA ARG D 133 22.44 24.60 28.79
C ARG D 133 23.91 24.51 29.22
N GLN D 134 24.73 23.89 28.37
CA GLN D 134 26.15 23.76 28.63
C GLN D 134 26.92 24.20 27.40
N GLN D 135 28.01 24.94 27.61
CA GLN D 135 28.86 25.40 26.52
C GLN D 135 29.83 24.28 26.13
N GLU D 136 29.93 24.03 24.84
CA GLU D 136 30.82 23.00 24.32
C GLU D 136 31.37 23.44 22.97
N HIS D 137 32.52 22.89 22.62
CA HIS D 137 33.24 23.28 21.42
C HIS D 137 33.18 22.18 20.37
N ALA D 138 33.45 22.56 19.13
CA ALA D 138 33.53 21.64 18.01
C ALA D 138 34.41 22.25 16.94
N LEU D 139 34.82 21.42 15.99
CA LEU D 139 35.63 21.83 14.86
C LEU D 139 34.73 21.90 13.63
N PHE D 140 34.83 23.00 12.87
CA PHE D 140 34.00 23.21 11.71
C PHE D 140 34.82 23.78 10.56
N TYR D 141 34.30 23.63 9.35
CA TYR D 141 34.96 24.17 8.18
C TYR D 141 34.52 25.60 7.93
N LYS D 142 35.22 26.28 7.02
CA LYS D 142 34.83 27.63 6.64
C LYS D 142 33.63 27.64 5.70
N LEU D 143 33.47 26.60 4.89
CA LEU D 143 32.41 26.61 3.87
C LEU D 143 31.03 26.37 4.48
N ASP D 144 30.94 25.49 5.48
CA ASP D 144 29.65 25.13 6.05
C ASP D 144 29.19 26.09 7.14
N ILE D 145 29.94 27.17 7.39
CA ILE D 145 29.54 28.19 8.35
C ILE D 145 29.52 29.53 7.62
N VAL D 146 28.67 30.44 8.09
CA VAL D 146 28.56 31.78 7.51
C VAL D 146 28.60 32.81 8.62
N PRO D 147 29.14 34.01 8.37
CA PRO D 147 29.14 35.04 9.41
C PRO D 147 27.79 35.72 9.53
N LEU D 148 27.38 35.95 10.79
CA LEU D 148 26.18 36.73 11.09
C LEU D 148 26.41 38.22 10.87
N ASN D 149 27.63 38.69 11.09
CA ASN D 149 27.96 40.11 11.06
C ASN D 149 29.29 40.30 10.31
N LYS D 150 29.74 41.55 10.27
CA LYS D 150 30.93 41.92 9.50
C LYS D 150 32.22 41.90 10.31
N ASN D 151 32.16 41.75 11.64
CA ASN D 151 33.38 41.73 12.43
C ASN D 151 33.98 40.33 12.56
N GLY D 152 33.32 39.31 12.04
CA GLY D 152 33.85 37.96 12.06
C GLY D 152 33.95 37.34 13.44
N ARG D 153 32.94 37.54 14.28
CA ARG D 153 32.89 36.92 15.60
C ARG D 153 31.70 36.01 15.79
N GLN D 154 30.49 36.47 15.45
CA GLN D 154 29.29 35.67 15.56
C GLN D 154 29.00 34.97 14.24
N TYR D 155 28.72 33.67 14.30
CA TYR D 155 28.49 32.86 13.11
C TYR D 155 27.22 32.04 13.29
N ARG D 156 26.76 31.46 12.19
CA ARG D 156 25.57 30.62 12.18
C ARG D 156 25.74 29.59 11.08
N LEU D 157 24.95 28.52 11.14
CA LEU D 157 24.97 27.51 10.10
C LEU D 157 24.41 28.08 8.80
N ILE D 158 24.87 27.52 7.67
CA ILE D 158 24.48 28.04 6.36
C ILE D 158 22.99 27.83 6.11
N ASN D 159 22.47 26.67 6.49
CA ASN D 159 21.08 26.32 6.25
C ASN D 159 20.16 26.70 7.41
N CYS D 160 20.64 27.53 8.34
CA CYS D 160 19.86 27.86 9.54
C CYS D 160 18.57 28.60 9.19
N ASN D 161 18.65 29.57 8.29
CA ASN D 161 17.47 30.29 7.83
C ASN D 161 16.88 29.70 6.55
N THR D 162 17.20 28.45 6.23
CA THR D 162 16.67 27.77 5.06
C THR D 162 15.83 26.57 5.42
N SER D 163 16.35 25.66 6.23
CA SER D 163 15.69 24.39 6.58
C SER D 163 16.36 23.85 7.83
N THR D 164 16.12 22.57 8.12
CA THR D 164 16.75 21.88 9.23
C THR D 164 17.51 20.67 8.68
N ILE D 165 18.80 20.56 9.04
CA ILE D 165 19.61 19.44 8.58
C ILE D 165 19.19 18.17 9.29
N THR D 166 19.39 17.04 8.60
CA THR D 166 19.24 15.71 9.18
C THR D 166 20.57 15.00 9.08
N GLN D 167 21.08 14.55 10.22
CA GLN D 167 22.37 13.87 10.26
C GLN D 167 22.23 12.45 9.74
N ALA D 168 23.21 12.02 8.94
CA ALA D 168 23.26 10.63 8.51
C ALA D 168 23.55 9.74 9.71
N CYS D 169 22.84 8.62 9.78
CA CYS D 169 23.09 7.66 10.85
C CYS D 169 24.46 7.02 10.64
N PRO D 170 25.26 6.85 11.69
CA PRO D 170 26.67 6.46 11.50
C PRO D 170 26.85 5.04 10.99
N LYS D 171 25.88 4.16 11.23
CA LYS D 171 25.97 2.79 10.72
C LYS D 171 25.81 2.75 9.21
N VAL D 172 25.04 3.68 8.65
CA VAL D 172 24.79 3.68 7.21
C VAL D 172 26.05 4.09 6.46
N SER D 173 26.36 3.35 5.40
CA SER D 173 27.57 3.57 4.60
C SER D 173 27.19 4.04 3.21
N PHE D 174 27.93 5.03 2.70
CA PHE D 174 27.65 5.64 1.41
C PHE D 174 28.28 4.89 0.24
N ASP D 175 28.61 3.62 0.40
CA ASP D 175 29.23 2.84 -0.67
C ASP D 175 28.20 2.56 -1.76
N PRO D 176 28.46 2.93 -3.02
CA PRO D 176 27.56 2.52 -4.10
C PRO D 176 27.59 1.02 -4.31
N ILE D 177 26.43 0.46 -4.66
CA ILE D 177 26.30 -0.97 -4.90
C ILE D 177 25.66 -1.17 -6.28
N PRO D 178 25.96 -2.26 -6.98
CA PRO D 178 25.32 -2.51 -8.28
C PRO D 178 23.82 -2.73 -8.13
N ILE D 179 23.07 -2.23 -9.11
CA ILE D 179 21.62 -2.34 -9.14
C ILE D 179 21.20 -2.80 -10.52
N HIS D 180 20.43 -3.89 -10.58
CA HIS D 180 19.91 -4.43 -11.82
C HIS D 180 18.47 -3.96 -12.00
N TYR D 181 18.14 -3.51 -13.20
CA TYR D 181 16.79 -3.06 -13.52
C TYR D 181 16.10 -4.11 -14.37
N CYS D 182 14.97 -4.62 -13.88
CA CYS D 182 14.27 -5.72 -14.54
C CYS D 182 12.83 -5.31 -14.86
N THR D 183 12.39 -5.72 -16.05
CA THR D 183 11.05 -5.46 -16.54
C THR D 183 10.05 -6.42 -15.92
N PRO D 184 8.78 -6.04 -15.86
CA PRO D 184 7.71 -7.00 -15.56
C PRO D 184 7.41 -7.86 -16.78
N ALA D 185 6.39 -8.70 -16.63
CA ALA D 185 5.97 -9.56 -17.74
C ALA D 185 5.35 -8.72 -18.85
N GLY D 186 5.59 -9.14 -20.09
CA GLY D 186 5.12 -8.41 -21.24
C GLY D 186 6.00 -7.28 -21.71
N TYR D 187 7.16 -7.08 -21.07
CA TYR D 187 8.11 -6.03 -21.45
C TYR D 187 9.48 -6.65 -21.62
N ALA D 188 10.37 -5.91 -22.29
CA ALA D 188 11.71 -6.41 -22.53
C ALA D 188 12.70 -5.24 -22.55
N ILE D 189 13.96 -5.56 -22.26
CA ILE D 189 15.06 -4.62 -22.38
C ILE D 189 15.98 -5.07 -23.51
N LEU D 190 16.21 -4.18 -24.46
CA LEU D 190 17.09 -4.41 -25.58
C LEU D 190 18.42 -3.70 -25.34
N LYS D 191 19.51 -4.42 -25.56
CA LYS D 191 20.87 -3.94 -25.34
C LYS D 191 21.61 -3.88 -26.67
N CYS D 192 22.27 -2.76 -26.92
CA CYS D 192 23.03 -2.54 -28.15
C CYS D 192 24.45 -3.05 -27.93
N ASN D 193 24.80 -4.14 -28.61
CA ASN D 193 26.11 -4.75 -28.48
C ASN D 193 27.17 -4.09 -29.35
N ASN D 194 26.79 -3.10 -30.17
CA ASN D 194 27.75 -2.42 -31.02
C ASN D 194 28.71 -1.61 -30.16
N LYS D 195 30.00 -1.97 -30.24
CA LYS D 195 31.03 -1.36 -29.42
C LYS D 195 31.38 0.06 -29.83
N THR D 196 31.07 0.45 -31.07
CA THR D 196 31.31 1.80 -31.55
C THR D 196 30.02 2.63 -31.60
N PHE D 197 29.00 2.24 -30.84
CA PHE D 197 27.74 2.97 -30.85
C PHE D 197 27.92 4.32 -30.16
N ASN D 198 27.43 5.38 -30.81
CA ASN D 198 27.61 6.73 -30.32
C ASN D 198 26.43 7.22 -29.47
N GLY D 199 25.45 6.36 -29.21
CA GLY D 199 24.33 6.68 -28.34
C GLY D 199 23.00 6.84 -29.05
N THR D 200 22.99 7.19 -30.33
CA THR D 200 21.74 7.39 -31.05
C THR D 200 21.85 6.79 -32.44
N GLY D 201 20.71 6.39 -32.98
CA GLY D 201 20.65 5.84 -34.31
C GLY D 201 20.50 4.33 -34.33
N PRO D 202 20.71 3.74 -35.50
CA PRO D 202 20.57 2.28 -35.61
C PRO D 202 21.71 1.53 -34.93
N CYS D 203 21.39 0.34 -34.46
CA CYS D 203 22.36 -0.57 -33.86
C CYS D 203 22.22 -1.93 -34.52
N ASN D 204 23.29 -2.39 -35.19
CA ASN D 204 23.20 -3.62 -35.97
C ASN D 204 23.12 -4.85 -35.08
N ASN D 205 23.90 -4.87 -34.01
CA ASN D 205 23.97 -6.03 -33.11
C ASN D 205 23.11 -5.75 -31.88
N VAL D 206 21.99 -6.46 -31.77
CA VAL D 206 21.05 -6.25 -30.69
C VAL D 206 20.92 -7.54 -29.89
N SER D 207 20.76 -7.40 -28.57
CA SER D 207 20.45 -8.52 -27.70
C SER D 207 19.29 -8.12 -26.80
N THR D 208 18.70 -9.11 -26.14
CA THR D 208 17.65 -8.86 -25.17
C THR D 208 18.05 -9.49 -23.83
N VAL D 209 17.71 -8.79 -22.75
CA VAL D 209 17.97 -9.26 -21.39
C VAL D 209 16.75 -9.00 -20.53
N GLN D 210 16.54 -9.87 -19.54
CA GLN D 210 15.50 -9.61 -18.55
C GLN D 210 15.91 -8.49 -17.61
N CYS D 211 17.20 -8.44 -17.24
CA CYS D 211 17.71 -7.42 -16.35
C CYS D 211 18.98 -6.83 -16.93
N THR D 212 19.19 -5.56 -16.66
CA THR D 212 20.43 -4.89 -17.05
C THR D 212 21.58 -5.36 -16.16
N HIS D 213 22.79 -4.96 -16.53
CA HIS D 213 23.95 -5.22 -15.69
C HIS D 213 23.89 -4.36 -14.43
N GLY D 214 24.62 -4.78 -13.41
CA GLY D 214 24.68 -4.03 -12.17
C GLY D 214 25.26 -2.64 -12.33
N ILE D 215 24.52 -1.62 -11.91
CA ILE D 215 24.89 -0.23 -12.10
C ILE D 215 25.08 0.40 -10.72
N LYS D 216 26.28 0.89 -10.47
CA LYS D 216 26.54 1.63 -9.24
C LYS D 216 26.09 3.08 -9.43
N PRO D 217 25.20 3.60 -8.59
CA PRO D 217 24.76 5.01 -8.72
C PRO D 217 25.79 5.98 -8.14
N VAL D 218 26.80 6.27 -8.95
CA VAL D 218 27.90 7.13 -8.52
C VAL D 218 27.49 8.59 -8.72
N VAL D 219 27.60 9.38 -7.66
CA VAL D 219 27.22 10.79 -7.69
C VAL D 219 28.48 11.61 -7.86
N SER D 220 28.62 12.26 -9.02
CA SER D 220 29.80 13.05 -9.33
C SER D 220 29.45 14.07 -10.39
N THR D 221 30.32 15.07 -10.53
CA THR D 221 30.22 16.06 -11.59
C THR D 221 31.61 16.30 -12.16
N GLN D 222 31.66 16.67 -13.44
CA GLN D 222 32.85 17.01 -14.23
C GLN D 222 33.70 15.78 -14.56
N LEU D 223 33.36 14.64 -13.96
CA LEU D 223 34.09 13.38 -14.08
C LEU D 223 33.12 12.26 -13.75
N LEU D 224 33.39 11.08 -14.29
CA LEU D 224 32.60 9.89 -13.99
C LEU D 224 33.49 8.84 -13.35
N LEU D 225 33.00 8.23 -12.27
CA LEU D 225 33.81 7.35 -11.45
C LEU D 225 33.22 5.96 -11.43
N ASN D 226 34.09 4.96 -11.56
CA ASN D 226 33.76 3.53 -11.39
C ASN D 226 32.68 3.07 -12.37
N GLY D 227 32.62 3.69 -13.55
CA GLY D 227 31.65 3.33 -14.56
C GLY D 227 32.19 2.31 -15.55
N SER D 228 31.36 2.02 -16.56
CA SER D 228 31.76 1.11 -17.62
C SER D 228 32.77 1.78 -18.55
N LEU D 229 33.40 0.97 -19.38
CA LEU D 229 34.42 1.45 -20.31
C LEU D 229 34.06 1.03 -21.73
N ALA D 230 34.39 1.90 -22.68
CA ALA D 230 34.24 1.54 -24.09
C ALA D 230 35.24 0.45 -24.46
N GLU D 231 34.87 -0.38 -25.43
CA GLU D 231 35.70 -1.52 -25.76
C GLU D 231 36.74 -1.21 -26.82
N GLU D 232 36.42 -0.31 -27.75
CA GLU D 232 37.29 -0.08 -28.90
C GLU D 232 37.91 1.32 -28.92
N ASP D 233 37.10 2.37 -28.86
CA ASP D 233 37.59 3.72 -29.07
C ASP D 233 36.86 4.69 -28.15
N ILE D 234 37.41 5.91 -28.07
CA ILE D 234 36.78 6.97 -27.30
C ILE D 234 35.48 7.38 -27.98
N ILE D 235 34.41 7.48 -27.20
CA ILE D 235 33.06 7.72 -27.73
C ILE D 235 32.60 9.10 -27.29
N ILE D 236 32.15 9.90 -28.26
CA ILE D 236 31.58 11.22 -28.00
C ILE D 236 30.07 11.14 -28.20
N ARG D 237 29.32 11.47 -27.15
CA ARG D 237 27.87 11.37 -27.18
C ARG D 237 27.27 12.74 -26.93
N SER D 238 26.38 13.16 -27.83
CA SER D 238 25.71 14.46 -27.71
C SER D 238 24.37 14.36 -28.41
N GLU D 239 23.35 15.00 -27.82
CA GLU D 239 22.06 15.07 -28.48
C GLU D 239 22.12 15.95 -29.72
N ASN D 240 22.94 17.01 -29.67
CA ASN D 240 23.13 17.89 -30.82
C ASN D 240 24.52 18.52 -30.65
N LEU D 241 25.47 18.07 -31.45
CA LEU D 241 26.86 18.52 -31.30
C LEU D 241 27.01 19.99 -31.64
N THR D 242 26.28 20.47 -32.66
CA THR D 242 26.35 21.88 -33.01
C THR D 242 25.66 22.77 -31.96
N ASN D 243 24.76 22.21 -31.16
CA ASN D 243 24.13 22.94 -30.07
C ASN D 243 25.08 22.92 -28.88
N ASN D 244 25.63 24.09 -28.54
CA ASN D 244 26.53 24.18 -27.40
C ASN D 244 25.80 24.09 -26.06
N ALA D 245 24.48 24.29 -26.05
CA ALA D 245 23.72 24.26 -24.81
C ALA D 245 23.50 22.84 -24.28
N LYS D 246 23.81 21.82 -25.08
CA LYS D 246 23.63 20.44 -24.66
C LYS D 246 24.96 19.86 -24.18
N THR D 247 24.89 19.02 -23.15
CA THR D 247 26.09 18.44 -22.56
C THR D 247 26.72 17.40 -23.50
N ILE D 248 28.01 17.18 -23.33
CA ILE D 248 28.78 16.24 -24.13
C ILE D 248 29.37 15.20 -23.19
N ILE D 249 29.12 13.92 -23.49
CA ILE D 249 29.60 12.81 -22.67
C ILE D 249 30.74 12.12 -23.42
N VAL D 250 31.89 12.01 -22.76
CA VAL D 250 33.08 11.39 -23.34
C VAL D 250 33.31 10.07 -22.62
N HIS D 251 33.39 8.98 -23.38
CA HIS D 251 33.56 7.64 -22.84
C HIS D 251 34.94 7.13 -23.24
N LEU D 252 35.76 6.78 -22.26
CA LEU D 252 37.11 6.31 -22.50
C LEU D 252 37.14 4.79 -22.63
N ASN D 253 38.13 4.30 -23.38
CA ASN D 253 38.37 2.87 -23.49
C ASN D 253 39.32 2.34 -22.43
N GLU D 254 39.95 3.22 -21.66
CA GLU D 254 40.82 2.82 -20.56
C GLU D 254 40.61 3.78 -19.40
N SER D 255 40.58 3.25 -18.19
CA SER D 255 40.33 4.06 -17.01
C SER D 255 41.60 4.82 -16.61
N VAL D 256 41.42 5.83 -15.76
CA VAL D 256 42.53 6.58 -15.20
C VAL D 256 42.46 6.44 -13.67
N GLU D 257 43.54 5.97 -13.07
CA GLU D 257 43.55 5.79 -11.62
C GLU D 257 43.56 7.13 -10.91
N ILE D 258 42.62 7.32 -9.99
CA ILE D 258 42.57 8.54 -9.17
C ILE D 258 42.63 8.14 -7.70
N VAL D 259 43.53 8.76 -6.95
CA VAL D 259 43.72 8.46 -5.53
C VAL D 259 43.47 9.74 -4.75
N CYS D 260 42.37 9.78 -4.01
CA CYS D 260 41.98 10.94 -3.23
C CYS D 260 42.10 10.62 -1.75
N VAL D 261 42.85 11.45 -1.03
CA VAL D 261 43.22 11.16 0.35
C VAL D 261 42.92 12.38 1.22
N ARG D 262 42.19 12.14 2.32
CA ARG D 262 42.15 13.06 3.45
C ARG D 262 43.20 12.56 4.43
N PRO D 263 44.30 13.29 4.63
CA PRO D 263 45.43 12.74 5.39
C PRO D 263 45.38 12.98 6.89
N ASN D 264 44.53 13.90 7.37
CA ASN D 264 44.53 14.26 8.78
C ASN D 264 43.90 13.17 9.63
N ASN D 265 44.27 13.17 10.91
CA ASN D 265 43.77 12.21 11.89
C ASN D 265 42.66 12.89 12.68
N MET D 266 41.43 12.42 12.49
CA MET D 266 40.27 13.01 13.14
C MET D 266 39.93 12.27 14.43
N THR D 267 39.03 12.88 15.20
CA THR D 267 38.45 12.27 16.39
C THR D 267 36.97 12.60 16.43
N ARG D 268 36.15 11.60 16.75
CA ARG D 268 34.70 11.75 16.79
C ARG D 268 34.24 11.84 18.24
N LYS D 269 33.47 12.87 18.55
CA LYS D 269 32.91 13.06 19.87
C LYS D 269 31.40 12.94 19.81
N SER D 270 30.84 12.05 20.63
CA SER D 270 29.39 11.84 20.67
C SER D 270 28.80 12.73 21.76
N ILE D 271 27.88 13.61 21.39
CA ILE D 271 27.27 14.58 22.29
C ILE D 271 25.78 14.25 22.39
N ARG D 272 25.29 14.14 23.62
CA ARG D 272 23.86 13.92 23.88
C ARG D 272 23.14 15.25 23.69
N ILE D 273 22.38 15.36 22.62
CA ILE D 273 21.59 16.59 22.40
C ILE D 273 20.26 16.50 23.13
N GLY D 274 19.47 15.48 22.82
CA GLY D 274 18.22 15.24 23.49
C GLY D 274 18.09 13.78 23.88
N PRO D 275 16.91 13.38 24.37
CA PRO D 275 16.69 11.98 24.75
C PRO D 275 16.74 11.04 23.54
N GLY D 276 17.76 10.19 23.50
CA GLY D 276 17.98 9.33 22.36
C GLY D 276 18.60 10.00 21.15
N GLN D 277 19.09 11.23 21.30
CA GLN D 277 19.67 12.00 20.20
C GLN D 277 21.16 12.18 20.46
N THR D 278 21.99 11.60 19.59
CA THR D 278 23.43 11.72 19.70
C THR D 278 23.97 12.35 18.42
N PHE D 279 24.76 13.41 18.57
CA PHE D 279 25.35 14.12 17.44
C PHE D 279 26.86 13.95 17.49
N TYR D 280 27.46 13.66 16.34
CA TYR D 280 28.88 13.36 16.26
C TYR D 280 29.63 14.58 15.73
N ALA D 281 30.55 15.09 16.53
CA ALA D 281 31.29 16.30 16.23
C ALA D 281 32.77 15.99 16.06
N LEU D 282 33.47 16.94 15.43
CA LEU D 282 34.90 16.82 15.18
C LEU D 282 35.68 17.37 16.36
N ASN D 283 36.53 16.54 16.94
CA ASN D 283 37.40 16.95 18.04
C ASN D 283 38.73 17.43 17.48
N GLU D 284 39.73 17.53 18.35
CA GLU D 284 41.05 18.04 17.96
C GLU D 284 41.74 17.10 16.99
N ILE D 285 42.51 17.68 16.07
CA ILE D 285 43.21 16.91 15.05
C ILE D 285 44.51 16.39 15.63
N ILE D 286 44.71 15.08 15.54
CA ILE D 286 45.96 14.45 15.97
C ILE D 286 47.00 14.67 14.87
N GLY D 287 48.12 15.30 15.23
CA GLY D 287 49.19 15.55 14.28
C GLY D 287 48.99 16.83 13.50
N ASP D 288 49.71 16.91 12.38
CA ASP D 288 49.68 18.11 11.54
C ASP D 288 48.37 18.20 10.76
N ILE D 289 48.09 19.39 10.26
CA ILE D 289 46.90 19.66 9.47
C ILE D 289 47.34 19.94 8.04
N ARG D 290 46.81 19.16 7.10
CA ARG D 290 47.17 19.28 5.70
C ARG D 290 45.91 19.22 4.84
N GLN D 291 45.97 19.86 3.67
CA GLN D 291 44.84 19.89 2.76
C GLN D 291 44.67 18.54 2.08
N ALA D 292 43.41 18.15 1.86
CA ALA D 292 43.14 16.94 1.10
C ALA D 292 43.47 17.16 -0.38
N HIS D 293 43.80 16.06 -1.07
CA HIS D 293 44.26 16.17 -2.45
C HIS D 293 43.94 14.89 -3.20
N CYS D 294 43.92 14.99 -4.53
CA CYS D 294 43.78 13.85 -5.42
C CYS D 294 44.95 13.83 -6.38
N ASN D 295 45.37 12.63 -6.79
CA ASN D 295 46.56 12.46 -7.59
C ASN D 295 46.24 11.76 -8.90
N ILE D 296 46.80 12.31 -9.98
CA ILE D 296 46.60 11.79 -11.34
C ILE D 296 47.96 11.70 -12.01
N SER D 297 48.22 10.57 -12.67
CA SER D 297 49.43 10.42 -13.46
C SER D 297 49.44 11.42 -14.61
N LYS D 298 50.58 12.10 -14.79
CA LYS D 298 50.66 13.19 -15.76
C LYS D 298 50.63 12.67 -17.19
N GLU D 299 51.38 11.60 -17.47
CA GLU D 299 51.46 11.08 -18.83
C GLU D 299 50.17 10.42 -19.27
N LYS D 300 49.51 9.70 -18.35
CA LYS D 300 48.24 9.06 -18.67
C LYS D 300 47.16 10.10 -19.00
N TRP D 301 47.09 11.17 -18.20
CA TRP D 301 46.11 12.22 -18.45
C TRP D 301 46.43 12.99 -19.72
N ASN D 302 47.72 13.19 -20.01
CA ASN D 302 48.11 13.86 -21.24
C ASN D 302 47.74 13.04 -22.46
N ASN D 303 47.97 11.72 -22.41
CA ASN D 303 47.58 10.84 -23.51
C ASN D 303 46.06 10.81 -23.65
N THR D 304 45.33 10.81 -22.53
CA THR D 304 43.87 10.89 -22.54
C THR D 304 43.38 12.15 -23.23
N LEU D 305 43.96 13.30 -22.89
CA LEU D 305 43.53 14.56 -23.48
C LEU D 305 43.87 14.61 -24.96
N HIS D 306 45.03 14.06 -25.36
CA HIS D 306 45.36 14.01 -26.77
C HIS D 306 44.40 13.11 -27.54
N ARG D 307 44.01 11.98 -26.95
CA ARG D 307 43.06 11.09 -27.59
C ARG D 307 41.69 11.76 -27.78
N VAL D 308 41.19 12.43 -26.73
CA VAL D 308 39.87 13.03 -26.83
C VAL D 308 39.92 14.27 -27.74
N TRP D 309 41.07 14.94 -27.81
CA TRP D 309 41.23 16.03 -28.77
C TRP D 309 41.19 15.52 -30.20
N LYS D 310 41.88 14.40 -30.46
CA LYS D 310 41.88 13.82 -31.80
C LYS D 310 40.48 13.34 -32.19
N LYS D 311 39.73 12.78 -31.23
CA LYS D 311 38.35 12.39 -31.52
C LYS D 311 37.46 13.61 -31.74
N LEU D 312 37.70 14.69 -31.01
CA LEU D 312 36.87 15.89 -31.15
C LEU D 312 37.19 16.66 -32.43
N VAL D 313 38.37 16.41 -33.00
CA VAL D 313 38.72 17.00 -34.30
C VAL D 313 37.75 16.54 -35.39
N GLU D 314 37.31 15.28 -35.34
CA GLU D 314 36.49 14.71 -36.40
C GLU D 314 35.13 15.41 -36.52
N HIS D 315 34.49 15.70 -35.40
CA HIS D 315 33.14 16.25 -35.41
C HIS D 315 33.12 17.77 -35.53
N PHE D 316 34.23 18.38 -35.92
CA PHE D 316 34.37 19.82 -36.06
C PHE D 316 35.25 20.09 -37.27
N PRO D 317 35.37 21.36 -37.70
CA PRO D 317 36.39 21.69 -38.70
C PRO D 317 37.78 21.29 -38.24
N ASN D 318 38.57 20.76 -39.18
CA ASN D 318 39.86 20.17 -38.84
C ASN D 318 40.88 21.23 -38.46
N LYS D 319 40.88 22.37 -39.14
CA LYS D 319 41.84 23.44 -38.87
C LYS D 319 41.26 24.42 -37.84
N THR D 320 40.86 23.86 -36.70
CA THR D 320 40.29 24.62 -35.59
C THR D 320 41.03 24.23 -34.32
N THR D 321 41.69 25.20 -33.70
CA THR D 321 42.35 24.94 -32.42
C THR D 321 41.31 24.73 -31.33
N ILE D 322 41.68 23.93 -30.34
CA ILE D 322 40.76 23.58 -29.25
C ILE D 322 41.41 23.96 -27.92
N ARG D 323 40.68 24.73 -27.12
CA ARG D 323 41.16 25.19 -25.83
C ARG D 323 40.38 24.47 -24.74
N PHE D 324 41.11 24.03 -23.70
CA PHE D 324 40.48 23.50 -22.50
C PHE D 324 40.60 24.55 -21.41
N ASP D 325 39.48 24.86 -20.76
CA ASP D 325 39.43 25.85 -19.70
C ASP D 325 38.62 25.32 -18.54
N ARG D 326 38.90 25.86 -17.35
CA ARG D 326 38.13 25.52 -16.16
C ARG D 326 36.72 26.09 -16.26
N HIS D 327 35.87 25.73 -15.29
CA HIS D 327 34.50 26.20 -15.30
C HIS D 327 34.44 27.71 -15.04
N SER D 328 33.48 28.37 -15.70
CA SER D 328 33.39 29.82 -15.64
C SER D 328 33.03 30.30 -14.24
N GLY D 329 32.08 29.65 -13.59
CA GLY D 329 31.66 30.05 -12.27
C GLY D 329 30.30 29.50 -11.92
N GLY D 330 29.91 29.74 -10.68
CA GLY D 330 28.66 29.26 -10.15
C GLY D 330 28.85 28.74 -8.75
N ASP D 331 27.95 27.86 -8.32
CA ASP D 331 28.04 27.25 -7.00
C ASP D 331 29.20 26.25 -6.96
N LEU D 332 29.64 25.96 -5.72
CA LEU D 332 30.78 25.07 -5.53
C LEU D 332 30.48 23.64 -5.95
N GLU D 333 29.19 23.27 -6.00
CA GLU D 333 28.83 21.90 -6.36
C GLU D 333 29.13 21.59 -7.81
N ILE D 334 29.04 22.58 -8.69
CA ILE D 334 29.21 22.36 -10.12
C ILE D 334 30.63 22.74 -10.54
N THR D 335 31.14 23.84 -10.01
CA THR D 335 32.47 24.35 -10.38
C THR D 335 33.61 23.40 -10.03
N THR D 336 33.45 22.55 -9.02
CA THR D 336 34.49 21.63 -8.62
C THR D 336 33.96 20.20 -8.70
N HIS D 337 34.89 19.24 -8.74
CA HIS D 337 34.55 17.83 -8.73
C HIS D 337 34.04 17.45 -7.35
N SER D 338 32.73 17.26 -7.21
CA SER D 338 32.13 16.85 -5.95
C SER D 338 31.76 15.37 -6.05
N PHE D 339 32.14 14.60 -5.04
CA PHE D 339 31.95 13.16 -5.05
C PHE D 339 32.01 12.65 -3.61
N ASN D 340 31.80 11.35 -3.44
CA ASN D 340 31.85 10.69 -2.15
C ASN D 340 33.14 9.88 -2.04
N CYS D 341 33.76 9.95 -0.86
CA CYS D 341 34.99 9.21 -0.59
C CYS D 341 34.99 8.81 0.87
N GLY D 342 34.60 7.57 1.14
CA GLY D 342 34.58 7.05 2.50
C GLY D 342 33.58 7.71 3.40
N GLY D 343 32.47 8.20 2.85
CA GLY D 343 31.48 8.92 3.62
C GLY D 343 31.73 10.41 3.76
N GLU D 344 32.93 10.87 3.46
CA GLU D 344 33.26 12.29 3.48
C GLU D 344 33.14 12.85 2.06
N PHE D 345 32.54 14.02 1.95
CA PHE D 345 32.22 14.60 0.65
C PHE D 345 33.32 15.58 0.27
N PHE D 346 33.96 15.33 -0.87
CA PHE D 346 35.10 16.11 -1.32
C PHE D 346 34.66 17.09 -2.41
N TYR D 347 35.27 18.26 -2.43
CA TYR D 347 35.04 19.28 -3.47
C TYR D 347 36.41 19.70 -3.99
N CYS D 348 36.84 19.13 -5.11
CA CYS D 348 38.21 19.22 -5.57
C CYS D 348 38.34 20.15 -6.75
N ASN D 349 39.25 21.12 -6.65
CA ASN D 349 39.51 22.07 -7.72
C ASN D 349 40.08 21.35 -8.94
N THR D 350 39.52 21.63 -10.12
CA THR D 350 39.86 20.95 -11.35
C THR D 350 40.43 21.88 -12.41
N SER D 351 41.21 22.89 -11.98
CA SER D 351 41.76 23.84 -12.94
C SER D 351 42.93 23.24 -13.72
N GLY D 352 43.68 22.34 -13.08
CA GLY D 352 44.88 21.79 -13.72
C GLY D 352 44.60 20.89 -14.90
N LEU D 353 43.55 20.07 -14.82
CA LEU D 353 43.25 19.10 -15.87
C LEU D 353 42.69 19.75 -17.14
N PHE D 354 42.29 21.01 -17.08
CA PHE D 354 41.69 21.73 -18.19
C PHE D 354 42.46 23.02 -18.44
N ASN D 355 43.78 22.90 -18.55
CA ASN D 355 44.70 24.01 -18.63
C ASN D 355 45.66 23.82 -19.80
N ILE D 356 45.13 23.50 -20.98
CA ILE D 356 45.93 23.18 -22.14
C ILE D 356 45.14 23.46 -23.41
N THR D 357 45.85 23.99 -24.41
CA THR D 357 45.29 24.23 -25.74
C THR D 357 46.12 23.47 -26.76
N TYR D 358 45.48 23.02 -27.83
CA TYR D 358 46.11 22.20 -28.86
C TYR D 358 45.92 22.85 -30.22
N ASN D 359 47.03 23.08 -30.91
CA ASN D 359 46.97 23.63 -32.26
C ASN D 359 46.46 22.59 -33.25
N SER D 360 46.11 23.06 -34.44
CA SER D 360 45.61 22.18 -35.49
C SER D 360 46.68 21.29 -36.09
N ASN D 361 47.96 21.54 -35.77
CA ASN D 361 49.07 20.72 -36.26
C ASN D 361 49.00 19.28 -35.74
N THR D 372 57.09 10.20 -14.61
CA THR D 372 56.47 9.68 -13.40
C THR D 372 55.94 10.81 -12.52
N LYS D 373 55.92 12.02 -13.07
CA LYS D 373 55.37 13.17 -12.35
C LYS D 373 53.86 13.02 -12.20
N VAL D 374 53.32 13.64 -11.16
CA VAL D 374 51.92 13.50 -10.80
C VAL D 374 51.31 14.88 -10.65
N ILE D 375 50.19 15.11 -11.33
CA ILE D 375 49.41 16.33 -11.14
C ILE D 375 48.61 16.20 -9.85
N THR D 376 48.80 17.14 -8.94
CA THR D 376 48.15 17.14 -7.64
C THR D 376 47.31 18.40 -7.50
N LEU D 377 46.07 18.24 -7.05
CA LEU D 377 45.09 19.31 -6.99
C LEU D 377 44.53 19.44 -5.57
N PRO D 378 44.11 20.64 -5.17
CA PRO D 378 43.55 20.81 -3.83
C PRO D 378 42.11 20.33 -3.75
N CYS D 379 41.69 20.02 -2.52
CA CYS D 379 40.32 19.63 -2.24
C CYS D 379 39.87 20.25 -0.92
N ARG D 380 38.57 20.52 -0.83
CA ARG D 380 37.95 21.04 0.38
C ARG D 380 36.86 20.08 0.83
N ILE D 381 36.42 20.23 2.08
CA ILE D 381 35.44 19.34 2.68
C ILE D 381 34.25 20.17 3.16
N LYS D 382 33.05 19.75 2.78
CA LYS D 382 31.81 20.35 3.26
C LYS D 382 31.00 19.31 4.01
N GLN D 383 30.35 19.74 5.09
CA GLN D 383 29.49 18.86 5.87
C GLN D 383 28.01 19.12 5.68
N ILE D 384 27.62 20.32 5.22
CA ILE D 384 26.24 20.64 4.91
C ILE D 384 26.05 20.44 3.42
N ILE D 385 25.20 19.50 3.04
CA ILE D 385 25.10 19.00 1.67
C ILE D 385 23.71 19.27 1.13
N ASN D 386 23.64 19.82 -0.08
CA ASN D 386 22.39 19.98 -0.82
C ASN D 386 22.56 19.26 -2.15
N MET D 387 22.22 17.98 -2.17
CA MET D 387 22.45 17.12 -3.32
C MET D 387 21.16 16.94 -4.11
N TRP D 388 21.31 16.73 -5.43
CA TRP D 388 20.31 16.88 -6.49
C TRP D 388 19.83 18.31 -6.64
N GLN D 389 20.64 19.29 -6.20
CA GLN D 389 20.32 20.72 -6.26
C GLN D 389 19.00 21.05 -5.57
N GLU D 390 18.70 20.34 -4.49
CA GLU D 390 17.44 20.56 -3.77
C GLU D 390 17.60 21.68 -2.76
N VAL D 391 16.51 22.43 -2.57
CA VAL D 391 16.46 23.53 -1.63
C VAL D 391 15.44 23.17 -0.55
N GLY D 392 15.84 23.31 0.72
CA GLY D 392 15.00 22.92 1.83
C GLY D 392 15.21 21.51 2.33
N ARG D 393 16.07 20.73 1.68
CA ARG D 393 16.40 19.37 2.10
C ARG D 393 17.93 19.28 2.16
N ALA D 394 18.47 19.20 3.38
CA ALA D 394 19.90 19.26 3.60
C ALA D 394 20.36 18.13 4.50
N MET D 395 21.64 17.78 4.34
CA MET D 395 22.25 16.61 4.98
C MET D 395 23.49 17.04 5.75
N TYR D 396 23.64 16.52 6.97
CA TYR D 396 24.86 16.70 7.73
C TYR D 396 25.69 15.42 7.68
N ALA D 397 26.98 15.58 7.38
CA ALA D 397 27.88 14.44 7.24
C ALA D 397 28.64 14.24 8.55
N PRO D 398 28.46 13.12 9.24
CA PRO D 398 29.28 12.81 10.41
C PRO D 398 30.73 12.60 10.02
N PRO D 399 31.67 13.04 10.85
CA PRO D 399 33.08 12.81 10.53
C PRO D 399 33.47 11.35 10.72
N ILE D 400 34.60 10.99 10.12
CA ILE D 400 35.16 9.65 10.23
C ILE D 400 36.56 9.79 10.83
N ALA D 401 36.79 9.08 11.93
CA ALA D 401 38.07 9.16 12.63
C ALA D 401 39.19 8.56 11.79
N GLY D 402 40.40 9.08 11.99
CA GLY D 402 41.54 8.65 11.22
C GLY D 402 41.62 9.35 9.87
N ASN D 403 42.35 8.72 8.96
CA ASN D 403 42.57 9.19 7.60
C ASN D 403 41.75 8.38 6.61
N ILE D 404 41.55 8.94 5.42
CA ILE D 404 40.69 8.34 4.41
C ILE D 404 41.43 8.32 3.07
N THR D 405 41.40 7.17 2.39
CA THR D 405 41.98 7.03 1.06
C THR D 405 40.98 6.30 0.16
N CYS D 406 40.68 6.88 -1.00
CA CYS D 406 39.82 6.26 -1.99
C CYS D 406 40.55 6.21 -3.32
N THR D 407 40.67 5.03 -3.90
CA THR D 407 41.23 4.85 -5.23
C THR D 407 40.11 4.41 -6.16
N SER D 408 39.88 5.18 -7.22
CA SER D 408 38.78 4.95 -8.14
C SER D 408 39.27 5.06 -9.57
N ASN D 409 38.37 4.83 -10.51
CA ASN D 409 38.66 4.84 -11.93
C ASN D 409 37.91 5.95 -12.63
N ILE D 410 38.62 6.74 -13.41
CA ILE D 410 38.03 7.73 -14.30
C ILE D 410 37.67 6.99 -15.59
N THR D 411 36.37 6.93 -15.88
CA THR D 411 35.85 6.24 -17.04
C THR D 411 34.98 7.12 -17.94
N GLY D 412 34.74 8.36 -17.57
CA GLY D 412 33.93 9.25 -18.38
C GLY D 412 34.17 10.70 -18.02
N LEU D 413 33.80 11.57 -18.96
CA LEU D 413 33.94 13.01 -18.80
C LEU D 413 32.65 13.70 -19.23
N LEU D 414 32.36 14.82 -18.59
CA LEU D 414 31.23 15.68 -18.96
C LEU D 414 31.77 17.04 -19.36
N LEU D 415 31.48 17.46 -20.59
CA LEU D 415 32.03 18.67 -21.15
C LEU D 415 30.91 19.56 -21.69
N THR D 416 31.18 20.86 -21.75
CA THR D 416 30.25 21.84 -22.29
C THR D 416 31.01 22.80 -23.18
N ARG D 417 30.48 23.03 -24.38
CA ARG D 417 31.07 23.97 -25.31
C ARG D 417 30.47 25.36 -25.13
N ASP D 418 31.30 26.38 -25.29
CA ASP D 418 30.86 27.77 -25.22
C ASP D 418 30.54 28.28 -26.61
N GLY D 419 29.69 29.31 -26.66
CA GLY D 419 29.29 29.88 -27.93
C GLY D 419 30.33 30.80 -28.54
N GLY D 420 30.96 30.35 -29.63
CA GLY D 420 31.94 31.16 -30.32
C GLY D 420 31.26 32.04 -31.36
N ASN D 421 31.71 33.29 -31.44
CA ASN D 421 31.15 34.24 -32.38
C ASN D 421 31.62 33.90 -33.80
N ASN D 422 30.68 33.48 -34.64
CA ASN D 422 30.90 33.03 -36.03
C ASN D 422 31.92 31.90 -36.01
N SER D 423 32.78 31.83 -37.03
CA SER D 423 33.83 30.81 -37.12
C SER D 423 35.16 31.49 -36.81
N THR D 424 35.53 31.51 -35.54
CA THR D 424 36.80 32.07 -35.09
C THR D 424 37.93 31.04 -35.13
N GLU D 425 37.67 29.86 -35.70
CA GLU D 425 38.62 28.74 -35.76
C GLU D 425 39.08 28.30 -34.38
N THR D 426 38.23 28.47 -33.37
CA THR D 426 38.55 28.02 -32.03
C THR D 426 37.27 27.59 -31.33
N GLU D 427 37.35 26.49 -30.60
CA GLU D 427 36.24 26.00 -29.79
C GLU D 427 36.80 25.64 -28.41
N THR D 428 36.18 26.17 -27.37
CA THR D 428 36.62 25.91 -26.00
C THR D 428 35.59 25.05 -25.29
N PHE D 429 36.08 24.18 -24.40
CA PHE D 429 35.25 23.26 -23.64
C PHE D 429 35.61 23.38 -22.17
N ARG D 430 34.58 23.39 -21.32
CA ARG D 430 34.76 23.47 -19.89
C ARG D 430 34.00 22.34 -19.21
N PRO D 431 34.50 21.85 -18.07
CA PRO D 431 33.77 20.79 -17.37
C PRO D 431 32.47 21.32 -16.78
N GLY D 432 31.40 20.53 -16.95
CA GLY D 432 30.08 20.91 -16.54
C GLY D 432 29.43 19.84 -15.68
N GLY D 433 28.12 19.70 -15.86
CA GLY D 433 27.35 18.75 -15.08
C GLY D 433 26.14 19.38 -14.45
N GLY D 434 25.92 19.11 -13.16
CA GLY D 434 24.77 19.66 -12.46
C GLY D 434 23.56 18.75 -12.52
N ASP D 435 23.34 18.12 -13.66
CA ASP D 435 22.24 17.18 -13.85
C ASP D 435 22.79 15.78 -13.59
N MET D 436 22.40 15.19 -12.46
CA MET D 436 22.82 13.82 -12.14
C MET D 436 22.15 12.79 -13.04
N ARG D 437 21.09 13.18 -13.76
CA ARG D 437 20.46 12.30 -14.74
C ARG D 437 21.45 11.87 -15.80
N ASP D 438 22.32 12.80 -16.23
CA ASP D 438 23.39 12.49 -17.16
C ASP D 438 24.33 11.44 -16.59
N ASN D 439 24.51 11.44 -15.26
CA ASN D 439 25.33 10.41 -14.62
C ASN D 439 24.72 9.03 -14.81
N TRP D 440 23.40 8.92 -14.86
CA TRP D 440 22.79 7.64 -15.19
C TRP D 440 22.68 7.43 -16.69
N ARG D 441 22.87 8.49 -17.48
CA ARG D 441 22.70 8.36 -18.92
C ARG D 441 23.93 7.75 -19.58
N SER D 442 25.10 7.92 -18.96
CA SER D 442 26.32 7.33 -19.51
C SER D 442 26.41 5.83 -19.23
N GLU D 443 25.56 5.30 -18.34
CA GLU D 443 25.52 3.87 -18.07
C GLU D 443 24.27 3.20 -18.64
N LEU D 444 23.24 3.97 -18.96
CA LEU D 444 22.01 3.45 -19.55
C LEU D 444 21.87 3.79 -21.02
N TYR D 445 22.98 4.10 -21.70
CA TYR D 445 22.91 4.47 -23.11
C TYR D 445 22.54 3.28 -23.99
N LYS D 446 23.00 2.10 -23.64
CA LYS D 446 22.83 0.92 -24.49
C LYS D 446 21.52 0.18 -24.24
N TYR D 447 20.74 0.58 -23.24
CA TYR D 447 19.56 -0.15 -22.84
C TYR D 447 18.29 0.63 -23.22
N LYS D 448 17.31 -0.08 -23.77
CA LYS D 448 16.01 0.51 -24.07
C LYS D 448 14.90 -0.45 -23.67
N VAL D 449 13.70 0.09 -23.47
CA VAL D 449 12.56 -0.66 -22.98
C VAL D 449 11.52 -0.76 -24.09
N VAL D 450 11.07 -1.99 -24.37
CA VAL D 450 10.08 -2.24 -25.42
C VAL D 450 8.93 -3.06 -24.85
N GLU D 451 7.76 -2.91 -25.48
CA GLU D 451 6.55 -3.60 -25.08
C GLU D 451 6.18 -4.65 -26.12
N ILE D 452 5.87 -5.84 -25.66
CA ILE D 452 5.49 -6.93 -26.57
C ILE D 452 4.04 -6.76 -26.99
N LYS D 453 3.78 -7.00 -28.27
CA LYS D 453 2.44 -7.01 -28.84
C LYS D 453 2.22 -8.35 -29.51
N PRO D 454 2.04 -9.42 -28.73
CA PRO D 454 2.17 -10.79 -29.28
C PRO D 454 1.10 -11.17 -30.29
N LEU D 455 -0.02 -10.45 -30.33
CA LEU D 455 -1.06 -10.75 -31.30
C LEU D 455 -0.61 -10.35 -32.70
N GLY D 456 -0.90 -11.20 -33.69
CA GLY D 456 -0.51 -10.94 -35.06
C GLY D 456 -1.51 -11.53 -36.02
N ILE D 457 -1.49 -11.00 -37.24
CA ILE D 457 -2.42 -11.40 -38.30
C ILE D 457 -1.59 -11.78 -39.53
N ALA D 458 -1.99 -12.88 -40.18
CA ALA D 458 -1.28 -13.29 -41.38
C ALA D 458 -2.28 -13.95 -42.35
N PRO D 459 -2.16 -13.68 -43.65
CA PRO D 459 -2.97 -14.43 -44.61
C PRO D 459 -2.38 -15.80 -44.89
N THR D 460 -3.24 -16.81 -44.86
CA THR D 460 -2.82 -18.18 -45.11
C THR D 460 -3.94 -18.89 -45.86
N GLY D 461 -3.57 -19.97 -46.54
CA GLY D 461 -4.54 -20.79 -47.26
C GLY D 461 -5.39 -21.68 -46.39
N CYS D 462 -5.22 -21.63 -45.07
CA CYS D 462 -6.00 -22.42 -44.13
C CYS D 462 -7.34 -21.76 -43.87
N LYS D 463 -8.39 -22.57 -43.85
CA LYS D 463 -9.75 -22.10 -43.59
C LYS D 463 -10.36 -22.92 -42.47
N ARG D 464 -11.05 -22.25 -41.56
CA ARG D 464 -11.72 -22.94 -40.46
C ARG D 464 -12.98 -23.63 -40.95
N ARG D 465 -13.45 -24.59 -40.17
CA ARG D 465 -14.63 -25.38 -40.51
C ARG D 465 -15.89 -24.65 -40.05
N VAL D 466 -17.04 -25.31 -40.20
CA VAL D 466 -18.31 -24.74 -39.78
C VAL D 466 -18.92 -25.59 -38.67
N VAL E 7 -27.07 -0.78 -36.96
CA VAL E 7 -26.66 0.33 -36.12
C VAL E 7 -25.97 -0.19 -34.86
N PHE E 8 -24.92 0.50 -34.42
CA PHE E 8 -24.21 0.12 -33.22
C PHE E 8 -25.08 0.43 -32.00
N LEU E 9 -25.06 -0.48 -31.03
CA LEU E 9 -25.75 -0.30 -29.77
C LEU E 9 -24.71 -0.30 -28.64
N GLY E 10 -24.85 0.66 -27.73
CA GLY E 10 -23.85 0.88 -26.69
C GLY E 10 -23.96 -0.11 -25.55
N PHE E 11 -23.36 0.28 -24.43
CA PHE E 11 -23.41 -0.54 -23.22
C PHE E 11 -24.84 -0.63 -22.70
N LEU E 12 -25.30 -1.85 -22.46
CA LEU E 12 -26.61 -2.18 -21.89
C LEU E 12 -27.77 -1.63 -22.74
N GLY E 13 -27.54 -1.40 -24.03
CA GLY E 13 -28.56 -0.77 -24.86
C GLY E 13 -29.74 -1.67 -25.18
N ALA E 14 -29.57 -2.98 -25.09
CA ALA E 14 -30.63 -3.93 -25.36
C ALA E 14 -31.26 -4.48 -24.09
N ALA E 15 -31.04 -3.81 -22.95
CA ALA E 15 -31.62 -4.28 -21.69
C ALA E 15 -33.14 -4.19 -21.70
N GLY E 16 -33.68 -3.10 -22.22
CA GLY E 16 -35.12 -2.98 -22.37
C GLY E 16 -35.69 -3.70 -23.56
N SER E 17 -34.83 -4.17 -24.46
CA SER E 17 -35.28 -4.91 -25.63
C SER E 17 -35.75 -6.31 -25.25
N THR E 18 -36.43 -6.96 -26.18
CA THR E 18 -36.74 -8.37 -26.02
C THR E 18 -35.46 -9.18 -26.09
N MET E 19 -35.47 -10.34 -25.44
CA MET E 19 -34.23 -11.13 -25.30
C MET E 19 -33.78 -11.70 -26.64
N GLY E 20 -34.70 -11.88 -27.59
CA GLY E 20 -34.30 -12.34 -28.92
C GLY E 20 -33.46 -11.32 -29.67
N ALA E 21 -33.83 -10.04 -29.55
CA ALA E 21 -33.01 -8.98 -30.12
C ALA E 21 -31.76 -8.74 -29.27
N ALA E 22 -31.87 -8.92 -27.96
CA ALA E 22 -30.74 -8.73 -27.05
C ALA E 22 -29.71 -9.84 -27.15
N SER E 23 -30.01 -10.94 -27.85
CA SER E 23 -29.02 -11.98 -28.10
C SER E 23 -28.04 -11.62 -29.20
N ASN E 24 -28.00 -10.37 -29.65
CA ASN E 24 -27.07 -9.93 -30.68
C ASN E 24 -26.02 -8.97 -30.15
N THR E 25 -26.07 -8.60 -28.87
CA THR E 25 -25.18 -7.57 -28.32
C THR E 25 -24.58 -8.02 -26.99
N LEU E 26 -24.04 -9.24 -26.97
CA LEU E 26 -23.32 -9.73 -25.80
C LEU E 26 -21.88 -9.23 -25.75
N THR E 27 -21.32 -8.87 -26.91
CA THR E 27 -19.91 -8.57 -27.00
C THR E 27 -19.55 -7.28 -26.28
N VAL E 28 -20.46 -6.30 -26.26
CA VAL E 28 -20.18 -5.02 -25.62
C VAL E 28 -20.03 -5.20 -24.11
N GLN E 29 -20.92 -6.00 -23.50
CA GLN E 29 -20.77 -6.34 -22.09
C GLN E 29 -19.50 -7.16 -21.85
N ALA E 30 -19.17 -8.05 -22.80
CA ALA E 30 -17.96 -8.85 -22.67
C ALA E 30 -16.70 -7.98 -22.60
N ARG E 31 -16.57 -7.00 -23.51
CA ARG E 31 -15.41 -6.11 -23.46
C ARG E 31 -15.48 -5.14 -22.29
N GLN E 32 -16.68 -4.81 -21.82
CA GLN E 32 -16.77 -3.88 -20.70
C GLN E 32 -16.38 -4.56 -19.38
N LEU E 33 -16.52 -5.89 -19.30
CA LEU E 33 -16.35 -6.59 -18.03
C LEU E 33 -14.95 -6.53 -17.42
N LEU E 34 -13.92 -6.12 -18.19
CA LEU E 34 -12.59 -5.99 -17.61
C LEU E 34 -11.97 -4.63 -17.88
N SER E 35 -12.71 -3.73 -18.54
CA SER E 35 -12.12 -2.51 -19.08
C SER E 35 -11.68 -1.55 -17.98
N GLY E 36 -10.54 -0.91 -18.20
CA GLY E 36 -10.00 0.06 -17.27
C GLY E 36 -9.05 1.05 -17.93
N THR E 58 -0.79 6.70 -1.63
CA THR E 58 -0.60 5.42 -0.96
C THR E 58 -1.94 4.74 -0.66
N VAL E 59 -2.80 5.45 0.07
CA VAL E 59 -4.11 4.90 0.41
C VAL E 59 -5.03 4.86 -0.80
N TRP E 60 -5.03 5.94 -1.59
CA TRP E 60 -5.81 5.94 -2.83
C TRP E 60 -5.31 4.86 -3.78
N GLY E 61 -3.98 4.72 -3.87
CA GLY E 61 -3.39 3.64 -4.65
C GLY E 61 -3.85 2.28 -4.17
N ILE E 62 -3.99 2.13 -2.85
CA ILE E 62 -4.49 0.88 -2.28
C ILE E 62 -5.92 0.62 -2.75
N LYS E 63 -6.77 1.65 -2.77
CA LYS E 63 -8.15 1.37 -3.17
C LYS E 63 -8.29 1.09 -4.67
N GLN E 64 -7.60 1.84 -5.52
CA GLN E 64 -7.66 1.53 -6.97
C GLN E 64 -7.13 0.11 -7.19
N LEU E 65 -6.02 -0.24 -6.54
CA LEU E 65 -5.41 -1.55 -6.67
C LEU E 65 -6.38 -2.66 -6.24
N GLN E 66 -7.01 -2.47 -5.08
CA GLN E 66 -7.92 -3.53 -4.57
C GLN E 66 -9.13 -3.66 -5.50
N THR E 67 -9.68 -2.54 -5.98
CA THR E 67 -10.88 -2.67 -6.81
C THR E 67 -10.55 -3.25 -8.18
N ARG E 68 -9.34 -3.00 -8.70
CA ARG E 68 -8.92 -3.69 -9.92
C ARG E 68 -8.76 -5.17 -9.66
N VAL E 69 -8.20 -5.54 -8.50
CA VAL E 69 -8.07 -6.94 -8.12
C VAL E 69 -9.45 -7.58 -7.99
N LEU E 70 -10.42 -6.84 -7.43
CA LEU E 70 -11.78 -7.34 -7.29
C LEU E 70 -12.41 -7.61 -8.64
N ALA E 71 -12.23 -6.68 -9.59
CA ALA E 71 -12.77 -6.85 -10.93
C ALA E 71 -12.16 -8.05 -11.64
N ILE E 72 -10.82 -8.19 -11.54
CA ILE E 72 -10.15 -9.28 -12.25
C ILE E 72 -10.51 -10.65 -11.64
N GLU E 73 -10.63 -10.75 -10.31
CA GLU E 73 -10.98 -12.07 -9.78
C GLU E 73 -12.46 -12.38 -9.96
N ARG E 74 -13.32 -11.35 -10.03
CA ARG E 74 -14.70 -11.60 -10.43
C ARG E 74 -14.79 -12.14 -11.85
N TYR E 75 -14.02 -11.54 -12.77
CA TYR E 75 -13.99 -12.04 -14.14
C TYR E 75 -13.41 -13.46 -14.18
N LEU E 76 -12.39 -13.73 -13.36
CA LEU E 76 -11.79 -15.06 -13.34
C LEU E 76 -12.78 -16.10 -12.82
N GLU E 77 -13.56 -15.75 -11.79
CA GLU E 77 -14.57 -16.66 -11.27
C GLU E 77 -15.67 -16.92 -12.31
N VAL E 78 -16.08 -15.88 -13.02
CA VAL E 78 -17.10 -16.04 -14.06
C VAL E 78 -16.58 -16.93 -15.19
N GLN E 79 -15.32 -16.72 -15.60
CA GLN E 79 -14.74 -17.53 -16.66
C GLN E 79 -14.56 -18.98 -16.23
N GLN E 80 -14.22 -19.21 -14.95
CA GLN E 80 -14.12 -20.59 -14.48
C GLN E 80 -15.49 -21.26 -14.44
N LEU E 81 -16.52 -20.51 -14.02
CA LEU E 81 -17.88 -21.06 -14.03
C LEU E 81 -18.34 -21.38 -15.45
N LEU E 82 -17.90 -20.60 -16.43
CA LEU E 82 -18.16 -20.94 -17.82
C LEU E 82 -17.37 -22.19 -18.25
N GLY E 83 -16.12 -22.30 -17.80
CA GLY E 83 -15.30 -23.44 -18.19
C GLY E 83 -15.78 -24.76 -17.60
N LEU E 84 -16.32 -24.71 -16.38
CA LEU E 84 -16.78 -25.92 -15.70
C LEU E 84 -18.05 -26.49 -16.30
N TRP E 85 -18.73 -25.75 -17.19
CA TRP E 85 -19.89 -26.23 -17.89
C TRP E 85 -19.57 -26.65 -19.32
N GLY E 86 -18.30 -26.75 -19.67
CA GLY E 86 -17.90 -27.06 -21.04
C GLY E 86 -18.26 -25.98 -22.03
N CYS E 87 -18.21 -24.71 -21.60
CA CYS E 87 -18.57 -23.60 -22.46
C CYS E 87 -17.55 -22.48 -22.39
N SER E 88 -16.29 -22.82 -22.16
CA SER E 88 -15.23 -21.82 -22.10
C SER E 88 -14.88 -21.34 -23.50
N GLY E 89 -14.62 -20.04 -23.62
CA GLY E 89 -14.19 -19.44 -24.86
C GLY E 89 -15.30 -19.19 -25.88
N LYS E 90 -16.55 -19.46 -25.54
CA LYS E 90 -17.67 -19.24 -26.44
C LYS E 90 -18.60 -18.19 -25.82
N LEU E 91 -19.22 -17.38 -26.68
CA LEU E 91 -20.10 -16.32 -26.19
C LEU E 91 -21.35 -16.90 -25.54
N ILE E 92 -22.08 -17.76 -26.26
CA ILE E 92 -23.15 -18.54 -25.66
C ILE E 92 -22.91 -19.99 -26.06
N CYS E 93 -23.47 -20.91 -25.27
CA CYS E 93 -23.14 -22.32 -25.41
C CYS E 93 -24.32 -23.18 -24.98
N CYS E 94 -24.57 -24.24 -25.75
CA CYS E 94 -25.64 -25.18 -25.48
C CYS E 94 -25.11 -26.36 -24.67
N THR E 95 -25.98 -26.95 -23.87
CA THR E 95 -25.65 -28.09 -23.03
C THR E 95 -26.69 -29.20 -23.26
N ALA E 96 -26.61 -30.23 -22.43
CA ALA E 96 -27.49 -31.40 -22.55
C ALA E 96 -28.46 -31.54 -21.39
N VAL E 97 -28.58 -30.54 -20.52
CA VAL E 97 -29.58 -30.56 -19.47
C VAL E 97 -30.95 -30.32 -20.09
N PRO E 98 -31.90 -31.24 -19.94
CA PRO E 98 -33.26 -30.95 -20.39
C PRO E 98 -33.91 -29.89 -19.52
N TRP E 99 -34.71 -29.04 -20.16
CA TRP E 99 -35.38 -27.96 -19.45
C TRP E 99 -36.55 -28.52 -18.65
N ASN E 100 -36.68 -28.04 -17.43
CA ASN E 100 -37.74 -28.46 -16.51
C ASN E 100 -38.89 -27.47 -16.58
N SER E 101 -40.12 -27.99 -16.74
CA SER E 101 -41.28 -27.12 -16.78
C SER E 101 -41.61 -26.53 -15.41
N SER E 102 -41.06 -27.10 -14.33
CA SER E 102 -41.28 -26.55 -13.00
C SER E 102 -40.62 -25.19 -12.84
N TRP E 103 -39.48 -24.99 -13.51
CA TRP E 103 -38.86 -23.67 -13.51
C TRP E 103 -39.72 -22.65 -14.26
N SER E 104 -40.15 -22.99 -15.46
CA SER E 104 -41.03 -22.14 -16.26
C SER E 104 -41.78 -22.96 -17.30
N ASN E 105 -43.10 -22.82 -17.34
CA ASN E 105 -43.92 -23.45 -18.37
C ASN E 105 -44.20 -22.53 -19.54
N LYS E 106 -43.48 -21.42 -19.65
CA LYS E 106 -43.72 -20.46 -20.71
C LYS E 106 -43.27 -21.01 -22.06
N SER E 107 -43.93 -20.57 -23.12
CA SER E 107 -43.59 -20.96 -24.47
C SER E 107 -42.32 -20.25 -24.92
N GLU E 108 -41.71 -20.78 -25.99
CA GLU E 108 -40.48 -20.19 -26.51
C GLU E 108 -40.74 -18.82 -27.13
N THR E 109 -41.87 -18.67 -27.83
CA THR E 109 -42.13 -17.45 -28.59
C THR E 109 -42.33 -16.24 -27.67
N GLU E 110 -43.04 -16.43 -26.56
CA GLU E 110 -43.24 -15.34 -25.62
C GLU E 110 -41.94 -14.96 -24.91
N ILE E 111 -41.07 -15.96 -24.67
CA ILE E 111 -39.78 -15.68 -24.06
C ILE E 111 -38.88 -14.92 -25.01
N TRP E 112 -38.87 -15.29 -26.29
CA TRP E 112 -37.91 -14.74 -27.23
C TRP E 112 -38.46 -13.63 -28.10
N ASN E 113 -39.69 -13.19 -27.88
CA ASN E 113 -40.23 -12.05 -28.62
C ASN E 113 -41.00 -11.05 -27.78
N ASN E 114 -41.19 -11.28 -26.49
CA ASN E 114 -41.89 -10.34 -25.62
C ASN E 114 -41.23 -10.16 -24.27
N MET E 115 -40.29 -11.02 -23.89
CA MET E 115 -39.82 -11.14 -22.51
C MET E 115 -38.42 -10.54 -22.40
N THR E 116 -38.25 -9.63 -21.45
CA THR E 116 -36.97 -8.97 -21.21
C THR E 116 -36.09 -9.83 -20.32
N TRP E 117 -34.80 -9.46 -20.25
CA TRP E 117 -33.85 -10.25 -19.47
C TRP E 117 -34.00 -9.98 -17.98
N MET E 118 -34.38 -8.75 -17.60
CA MET E 118 -34.47 -8.36 -16.20
C MET E 118 -35.49 -9.18 -15.44
N GLN E 119 -36.74 -9.16 -15.91
CA GLN E 119 -37.80 -9.89 -15.22
C GLN E 119 -37.64 -11.39 -15.40
N TRP E 120 -36.97 -11.83 -16.47
CA TRP E 120 -36.64 -13.24 -16.62
C TRP E 120 -35.66 -13.70 -15.55
N ASP E 121 -34.63 -12.88 -15.27
CA ASP E 121 -33.72 -13.20 -14.17
C ASP E 121 -34.47 -13.18 -12.84
N ARG E 122 -35.40 -12.25 -12.68
CA ARG E 122 -36.25 -12.22 -11.50
C ARG E 122 -37.08 -13.50 -11.36
N GLU E 123 -37.54 -14.05 -12.49
CA GLU E 123 -38.34 -15.27 -12.46
C GLU E 123 -37.49 -16.48 -12.10
N ILE E 124 -36.33 -16.64 -12.75
CA ILE E 124 -35.53 -17.86 -12.58
C ILE E 124 -34.49 -17.69 -11.47
N SER E 125 -34.57 -16.60 -10.69
CA SER E 125 -33.69 -16.43 -9.54
C SER E 125 -33.86 -17.51 -8.49
N ASN E 126 -35.04 -18.14 -8.45
CA ASN E 126 -35.26 -19.22 -7.49
C ASN E 126 -34.48 -20.48 -7.89
N TYR E 127 -34.29 -20.70 -9.19
CA TYR E 127 -33.71 -21.94 -9.68
C TYR E 127 -32.34 -21.77 -10.34
N THR E 128 -31.69 -20.60 -10.19
CA THR E 128 -30.30 -20.47 -10.67
C THR E 128 -29.39 -21.56 -10.10
N ASN E 129 -29.51 -21.84 -8.79
CA ASN E 129 -28.58 -22.77 -8.16
C ASN E 129 -28.85 -24.21 -8.62
N THR E 130 -30.13 -24.59 -8.72
CA THR E 130 -30.47 -25.93 -9.18
C THR E 130 -30.05 -26.15 -10.62
N ILE E 131 -30.29 -25.15 -11.49
CA ILE E 131 -29.87 -25.25 -12.87
C ILE E 131 -28.35 -25.32 -12.98
N TYR E 132 -27.65 -24.54 -12.14
CA TYR E 132 -26.19 -24.56 -12.13
C TYR E 132 -25.64 -25.93 -11.76
N ARG E 133 -26.15 -26.51 -10.66
CA ARG E 133 -25.64 -27.80 -10.21
C ARG E 133 -25.95 -28.90 -11.22
N LEU E 134 -27.13 -28.85 -11.84
CA LEU E 134 -27.43 -29.77 -12.94
C LEU E 134 -26.44 -29.58 -14.09
N LEU E 135 -25.97 -28.34 -14.30
CA LEU E 135 -25.01 -28.08 -15.37
C LEU E 135 -23.65 -28.71 -15.11
N GLU E 136 -23.11 -28.50 -13.90
CA GLU E 136 -21.81 -29.11 -13.53
C GLU E 136 -21.92 -30.63 -13.61
N GLU E 137 -23.01 -31.20 -13.10
CA GLU E 137 -23.19 -32.64 -13.04
C GLU E 137 -23.32 -33.24 -14.45
N SER E 138 -24.06 -32.58 -15.34
CA SER E 138 -24.16 -33.08 -16.71
C SER E 138 -22.83 -32.99 -17.44
N GLN E 139 -22.10 -31.88 -17.26
CA GLN E 139 -20.80 -31.73 -17.92
C GLN E 139 -19.82 -32.80 -17.48
N PHE E 140 -19.74 -33.04 -16.17
CA PHE E 140 -18.85 -34.06 -15.62
C PHE E 140 -19.25 -35.45 -16.10
N GLN E 141 -20.55 -35.74 -16.13
CA GLN E 141 -20.99 -37.07 -16.55
C GLN E 141 -20.74 -37.32 -18.04
N GLN E 142 -21.05 -36.34 -18.89
CA GLN E 142 -20.79 -36.49 -20.33
C GLN E 142 -19.30 -36.60 -20.60
N GLU E 143 -18.49 -35.83 -19.88
CA GLU E 143 -17.05 -35.81 -20.16
C GLU E 143 -16.37 -37.08 -19.66
N ILE E 144 -16.82 -37.62 -18.52
CA ILE E 144 -16.28 -38.90 -18.08
C ILE E 144 -16.83 -40.06 -18.92
N ASN E 145 -18.02 -39.88 -19.52
CA ASN E 145 -18.50 -40.87 -20.48
C ASN E 145 -17.64 -40.86 -21.74
N GLU E 146 -17.21 -39.67 -22.17
CA GLU E 146 -16.29 -39.57 -23.30
C GLU E 146 -14.95 -40.21 -22.96
N VAL E 147 -14.47 -40.03 -21.74
CA VAL E 147 -13.21 -40.63 -21.31
C VAL E 147 -13.32 -42.15 -21.31
N ASP E 148 -14.45 -42.67 -20.80
CA ASP E 148 -14.65 -44.13 -20.80
C ASP E 148 -14.81 -44.67 -22.21
N LEU E 149 -15.46 -43.91 -23.10
CA LEU E 149 -15.64 -44.34 -24.48
C LEU E 149 -14.31 -44.40 -25.22
N LEU E 150 -13.45 -43.39 -25.01
CA LEU E 150 -12.14 -43.39 -25.66
C LEU E 150 -11.16 -44.33 -24.96
N ALA E 151 -11.48 -44.79 -23.75
CA ALA E 151 -10.59 -45.71 -23.05
C ALA E 151 -10.50 -47.05 -23.78
N LEU E 152 -11.63 -47.54 -24.32
CA LEU E 152 -11.61 -48.78 -25.08
C LEU E 152 -11.16 -48.58 -26.53
N ASP E 153 -10.92 -47.34 -26.95
CA ASP E 153 -10.47 -47.08 -28.32
C ASP E 153 -8.95 -47.15 -28.41
N GLY F 1 -39.68 -30.26 -29.97
CA GLY F 1 -40.55 -30.25 -28.80
C GLY F 1 -39.80 -30.09 -27.49
N ASN F 2 -38.75 -30.89 -27.31
CA ASN F 2 -37.94 -30.81 -26.11
C ASN F 2 -37.09 -29.55 -26.11
N LEU F 3 -36.73 -29.08 -24.92
CA LEU F 3 -35.94 -27.88 -24.73
C LEU F 3 -34.71 -28.20 -23.89
N TRP F 4 -33.71 -27.32 -24.00
CA TRP F 4 -32.44 -27.52 -23.32
C TRP F 4 -31.95 -26.21 -22.74
N VAL F 5 -31.18 -26.34 -21.65
CA VAL F 5 -30.53 -25.19 -21.03
C VAL F 5 -29.47 -24.61 -21.97
N THR F 6 -29.44 -23.30 -22.09
CA THR F 6 -28.45 -22.59 -22.88
C THR F 6 -27.85 -21.48 -22.03
N VAL F 7 -26.53 -21.44 -21.97
CA VAL F 7 -25.78 -20.51 -21.14
C VAL F 7 -25.43 -19.29 -21.97
N TYR F 8 -25.71 -18.10 -21.43
CA TYR F 8 -25.50 -16.83 -22.10
C TYR F 8 -24.54 -15.98 -21.30
N TYR F 9 -23.51 -15.47 -21.98
CA TYR F 9 -22.49 -14.63 -21.36
C TYR F 9 -22.55 -13.24 -21.96
N GLY F 10 -22.51 -12.22 -21.09
CA GLY F 10 -22.65 -10.84 -21.52
C GLY F 10 -24.07 -10.32 -21.54
N VAL F 11 -24.97 -10.91 -20.76
CA VAL F 11 -26.37 -10.50 -20.77
C VAL F 11 -26.50 -9.11 -20.14
N PRO F 12 -27.27 -8.19 -20.72
CA PRO F 12 -27.53 -6.89 -20.06
C PRO F 12 -28.52 -7.00 -18.91
N VAL F 13 -28.02 -7.47 -17.77
CA VAL F 13 -28.81 -7.61 -16.54
C VAL F 13 -27.95 -7.13 -15.38
N TRP F 14 -28.55 -6.36 -14.47
CA TRP F 14 -27.85 -5.79 -13.34
C TRP F 14 -28.62 -6.11 -12.08
N ARG F 15 -27.97 -5.87 -10.93
CA ARG F 15 -28.60 -6.03 -9.63
C ARG F 15 -28.10 -4.92 -8.71
N GLU F 16 -28.89 -4.65 -7.67
CA GLU F 16 -28.50 -3.63 -6.70
C GLU F 16 -27.35 -4.12 -5.84
N ALA F 17 -26.32 -3.30 -5.70
CA ALA F 17 -25.16 -3.67 -4.91
C ALA F 17 -24.46 -2.41 -4.43
N GLU F 18 -23.62 -2.58 -3.42
CA GLU F 18 -22.84 -1.48 -2.84
C GLU F 18 -21.36 -1.79 -3.08
N THR F 19 -20.64 -0.81 -3.64
CA THR F 19 -19.23 -0.98 -3.93
C THR F 19 -18.51 0.36 -3.90
N THR F 20 -17.19 0.34 -3.91
CA THR F 20 -16.37 1.54 -3.93
C THR F 20 -16.07 1.93 -5.37
N LEU F 21 -15.88 3.22 -5.59
CA LEU F 21 -15.56 3.79 -6.89
C LEU F 21 -14.28 4.61 -6.79
N PHE F 22 -13.90 5.26 -7.88
CA PHE F 22 -12.69 6.07 -7.86
C PHE F 22 -12.97 7.45 -8.46
N CYS F 23 -12.10 8.40 -8.11
CA CYS F 23 -12.24 9.80 -8.48
C CYS F 23 -11.53 10.08 -9.80
N ALA F 24 -11.99 11.14 -10.47
CA ALA F 24 -11.38 11.60 -11.71
C ALA F 24 -11.58 13.10 -11.84
N SER F 25 -10.47 13.83 -11.91
CA SER F 25 -10.49 15.27 -12.08
C SER F 25 -10.21 15.63 -13.54
N ASP F 26 -10.52 16.87 -13.89
CA ASP F 26 -10.30 17.35 -15.25
C ASP F 26 -8.80 17.52 -15.51
N ALA F 27 -8.44 17.48 -16.80
CA ALA F 27 -7.04 17.62 -17.18
C ALA F 27 -6.52 19.03 -16.92
N LYS F 28 -7.40 20.03 -17.06
CA LYS F 28 -7.00 21.41 -16.81
C LYS F 28 -6.69 21.68 -15.34
N ALA F 29 -7.15 20.81 -14.43
CA ALA F 29 -6.76 20.92 -13.03
C ALA F 29 -5.31 20.51 -12.83
N TYR F 30 -4.72 19.79 -13.79
CA TYR F 30 -3.33 19.38 -13.71
C TYR F 30 -2.38 20.39 -14.33
N ASP F 31 -2.90 21.43 -15.00
CA ASP F 31 -2.07 22.50 -15.57
C ASP F 31 -1.75 23.48 -14.44
N ARG F 32 -0.67 23.16 -13.72
CA ARG F 32 -0.27 23.81 -12.46
C ARG F 32 -1.45 23.67 -11.49
N GLU F 33 -1.75 24.70 -10.68
CA GLU F 33 -2.85 24.76 -9.70
C GLU F 33 -2.98 23.49 -8.84
N VAL F 34 -1.84 22.84 -8.56
CA VAL F 34 -1.82 21.69 -7.66
C VAL F 34 -1.97 22.13 -6.20
N HIS F 35 -1.83 23.42 -5.94
CA HIS F 35 -1.97 23.98 -4.59
C HIS F 35 -3.45 24.26 -4.31
N ASN F 36 -4.22 23.17 -4.21
CA ASN F 36 -5.64 23.23 -3.89
C ASN F 36 -5.94 22.08 -2.92
N VAL F 37 -6.95 22.30 -2.07
CA VAL F 37 -7.26 21.32 -1.02
C VAL F 37 -7.76 20.02 -1.64
N TRP F 38 -8.61 20.13 -2.67
CA TRP F 38 -9.14 18.95 -3.34
C TRP F 38 -8.28 18.51 -4.53
N ALA F 39 -7.15 19.17 -4.76
CA ALA F 39 -6.24 18.75 -5.83
C ALA F 39 -5.61 17.41 -5.49
N THR F 40 -5.94 16.38 -6.27
CA THR F 40 -5.58 15.01 -5.94
C THR F 40 -4.80 14.42 -7.11
N HIS F 41 -3.59 13.91 -6.83
CA HIS F 41 -2.78 13.29 -7.87
C HIS F 41 -3.32 11.92 -8.27
N ALA F 42 -4.15 11.31 -7.42
CA ALA F 42 -4.70 10.00 -7.74
C ALA F 42 -5.90 10.10 -8.67
N CYS F 43 -6.60 11.23 -8.65
CA CYS F 43 -7.72 11.44 -9.56
C CYS F 43 -7.22 11.48 -11.00
N VAL F 44 -7.58 10.46 -11.77
CA VAL F 44 -7.12 10.29 -13.14
C VAL F 44 -7.73 11.38 -14.01
N PRO F 45 -7.13 11.71 -15.16
CA PRO F 45 -7.79 12.65 -16.08
C PRO F 45 -9.15 12.13 -16.55
N THR F 46 -10.10 13.05 -16.67
CA THR F 46 -11.44 12.70 -17.08
C THR F 46 -11.44 12.19 -18.51
N ASP F 47 -12.16 11.10 -18.75
CA ASP F 47 -12.22 10.49 -20.07
C ASP F 47 -12.84 11.45 -21.07
N PRO F 48 -12.14 11.83 -22.14
CA PRO F 48 -12.70 12.78 -23.10
C PRO F 48 -13.85 12.16 -23.87
N ASN F 49 -14.91 12.98 -24.05
CA ASN F 49 -16.19 12.62 -24.65
C ASN F 49 -16.74 11.40 -23.91
N PRO F 50 -17.26 11.56 -22.70
CA PRO F 50 -17.83 10.42 -21.98
C PRO F 50 -19.11 9.93 -22.66
N GLN F 51 -19.35 8.63 -22.55
CA GLN F 51 -20.48 7.98 -23.23
C GLN F 51 -21.66 7.87 -22.27
N GLU F 52 -22.75 8.52 -22.62
CA GLU F 52 -24.02 8.37 -21.92
C GLU F 52 -24.97 7.61 -22.85
N ILE F 53 -25.44 6.46 -22.39
CA ILE F 53 -26.24 5.57 -23.25
C ILE F 53 -27.64 5.48 -22.67
N VAL F 54 -28.63 5.84 -23.48
CA VAL F 54 -30.02 5.85 -23.06
C VAL F 54 -30.58 4.44 -23.15
N LEU F 55 -31.15 3.95 -22.04
CA LEU F 55 -31.73 2.61 -21.96
C LEU F 55 -33.23 2.74 -22.12
N GLU F 56 -33.69 2.60 -23.36
CA GLU F 56 -35.12 2.73 -23.66
C GLU F 56 -35.90 1.55 -23.09
N ASN F 57 -37.15 1.83 -22.71
CA ASN F 57 -38.09 0.86 -22.16
C ASN F 57 -37.57 0.21 -20.87
N VAL F 58 -36.83 0.97 -20.08
CA VAL F 58 -36.24 0.49 -18.83
C VAL F 58 -36.78 1.33 -17.69
N THR F 59 -37.30 0.67 -16.65
CA THR F 59 -37.79 1.32 -15.46
C THR F 59 -37.01 0.82 -14.25
N GLU F 60 -36.44 1.74 -13.48
CA GLU F 60 -35.67 1.39 -12.30
C GLU F 60 -36.13 2.23 -11.12
N ASN F 61 -36.05 1.64 -9.93
CA ASN F 61 -36.48 2.31 -8.70
C ASN F 61 -35.27 2.94 -8.04
N PHE F 62 -35.11 4.24 -8.24
CA PHE F 62 -34.07 4.99 -7.55
C PHE F 62 -34.50 5.32 -6.13
N ASN F 63 -33.51 5.47 -5.25
CA ASN F 63 -33.76 5.94 -3.88
C ASN F 63 -32.44 6.54 -3.38
N MET F 64 -32.43 7.87 -3.23
CA MET F 64 -31.20 8.57 -2.88
C MET F 64 -30.99 8.69 -1.37
N TRP F 65 -31.95 8.27 -0.55
CA TRP F 65 -31.82 8.44 0.89
C TRP F 65 -30.96 7.34 1.52
N LYS F 66 -31.27 6.08 1.24
CA LYS F 66 -30.36 5.00 1.63
C LYS F 66 -29.37 4.65 0.53
N ASN F 67 -29.09 5.60 -0.36
CA ASN F 67 -28.13 5.38 -1.44
C ASN F 67 -26.72 5.24 -0.89
N ASP F 68 -25.92 4.41 -1.55
CA ASP F 68 -24.48 4.34 -1.27
C ASP F 68 -23.81 5.49 -2.01
N MET F 69 -22.46 5.44 -2.07
CA MET F 69 -21.56 6.51 -2.55
C MET F 69 -21.99 7.90 -2.07
N VAL F 70 -22.47 7.98 -0.83
CA VAL F 70 -22.73 9.23 -0.13
C VAL F 70 -21.95 9.28 1.19
N ASP F 71 -22.01 8.19 1.96
CA ASP F 71 -21.05 8.02 3.06
C ASP F 71 -19.63 7.89 2.52
N GLN F 72 -19.48 7.26 1.35
CA GLN F 72 -18.18 7.16 0.70
C GLN F 72 -17.67 8.54 0.29
N MET F 73 -18.57 9.39 -0.22
CA MET F 73 -18.20 10.77 -0.54
C MET F 73 -17.75 11.52 0.70
N HIS F 74 -18.46 11.34 1.82
CA HIS F 74 -18.10 12.00 3.07
C HIS F 74 -16.73 11.52 3.56
N GLU F 75 -16.48 10.22 3.49
CA GLU F 75 -15.19 9.68 3.90
C GLU F 75 -14.07 10.19 3.00
N ASP F 76 -14.33 10.26 1.69
CA ASP F 76 -13.31 10.76 0.76
C ASP F 76 -12.99 12.23 1.01
N ILE F 77 -14.01 13.06 1.25
CA ILE F 77 -13.74 14.48 1.44
C ILE F 77 -13.07 14.72 2.79
N ILE F 78 -13.42 13.94 3.81
CA ILE F 78 -12.76 14.02 5.11
C ILE F 78 -11.29 13.60 4.99
N SER F 79 -11.03 12.51 4.26
CA SER F 79 -9.66 12.04 4.08
C SER F 79 -8.84 13.04 3.29
N LEU F 80 -9.46 13.71 2.31
CA LEU F 80 -8.75 14.72 1.53
C LEU F 80 -8.42 15.93 2.40
N TRP F 81 -9.36 16.37 3.25
CA TRP F 81 -9.07 17.46 4.18
C TRP F 81 -7.93 17.08 5.13
N ASP F 82 -7.95 15.87 5.67
CA ASP F 82 -6.90 15.45 6.59
C ASP F 82 -5.55 15.34 5.89
N GLN F 83 -5.54 14.82 4.66
CA GLN F 83 -4.28 14.68 3.92
C GLN F 83 -3.71 16.03 3.54
N SER F 84 -4.55 17.00 3.22
CA SER F 84 -4.06 18.37 3.05
C SER F 84 -3.63 18.98 4.38
N LEU F 85 -4.21 18.50 5.48
CA LEU F 85 -3.91 19.07 6.80
C LEU F 85 -2.56 18.60 7.33
N LYS F 86 -2.13 17.38 6.97
CA LYS F 86 -0.90 16.83 7.54
C LYS F 86 0.38 17.62 7.26
N PRO F 87 0.74 18.00 6.02
CA PRO F 87 2.09 18.56 5.82
C PRO F 87 2.26 20.01 6.26
N CYS F 88 1.26 20.63 6.87
CA CYS F 88 1.35 22.02 7.25
C CYS F 88 1.78 22.17 8.71
N VAL F 89 1.73 23.40 9.21
CA VAL F 89 2.31 23.78 10.50
C VAL F 89 1.27 23.66 11.61
N LYS F 90 1.65 23.00 12.70
CA LYS F 90 0.81 22.85 13.88
C LYS F 90 1.19 23.94 14.89
N LEU F 91 0.18 24.61 15.44
CA LEU F 91 0.40 25.75 16.33
C LEU F 91 0.37 25.32 17.79
N THR F 92 1.35 24.51 18.19
CA THR F 92 1.54 24.22 19.60
C THR F 92 1.96 25.43 20.45
N PRO F 93 2.91 26.30 20.07
CA PRO F 93 3.33 27.36 21.01
C PRO F 93 2.34 28.50 21.13
N LEU F 94 1.32 28.58 20.27
CA LEU F 94 0.39 29.69 20.29
C LEU F 94 -0.65 29.59 21.41
N CYS F 95 -0.67 28.49 22.17
CA CYS F 95 -1.48 28.41 23.38
C CYS F 95 -0.76 29.14 24.50
N VAL F 96 -0.87 30.46 24.48
CA VAL F 96 -0.21 31.35 25.43
C VAL F 96 -1.21 32.44 25.79
N THR F 97 -1.14 32.90 27.04
CA THR F 97 -2.04 33.93 27.54
C THR F 97 -1.89 35.22 26.74
N LEU F 98 -3.02 35.79 26.33
CA LEU F 98 -3.06 36.97 25.49
C LEU F 98 -3.65 38.14 26.27
N ASP F 99 -3.01 39.30 26.16
CA ASP F 99 -3.55 40.55 26.68
C ASP F 99 -4.29 41.22 25.52
N CYS F 100 -5.62 41.14 25.55
CA CYS F 100 -6.45 41.63 24.45
C CYS F 100 -7.17 42.90 24.86
N LYS F 101 -7.14 43.90 23.97
CA LYS F 101 -7.78 45.18 24.18
C LYS F 101 -8.76 45.45 23.06
N ALA F 102 -9.77 46.26 23.35
CA ALA F 102 -10.77 46.60 22.36
C ALA F 102 -10.20 47.54 21.30
N PHE F 103 -10.79 47.52 20.11
CA PHE F 103 -10.38 48.36 19.00
C PHE F 103 -11.23 49.63 18.97
N ASN F 104 -10.57 50.79 18.96
CA ASN F 104 -11.29 52.04 18.90
C ASN F 104 -11.91 52.26 17.53
N SER F 105 -11.18 51.89 16.47
CA SER F 105 -11.63 52.00 15.07
C SER F 105 -12.00 53.44 14.71
N SER F 106 -11.14 54.38 15.11
CA SER F 106 -11.40 55.79 14.86
C SER F 106 -11.07 56.14 13.40
N SER F 107 -11.26 57.42 13.08
CA SER F 107 -11.00 57.91 11.73
C SER F 107 -9.50 57.97 11.44
N ALA F 114 -19.13 46.86 14.42
CA ALA F 114 -17.95 46.03 14.65
C ALA F 114 -17.33 46.33 16.02
N MET F 115 -18.12 46.93 16.90
CA MET F 115 -17.65 47.21 18.26
C MET F 115 -17.49 45.91 19.02
N GLN F 116 -16.33 45.77 19.68
CA GLN F 116 -15.86 44.60 20.44
C GLN F 116 -15.63 43.37 19.57
N GLU F 117 -15.84 43.45 18.25
CA GLU F 117 -15.56 42.33 17.38
C GLU F 117 -14.07 42.19 17.11
N MET F 118 -13.34 43.30 17.08
CA MET F 118 -11.91 43.29 16.82
C MET F 118 -11.15 43.46 18.14
N LYS F 119 -10.14 42.61 18.35
CA LYS F 119 -9.32 42.66 19.55
C LYS F 119 -7.85 42.73 19.16
N ASN F 120 -7.13 43.67 19.78
CA ASN F 120 -5.68 43.76 19.65
C ASN F 120 -5.07 42.96 20.80
N CYS F 121 -4.47 41.82 20.47
CA CYS F 121 -3.97 40.90 21.49
C CYS F 121 -2.45 40.84 21.41
N THR F 122 -1.79 41.09 22.54
CA THR F 122 -0.35 41.00 22.66
C THR F 122 0.01 39.76 23.47
N PHE F 123 1.07 39.08 23.05
CA PHE F 123 1.44 37.79 23.63
C PHE F 123 2.91 37.53 23.41
N ASN F 124 3.46 36.61 24.20
CA ASN F 124 4.86 36.23 24.08
C ASN F 124 5.01 35.07 23.11
N ILE F 125 5.88 35.26 22.11
CA ILE F 125 6.18 34.25 21.12
C ILE F 125 7.64 33.85 21.28
N THR F 126 7.92 32.56 21.08
CA THR F 126 9.29 32.09 21.09
C THR F 126 10.06 32.66 19.90
N THR F 127 11.28 33.09 20.14
CA THR F 127 12.11 33.73 19.13
C THR F 127 12.93 32.67 18.39
N SER F 128 13.93 33.11 17.63
CA SER F 128 14.87 32.19 16.99
C SER F 128 15.65 31.37 18.01
N VAL F 129 15.86 31.91 19.21
CA VAL F 129 16.42 31.16 20.33
C VAL F 129 15.28 30.62 21.17
N LYS F 130 15.33 29.32 21.48
CA LYS F 130 14.25 28.68 22.23
C LYS F 130 14.15 29.19 23.67
N GLY F 131 15.23 29.76 24.20
CA GLY F 131 15.24 30.31 25.54
C GLY F 131 14.86 31.77 25.64
N LYS F 132 14.37 32.37 24.55
CA LYS F 132 14.01 33.78 24.53
C LYS F 132 12.58 33.93 24.05
N ARG F 133 11.92 34.97 24.56
CA ARG F 133 10.55 35.28 24.18
C ARG F 133 10.44 36.77 23.84
N GLN F 134 9.57 37.08 22.89
CA GLN F 134 9.33 38.45 22.48
C GLN F 134 7.84 38.72 22.45
N GLN F 135 7.43 39.88 22.94
CA GLN F 135 6.02 40.27 22.93
C GLN F 135 5.67 40.85 21.56
N GLU F 136 4.55 40.38 21.01
CA GLU F 136 4.08 40.85 19.71
C GLU F 136 2.55 40.86 19.71
N HIS F 137 1.99 41.68 18.84
CA HIS F 137 0.55 41.90 18.77
C HIS F 137 -0.03 41.27 17.52
N ALA F 138 -1.34 41.07 17.55
CA ALA F 138 -2.10 40.56 16.42
C ALA F 138 -3.55 41.01 16.56
N LEU F 139 -4.29 40.88 15.46
CA LEU F 139 -5.70 41.21 15.42
C LEU F 139 -6.50 39.92 15.44
N PHE F 140 -7.52 39.86 16.30
CA PHE F 140 -8.32 38.65 16.43
C PHE F 140 -9.79 39.01 16.53
N TYR F 141 -10.63 38.03 16.25
CA TYR F 141 -12.08 38.22 16.35
C TYR F 141 -12.56 37.92 17.77
N LYS F 142 -13.82 38.28 18.03
CA LYS F 142 -14.40 37.95 19.33
C LYS F 142 -14.82 36.49 19.42
N LEU F 143 -15.19 35.87 18.29
CA LEU F 143 -15.72 34.51 18.34
C LEU F 143 -14.62 33.48 18.56
N ASP F 144 -13.44 33.68 17.97
CA ASP F 144 -12.37 32.69 18.06
C ASP F 144 -11.52 32.85 19.32
N ILE F 145 -11.87 33.77 20.21
CA ILE F 145 -11.19 33.93 21.48
C ILE F 145 -12.22 33.79 22.59
N VAL F 146 -11.76 33.34 23.76
CA VAL F 146 -12.63 33.18 24.93
C VAL F 146 -11.95 33.81 26.14
N PRO F 147 -12.71 34.35 27.09
CA PRO F 147 -12.09 34.91 28.29
C PRO F 147 -11.70 33.83 29.29
N LEU F 148 -10.51 33.99 29.87
CA LEU F 148 -10.05 33.14 30.95
C LEU F 148 -10.75 33.45 32.27
N ASN F 149 -11.13 34.71 32.47
CA ASN F 149 -11.69 35.20 33.73
C ASN F 149 -12.88 36.11 33.44
N LYS F 150 -13.44 36.69 34.50
CA LYS F 150 -14.64 37.49 34.39
C LYS F 150 -14.38 38.99 34.25
N ASN F 151 -13.14 39.44 34.41
CA ASN F 151 -12.86 40.86 34.28
C ASN F 151 -12.55 41.27 32.84
N GLY F 152 -12.47 40.33 31.91
CA GLY F 152 -12.25 40.64 30.51
C GLY F 152 -10.88 41.20 30.20
N ARG F 153 -9.83 40.65 30.81
CA ARG F 153 -8.46 41.06 30.53
C ARG F 153 -7.61 39.93 29.99
N GLN F 154 -7.62 38.77 30.63
CA GLN F 154 -6.86 37.62 30.18
C GLN F 154 -7.73 36.73 29.30
N TYR F 155 -7.20 36.32 28.16
CA TYR F 155 -7.94 35.53 27.18
C TYR F 155 -7.09 34.34 26.74
N ARG F 156 -7.73 33.40 26.07
CA ARG F 156 -7.08 32.21 25.55
C ARG F 156 -7.82 31.78 24.29
N LEU F 157 -7.17 30.95 23.49
CA LEU F 157 -7.81 30.41 22.29
C LEU F 157 -8.94 29.46 22.69
N ILE F 158 -9.93 29.34 21.81
CA ILE F 158 -11.12 28.53 22.11
C ILE F 158 -10.75 27.05 22.20
N ASN F 159 -9.89 26.58 21.30
CA ASN F 159 -9.51 25.17 21.26
C ASN F 159 -8.28 24.86 22.09
N CYS F 160 -7.85 25.78 22.97
CA CYS F 160 -6.61 25.60 23.71
C CYS F 160 -6.67 24.40 24.65
N ASN F 161 -7.79 24.24 25.35
CA ASN F 161 -8.00 23.08 26.21
C ASN F 161 -8.75 21.94 25.52
N THR F 162 -8.78 21.94 24.19
CA THR F 162 -9.43 20.89 23.42
C THR F 162 -8.46 20.11 22.55
N SER F 163 -7.67 20.79 21.74
CA SER F 163 -6.76 20.17 20.78
C SER F 163 -5.72 21.21 20.37
N THR F 164 -5.01 20.93 19.28
CA THR F 164 -4.04 21.86 18.71
C THR F 164 -4.44 22.17 17.27
N ILE F 165 -4.56 23.46 16.95
CA ILE F 165 -4.92 23.86 15.60
C ILE F 165 -3.76 23.60 14.63
N THR F 166 -4.12 23.35 13.37
CA THR F 166 -3.17 23.27 12.29
C THR F 166 -3.52 24.34 11.27
N GLN F 167 -2.56 25.21 10.96
CA GLN F 167 -2.78 26.30 10.03
C GLN F 167 -2.78 25.77 8.60
N ALA F 168 -3.71 26.26 7.79
CA ALA F 168 -3.70 25.97 6.37
C ALA F 168 -2.47 26.58 5.71
N CYS F 169 -1.84 25.82 4.83
CA CYS F 169 -0.70 26.35 4.10
C CYS F 169 -1.18 27.43 3.12
N PRO F 170 -0.48 28.55 3.00
CA PRO F 170 -1.04 29.69 2.26
C PRO F 170 -1.14 29.45 0.76
N LYS F 171 -0.32 28.56 0.21
CA LYS F 171 -0.41 28.26 -1.21
C LYS F 171 -1.69 27.50 -1.55
N VAL F 172 -2.19 26.69 -0.61
CA VAL F 172 -3.38 25.89 -0.86
C VAL F 172 -4.60 26.78 -0.92
N SER F 173 -5.45 26.54 -1.93
CA SER F 173 -6.64 27.33 -2.18
C SER F 173 -7.88 26.49 -1.95
N PHE F 174 -8.88 27.09 -1.31
CA PHE F 174 -10.11 26.40 -0.94
C PHE F 174 -11.17 26.39 -2.04
N ASP F 175 -10.76 26.59 -3.29
CA ASP F 175 -11.70 26.60 -4.41
C ASP F 175 -12.23 25.19 -4.67
N PRO F 176 -13.54 24.98 -4.65
CA PRO F 176 -14.07 23.67 -5.06
C PRO F 176 -13.83 23.41 -6.55
N ILE F 177 -13.57 22.15 -6.87
CA ILE F 177 -13.32 21.73 -8.24
C ILE F 177 -14.26 20.58 -8.58
N PRO F 178 -14.67 20.42 -9.83
CA PRO F 178 -15.52 19.28 -10.19
C PRO F 178 -14.80 17.95 -10.02
N ILE F 179 -15.56 16.95 -9.59
CA ILE F 179 -15.03 15.61 -9.34
C ILE F 179 -15.98 14.60 -9.99
N HIS F 180 -15.44 13.74 -10.84
CA HIS F 180 -16.20 12.69 -11.51
C HIS F 180 -15.99 11.38 -10.76
N TYR F 181 -17.07 10.66 -10.51
CA TYR F 181 -17.01 9.37 -9.83
C TYR F 181 -17.21 8.27 -10.86
N CYS F 182 -16.23 7.37 -10.96
CA CYS F 182 -16.25 6.33 -11.97
C CYS F 182 -16.15 4.95 -11.33
N THR F 183 -16.92 4.02 -11.86
CA THR F 183 -16.97 2.63 -11.40
C THR F 183 -15.79 1.85 -11.94
N PRO F 184 -15.39 0.77 -11.26
CA PRO F 184 -14.46 -0.19 -11.85
C PRO F 184 -15.19 -1.08 -12.87
N ALA F 185 -14.46 -2.04 -13.39
CA ALA F 185 -15.04 -2.99 -14.33
C ALA F 185 -16.05 -3.89 -13.65
N GLY F 186 -17.12 -4.23 -14.36
CA GLY F 186 -18.19 -5.03 -13.81
C GLY F 186 -19.25 -4.26 -13.05
N TYR F 187 -19.15 -2.93 -13.00
CA TYR F 187 -20.11 -2.09 -12.31
C TYR F 187 -20.58 -0.99 -13.27
N ALA F 188 -21.70 -0.37 -12.92
CA ALA F 188 -22.25 0.70 -13.75
C ALA F 188 -22.95 1.73 -12.89
N ILE F 189 -23.06 2.95 -13.43
CA ILE F 189 -23.81 4.03 -12.82
C ILE F 189 -25.01 4.34 -13.70
N LEU F 190 -26.20 4.29 -13.12
CA LEU F 190 -27.45 4.60 -13.80
C LEU F 190 -27.90 5.99 -13.38
N LYS F 191 -28.28 6.79 -14.37
CA LYS F 191 -28.70 8.18 -14.20
C LYS F 191 -30.16 8.31 -14.60
N CYS F 192 -30.95 8.96 -13.74
CA CYS F 192 -32.37 9.18 -13.99
C CYS F 192 -32.53 10.49 -14.75
N ASN F 193 -32.94 10.39 -16.02
CA ASN F 193 -33.11 11.54 -16.88
C ASN F 193 -34.46 12.23 -16.69
N ASN F 194 -35.33 11.69 -15.86
CA ASN F 194 -36.63 12.31 -15.61
C ASN F 194 -36.45 13.64 -14.89
N LYS F 195 -36.86 14.73 -15.54
CA LYS F 195 -36.66 16.07 -15.03
C LYS F 195 -37.57 16.41 -13.87
N THR F 196 -38.67 15.68 -13.69
CA THR F 196 -39.58 15.88 -12.57
C THR F 196 -39.41 14.82 -11.50
N PHE F 197 -38.27 14.14 -11.46
CA PHE F 197 -38.04 13.10 -10.46
C PHE F 197 -37.89 13.71 -9.08
N ASN F 198 -38.60 13.16 -8.10
CA ASN F 198 -38.62 13.69 -6.75
C ASN F 198 -37.58 13.03 -5.83
N GLY F 199 -36.76 12.14 -6.35
CA GLY F 199 -35.69 11.52 -5.61
C GLY F 199 -35.89 10.04 -5.29
N THR F 200 -37.13 9.58 -5.23
CA THR F 200 -37.39 8.17 -4.90
C THR F 200 -38.48 7.63 -5.80
N GLY F 201 -38.44 6.32 -6.03
CA GLY F 201 -39.45 5.66 -6.81
C GLY F 201 -38.98 5.31 -8.21
N PRO F 202 -39.91 4.96 -9.09
CA PRO F 202 -39.54 4.59 -10.45
C PRO F 202 -39.12 5.79 -11.28
N CYS F 203 -38.23 5.53 -12.24
CA CYS F 203 -37.78 6.54 -13.20
C CYS F 203 -37.93 5.96 -14.59
N ASN F 204 -38.76 6.59 -15.43
CA ASN F 204 -39.07 6.03 -16.74
C ASN F 204 -37.89 6.16 -17.70
N ASN F 205 -37.20 7.30 -17.68
CA ASN F 205 -36.10 7.57 -18.58
C ASN F 205 -34.78 7.32 -17.86
N VAL F 206 -34.08 6.26 -18.23
CA VAL F 206 -32.84 5.86 -17.57
C VAL F 206 -31.71 5.90 -18.60
N SER F 207 -30.52 6.30 -18.14
CA SER F 207 -29.32 6.22 -18.94
C SER F 207 -28.22 5.58 -18.09
N THR F 208 -27.13 5.19 -18.74
CA THR F 208 -25.97 4.67 -18.06
C THR F 208 -24.74 5.49 -18.46
N VAL F 209 -23.87 5.72 -17.48
CA VAL F 209 -22.62 6.43 -17.70
C VAL F 209 -21.50 5.71 -16.97
N GLN F 210 -20.29 5.80 -17.53
CA GLN F 210 -19.11 5.30 -16.82
C GLN F 210 -18.74 6.20 -15.65
N CYS F 211 -18.90 7.51 -15.83
CA CYS F 211 -18.57 8.48 -14.79
C CYS F 211 -19.73 9.47 -14.67
N THR F 212 -19.93 9.94 -13.44
CA THR F 212 -20.91 11.00 -13.20
C THR F 212 -20.38 12.34 -13.72
N HIS F 213 -21.25 13.34 -13.71
CA HIS F 213 -20.84 14.68 -14.05
C HIS F 213 -19.95 15.25 -12.95
N GLY F 214 -19.18 16.27 -13.29
CA GLY F 214 -18.31 16.93 -12.33
C GLY F 214 -19.08 17.57 -11.19
N ILE F 215 -18.72 17.21 -9.95
CA ILE F 215 -19.44 17.66 -8.76
C ILE F 215 -18.47 18.47 -7.91
N LYS F 216 -18.80 19.73 -7.68
CA LYS F 216 -18.02 20.56 -6.77
C LYS F 216 -18.46 20.26 -5.34
N PRO F 217 -17.54 19.86 -4.45
CA PRO F 217 -17.91 19.61 -3.04
C PRO F 217 -18.05 20.90 -2.23
N VAL F 218 -19.20 21.54 -2.38
CA VAL F 218 -19.47 22.81 -1.72
C VAL F 218 -19.93 22.56 -0.30
N VAL F 219 -19.25 23.18 0.65
CA VAL F 219 -19.55 23.02 2.07
C VAL F 219 -20.39 24.21 2.51
N SER F 220 -21.65 23.95 2.85
CA SER F 220 -22.57 24.99 3.25
C SER F 220 -23.70 24.39 4.06
N THR F 221 -24.41 25.26 4.78
CA THR F 221 -25.61 24.87 5.52
C THR F 221 -26.68 25.93 5.28
N GLN F 222 -27.94 25.50 5.35
CA GLN F 222 -29.17 26.31 5.22
C GLN F 222 -29.40 26.77 3.78
N LEU F 223 -28.41 26.56 2.91
CA LEU F 223 -28.41 27.01 1.52
C LEU F 223 -27.44 26.11 0.76
N LEU F 224 -27.68 25.97 -0.53
CA LEU F 224 -26.79 25.22 -1.41
C LEU F 224 -26.23 26.16 -2.48
N LEU F 225 -24.92 26.06 -2.71
CA LEU F 225 -24.21 27.01 -3.55
C LEU F 225 -23.59 26.29 -4.73
N ASN F 226 -23.72 26.89 -5.92
CA ASN F 226 -23.03 26.47 -7.15
C ASN F 226 -23.38 25.04 -7.54
N GLY F 227 -24.59 24.59 -7.20
CA GLY F 227 -25.05 23.26 -7.52
C GLY F 227 -25.81 23.21 -8.83
N SER F 228 -26.34 22.02 -9.12
CA SER F 228 -27.16 21.83 -10.31
C SER F 228 -28.53 22.45 -10.11
N LEU F 229 -29.27 22.58 -11.21
CA LEU F 229 -30.59 23.19 -11.20
C LEU F 229 -31.60 22.25 -11.82
N ALA F 230 -32.82 22.26 -11.29
CA ALA F 230 -33.91 21.51 -11.89
C ALA F 230 -34.27 22.12 -13.24
N GLU F 231 -34.77 21.29 -14.15
CA GLU F 231 -35.01 21.75 -15.50
C GLU F 231 -36.42 22.31 -15.68
N GLU F 232 -37.40 21.77 -14.96
CA GLU F 232 -38.80 22.12 -15.20
C GLU F 232 -39.43 22.85 -14.02
N ASP F 233 -39.40 22.28 -12.82
CA ASP F 233 -40.16 22.83 -11.70
C ASP F 233 -39.37 22.67 -10.41
N ILE F 234 -39.84 23.36 -9.37
CA ILE F 234 -39.24 23.24 -8.05
C ILE F 234 -39.50 21.84 -7.50
N ILE F 235 -38.47 21.21 -6.98
CA ILE F 235 -38.53 19.81 -6.54
C ILE F 235 -38.38 19.75 -5.03
N ILE F 236 -39.32 19.06 -4.39
CA ILE F 236 -39.27 18.82 -2.95
C ILE F 236 -38.88 17.37 -2.71
N ARG F 237 -37.79 17.15 -1.99
CA ARG F 237 -37.27 15.82 -1.75
C ARG F 237 -37.24 15.56 -0.24
N SER F 238 -37.84 14.45 0.16
CA SER F 238 -37.88 14.07 1.57
C SER F 238 -38.01 12.56 1.66
N GLU F 239 -37.31 11.96 2.63
CA GLU F 239 -37.46 10.53 2.85
C GLU F 239 -38.83 10.20 3.40
N ASN F 240 -39.39 11.10 4.23
CA ASN F 240 -40.74 10.94 4.76
C ASN F 240 -41.25 12.33 5.07
N LEU F 241 -42.17 12.83 4.23
CA LEU F 241 -42.66 14.19 4.37
C LEU F 241 -43.44 14.39 5.66
N THR F 242 -44.23 13.40 6.06
CA THR F 242 -44.97 13.49 7.31
C THR F 242 -44.07 13.41 8.53
N ASN F 243 -42.87 12.85 8.39
CA ASN F 243 -41.89 12.82 9.48
C ASN F 243 -41.16 14.16 9.50
N ASN F 244 -41.39 14.94 10.54
CA ASN F 244 -40.73 16.24 10.66
C ASN F 244 -39.26 16.10 11.04
N ALA F 245 -38.84 14.94 11.54
CA ALA F 245 -37.46 14.75 11.96
C ALA F 245 -36.50 14.57 10.79
N LYS F 246 -37.01 14.40 9.56
CA LYS F 246 -36.17 14.22 8.38
C LYS F 246 -36.05 15.53 7.63
N THR F 247 -34.86 15.78 7.08
CA THR F 247 -34.60 17.02 6.37
C THR F 247 -35.35 17.07 5.05
N ILE F 248 -35.60 18.28 4.56
CA ILE F 248 -36.30 18.52 3.31
C ILE F 248 -35.37 19.29 2.38
N ILE F 249 -35.17 18.79 1.17
CA ILE F 249 -34.30 19.40 0.19
C ILE F 249 -35.16 20.04 -0.90
N VAL F 250 -34.96 21.33 -1.13
CA VAL F 250 -35.70 22.09 -2.13
C VAL F 250 -34.76 22.41 -3.27
N HIS F 251 -35.15 22.03 -4.49
CA HIS F 251 -34.34 22.23 -5.69
C HIS F 251 -35.04 23.24 -6.59
N LEU F 252 -34.35 24.33 -6.89
CA LEU F 252 -34.91 25.39 -7.72
C LEU F 252 -34.59 25.16 -9.20
N ASN F 253 -35.46 25.69 -10.06
CA ASN F 253 -35.22 25.66 -11.48
C ASN F 253 -34.45 26.88 -11.98
N GLU F 254 -34.26 27.89 -11.14
CA GLU F 254 -33.47 29.06 -11.48
C GLU F 254 -32.65 29.47 -10.26
N SER F 255 -31.41 29.86 -10.50
CA SER F 255 -30.51 30.23 -9.42
C SER F 255 -30.81 31.63 -8.92
N VAL F 256 -30.30 31.94 -7.73
CA VAL F 256 -30.41 33.28 -7.16
C VAL F 256 -28.99 33.81 -6.94
N GLU F 257 -28.69 34.98 -7.51
CA GLU F 257 -27.36 35.53 -7.39
C GLU F 257 -27.12 36.02 -5.96
N ILE F 258 -26.02 35.57 -5.35
CA ILE F 258 -25.64 36.01 -4.02
C ILE F 258 -24.22 36.60 -4.09
N VAL F 259 -24.06 37.80 -3.54
CA VAL F 259 -22.78 38.51 -3.57
C VAL F 259 -22.37 38.78 -2.13
N CYS F 260 -21.34 38.08 -1.67
CA CYS F 260 -20.84 38.20 -0.31
C CYS F 260 -19.48 38.86 -0.32
N VAL F 261 -19.35 39.94 0.45
CA VAL F 261 -18.16 40.79 0.39
C VAL F 261 -17.64 41.04 1.79
N ARG F 262 -16.34 40.79 1.98
CA ARG F 262 -15.60 41.33 3.10
C ARG F 262 -14.94 42.61 2.59
N PRO F 263 -15.36 43.79 3.07
CA PRO F 263 -14.93 45.05 2.44
C PRO F 263 -13.64 45.63 3.01
N ASN F 264 -13.19 45.18 4.18
CA ASN F 264 -12.05 45.80 4.83
C ASN F 264 -10.75 45.43 4.13
N ASN F 265 -9.73 46.28 4.31
CA ASN F 265 -8.41 46.09 3.73
C ASN F 265 -7.51 45.50 4.82
N MET F 266 -7.11 44.24 4.62
CA MET F 266 -6.29 43.53 5.60
C MET F 266 -4.81 43.64 5.25
N THR F 267 -3.99 43.24 6.21
CA THR F 267 -2.55 43.11 6.03
C THR F 267 -2.08 41.83 6.70
N ARG F 268 -1.21 41.08 6.02
CA ARG F 268 -0.71 39.81 6.51
C ARG F 268 0.71 39.99 7.01
N LYS F 269 0.96 39.55 8.24
CA LYS F 269 2.28 39.60 8.84
C LYS F 269 2.79 38.19 9.07
N SER F 270 3.98 37.89 8.54
CA SER F 270 4.60 36.58 8.70
C SER F 270 5.51 36.61 9.92
N ILE F 271 5.24 35.74 10.88
CA ILE F 271 5.98 35.68 12.14
C ILE F 271 6.69 34.33 12.21
N ARG F 272 7.99 34.36 12.49
CA ARG F 272 8.78 33.15 12.66
C ARG F 272 8.49 32.61 14.06
N ILE F 273 7.77 31.48 14.11
CA ILE F 273 7.49 30.86 15.41
C ILE F 273 8.64 29.94 15.80
N GLY F 274 8.94 28.95 14.96
CA GLY F 274 10.05 28.06 15.16
C GLY F 274 10.86 27.89 13.90
N PRO F 275 11.83 26.97 13.91
CA PRO F 275 12.65 26.74 12.72
C PRO F 275 11.84 26.18 11.56
N GLY F 276 11.69 26.98 10.50
CA GLY F 276 10.85 26.60 9.38
C GLY F 276 9.37 26.76 9.62
N GLN F 277 8.97 27.42 10.69
CA GLN F 277 7.56 27.61 11.04
C GLN F 277 7.21 29.09 10.92
N THR F 278 6.32 29.41 9.98
CA THR F 278 5.86 30.78 9.77
C THR F 278 4.35 30.83 9.97
N PHE F 279 3.90 31.75 10.82
CA PHE F 279 2.48 31.92 11.11
C PHE F 279 2.05 33.29 10.60
N TYR F 280 0.89 33.33 9.95
CA TYR F 280 0.40 34.54 9.29
C TYR F 280 -0.69 35.16 10.16
N ALA F 281 -0.44 36.39 10.61
CA ALA F 281 -1.34 37.10 11.51
C ALA F 281 -1.91 38.33 10.84
N LEU F 282 -3.00 38.84 11.42
CA LEU F 282 -3.69 40.01 10.92
C LEU F 282 -3.08 41.28 11.51
N ASN F 283 -2.61 42.17 10.65
CA ASN F 283 -2.07 43.45 11.06
C ASN F 283 -3.19 44.49 11.08
N GLU F 284 -2.78 45.77 11.13
CA GLU F 284 -3.74 46.86 11.23
C GLU F 284 -4.59 46.98 9.96
N ILE F 285 -5.84 47.37 10.12
CA ILE F 285 -6.77 47.50 9.01
C ILE F 285 -6.56 48.84 8.34
N ILE F 286 -6.33 48.81 7.02
CA ILE F 286 -6.22 50.03 6.22
C ILE F 286 -7.62 50.55 5.96
N GLY F 287 -7.88 51.79 6.37
CA GLY F 287 -9.17 52.41 6.14
C GLY F 287 -10.17 52.10 7.24
N ASP F 288 -11.44 52.30 6.90
CA ASP F 288 -12.53 52.09 7.85
C ASP F 288 -12.79 50.61 8.07
N ILE F 289 -13.48 50.31 9.17
CA ILE F 289 -13.84 48.95 9.53
C ILE F 289 -15.35 48.80 9.38
N ARG F 290 -15.77 47.84 8.57
CA ARG F 290 -17.18 47.62 8.29
C ARG F 290 -17.47 46.13 8.34
N GLN F 291 -18.72 45.80 8.69
CA GLN F 291 -19.13 44.40 8.78
C GLN F 291 -19.28 43.80 7.40
N ALA F 292 -18.93 42.51 7.27
CA ALA F 292 -19.17 41.80 6.03
C ALA F 292 -20.65 41.53 5.84
N HIS F 293 -21.06 41.41 4.58
CA HIS F 293 -22.48 41.27 4.27
C HIS F 293 -22.65 40.51 2.96
N CYS F 294 -23.86 39.98 2.79
CA CYS F 294 -24.27 39.33 1.54
C CYS F 294 -25.54 40.00 1.04
N ASN F 295 -25.70 40.05 -0.28
CA ASN F 295 -26.77 40.80 -0.90
C ASN F 295 -27.63 39.88 -1.78
N ILE F 296 -28.95 40.02 -1.63
CA ILE F 296 -29.93 39.23 -2.35
C ILE F 296 -30.99 40.17 -2.91
N SER F 297 -31.33 39.99 -4.19
CA SER F 297 -32.42 40.75 -4.78
C SER F 297 -33.74 40.43 -4.09
N LYS F 298 -34.50 41.47 -3.75
CA LYS F 298 -35.70 41.31 -2.95
C LYS F 298 -36.82 40.63 -3.74
N GLU F 299 -37.01 41.04 -5.00
CA GLU F 299 -38.12 40.50 -5.79
C GLU F 299 -37.85 39.07 -6.22
N LYS F 300 -36.59 38.74 -6.54
CA LYS F 300 -36.23 37.37 -6.90
C LYS F 300 -36.45 36.41 -5.74
N TRP F 301 -36.02 36.81 -4.54
CA TRP F 301 -36.20 35.97 -3.36
C TRP F 301 -37.67 35.84 -2.99
N ASN F 302 -38.45 36.92 -3.17
CA ASN F 302 -39.87 36.87 -2.89
C ASN F 302 -40.59 35.92 -3.85
N ASN F 303 -40.24 35.98 -5.14
CA ASN F 303 -40.82 35.06 -6.11
C ASN F 303 -40.40 33.63 -5.82
N THR F 304 -39.15 33.43 -5.40
CA THR F 304 -38.66 32.11 -4.99
C THR F 304 -39.48 31.56 -3.82
N LEU F 305 -39.71 32.38 -2.80
CA LEU F 305 -40.45 31.92 -1.63
C LEU F 305 -41.90 31.63 -1.98
N HIS F 306 -42.50 32.44 -2.86
CA HIS F 306 -43.87 32.17 -3.30
C HIS F 306 -43.95 30.86 -4.08
N ARG F 307 -42.95 30.60 -4.93
CA ARG F 307 -42.92 29.36 -5.70
C ARG F 307 -42.80 28.15 -4.78
N VAL F 308 -41.89 28.20 -3.80
CA VAL F 308 -41.69 27.05 -2.94
C VAL F 308 -42.87 26.89 -1.98
N TRP F 309 -43.54 27.99 -1.62
CA TRP F 309 -44.77 27.89 -0.83
C TRP F 309 -45.87 27.21 -1.62
N LYS F 310 -46.02 27.58 -2.90
CA LYS F 310 -47.04 26.95 -3.74
C LYS F 310 -46.76 25.47 -3.95
N LYS F 311 -45.48 25.11 -4.09
CA LYS F 311 -45.13 23.69 -4.20
C LYS F 311 -45.37 22.95 -2.89
N LEU F 312 -45.11 23.61 -1.75
CA LEU F 312 -45.30 22.96 -0.45
C LEU F 312 -46.78 22.85 -0.08
N VAL F 313 -47.64 23.64 -0.72
CA VAL F 313 -49.07 23.51 -0.53
C VAL F 313 -49.58 22.14 -0.96
N GLU F 314 -49.01 21.59 -2.05
CA GLU F 314 -49.49 20.34 -2.62
C GLU F 314 -49.32 19.15 -1.66
N HIS F 315 -48.18 19.06 -1.00
CA HIS F 315 -47.87 17.92 -0.15
C HIS F 315 -48.41 18.06 1.27
N PHE F 316 -49.33 18.98 1.50
CA PHE F 316 -49.92 19.24 2.80
C PHE F 316 -51.38 19.59 2.58
N PRO F 317 -52.18 19.70 3.65
CA PRO F 317 -53.53 20.26 3.52
C PRO F 317 -53.50 21.66 2.92
N ASN F 318 -54.46 21.91 2.02
CA ASN F 318 -54.44 23.14 1.23
C ASN F 318 -54.77 24.36 2.07
N LYS F 319 -55.71 24.23 3.00
CA LYS F 319 -56.11 25.35 3.85
C LYS F 319 -55.29 25.37 5.14
N THR F 320 -53.96 25.41 4.95
CA THR F 320 -53.00 25.44 6.05
C THR F 320 -52.02 26.57 5.78
N THR F 321 -51.98 27.55 6.68
CA THR F 321 -51.01 28.62 6.55
C THR F 321 -49.61 28.10 6.83
N ILE F 322 -48.61 28.72 6.20
CA ILE F 322 -47.23 28.29 6.32
C ILE F 322 -46.39 29.45 6.81
N ARG F 323 -45.65 29.23 7.89
CA ARG F 323 -44.80 30.24 8.49
C ARG F 323 -43.34 29.89 8.22
N PHE F 324 -42.55 30.90 7.87
CA PHE F 324 -41.10 30.75 7.77
C PHE F 324 -40.48 31.44 8.98
N ASP F 325 -39.60 30.72 9.67
CA ASP F 325 -38.93 31.24 10.85
C ASP F 325 -37.46 30.90 10.78
N ARG F 326 -36.66 31.70 11.49
CA ARG F 326 -35.22 31.45 11.61
C ARG F 326 -34.98 30.21 12.47
N HIS F 327 -33.72 29.78 12.53
CA HIS F 327 -33.38 28.60 13.31
C HIS F 327 -33.56 28.86 14.81
N SER F 328 -34.01 27.81 15.50
CA SER F 328 -34.35 27.94 16.92
C SER F 328 -33.12 28.25 17.77
N GLY F 329 -32.01 27.56 17.51
CA GLY F 329 -30.81 27.78 18.27
C GLY F 329 -29.86 26.61 18.15
N GLY F 330 -28.68 26.79 18.73
CA GLY F 330 -27.63 25.81 18.69
C GLY F 330 -26.30 26.48 18.46
N ASP F 331 -25.34 25.71 17.94
CA ASP F 331 -24.03 26.24 17.62
C ASP F 331 -24.10 27.18 16.42
N LEU F 332 -23.09 28.04 16.30
CA LEU F 332 -23.06 29.03 15.23
C LEU F 332 -22.91 28.39 13.86
N GLU F 333 -22.38 27.16 13.79
CA GLU F 333 -22.16 26.50 12.51
C GLU F 333 -23.48 26.15 11.83
N ILE F 334 -24.52 25.84 12.60
CA ILE F 334 -25.78 25.40 12.04
C ILE F 334 -26.77 26.56 11.96
N THR F 335 -26.79 27.39 13.01
CA THR F 335 -27.75 28.50 13.09
C THR F 335 -27.57 29.55 12.00
N THR F 336 -26.36 29.70 11.46
CA THR F 336 -26.10 30.68 10.42
C THR F 336 -25.57 29.98 9.17
N HIS F 337 -25.66 30.68 8.04
CA HIS F 337 -25.12 30.17 6.78
C HIS F 337 -23.60 30.22 6.85
N SER F 338 -22.96 29.07 7.00
CA SER F 338 -21.51 28.98 7.02
C SER F 338 -21.02 28.40 5.69
N PHE F 339 -20.04 29.06 5.10
CA PHE F 339 -19.56 28.69 3.77
C PHE F 339 -18.15 29.25 3.59
N ASN F 340 -17.55 28.95 2.44
CA ASN F 340 -16.23 29.44 2.08
C ASN F 340 -16.36 30.54 1.04
N CYS F 341 -15.54 31.59 1.21
CA CYS F 341 -15.53 32.70 0.28
C CYS F 341 -14.11 33.25 0.22
N GLY F 342 -13.37 32.84 -0.82
CA GLY F 342 -12.01 33.30 -1.00
C GLY F 342 -11.03 32.85 0.06
N GLY F 343 -11.28 31.68 0.66
CA GLY F 343 -10.45 31.20 1.74
C GLY F 343 -10.86 31.67 3.12
N GLU F 344 -11.69 32.71 3.21
CA GLU F 344 -12.20 33.19 4.48
C GLU F 344 -13.57 32.60 4.74
N PHE F 345 -13.80 32.16 5.97
CA PHE F 345 -15.01 31.42 6.31
C PHE F 345 -16.02 32.39 6.89
N PHE F 346 -17.20 32.49 6.26
CA PHE F 346 -18.23 33.45 6.63
C PHE F 346 -19.32 32.73 7.42
N TYR F 347 -19.90 33.43 8.38
CA TYR F 347 -21.04 32.93 9.17
C TYR F 347 -22.10 34.03 9.14
N CYS F 348 -23.08 33.89 8.26
CA CYS F 348 -24.00 34.96 7.91
C CYS F 348 -25.37 34.71 8.51
N ASN F 349 -25.88 35.71 9.23
CA ASN F 349 -27.21 35.65 9.84
C ASN F 349 -28.28 35.58 8.76
N THR F 350 -29.22 34.62 8.91
CA THR F 350 -30.22 34.35 7.91
C THR F 350 -31.64 34.57 8.43
N SER F 351 -31.84 35.57 9.29
CA SER F 351 -33.16 35.81 9.85
C SER F 351 -34.09 36.48 8.84
N GLY F 352 -33.53 37.30 7.95
CA GLY F 352 -34.35 38.05 7.01
C GLY F 352 -35.05 37.19 5.97
N LEU F 353 -34.36 36.17 5.45
CA LEU F 353 -34.91 35.34 4.39
C LEU F 353 -36.02 34.41 4.85
N PHE F 354 -36.20 34.25 6.16
CA PHE F 354 -37.19 33.35 6.73
C PHE F 354 -38.06 34.11 7.73
N ASN F 355 -38.58 35.25 7.27
CA ASN F 355 -39.30 36.19 8.10
C ASN F 355 -40.62 36.58 7.42
N ILE F 356 -41.39 35.57 7.01
CA ILE F 356 -42.61 35.78 6.25
C ILE F 356 -43.55 34.60 6.44
N THR F 357 -44.85 34.90 6.54
CA THR F 357 -45.89 33.89 6.62
C THR F 357 -46.89 34.12 5.49
N TYR F 358 -47.47 33.04 4.97
CA TYR F 358 -48.36 33.10 3.82
C TYR F 358 -49.70 32.46 4.19
N ASN F 359 -50.78 33.21 4.00
CA ASN F 359 -52.11 32.71 4.25
C ASN F 359 -52.51 31.70 3.16
N SER F 360 -53.58 30.96 3.43
CA SER F 360 -54.07 29.96 2.50
C SER F 360 -54.73 30.58 1.26
N ASN F 361 -54.97 31.89 1.27
CA ASN F 361 -55.55 32.58 0.13
C ASN F 361 -54.66 32.54 -1.11
N THR F 372 -36.09 47.18 -7.05
CA THR F 372 -34.64 47.03 -7.14
C THR F 372 -34.00 47.07 -5.75
N LYS F 373 -34.84 46.99 -4.71
CA LYS F 373 -34.34 46.94 -3.35
C LYS F 373 -33.63 45.61 -3.10
N VAL F 374 -32.69 45.63 -2.15
CA VAL F 374 -31.83 44.48 -1.88
C VAL F 374 -31.88 44.17 -0.40
N ILE F 375 -32.16 42.92 -0.06
CA ILE F 375 -32.08 42.46 1.33
C ILE F 375 -30.61 42.23 1.66
N THR F 376 -30.14 42.90 2.72
CA THR F 376 -28.75 42.84 3.14
C THR F 376 -28.70 42.30 4.57
N LEU F 377 -27.81 41.34 4.81
CA LEU F 377 -27.73 40.62 6.07
C LEU F 377 -26.31 40.70 6.64
N PRO F 378 -26.15 40.64 7.95
CA PRO F 378 -24.80 40.70 8.54
C PRO F 378 -24.08 39.36 8.45
N CYS F 379 -22.76 39.43 8.52
CA CYS F 379 -21.90 38.26 8.52
C CYS F 379 -20.76 38.47 9.50
N ARG F 380 -20.30 37.38 10.09
CA ARG F 380 -19.16 37.37 10.98
C ARG F 380 -18.08 36.43 10.43
N ILE F 381 -16.87 36.56 10.96
CA ILE F 381 -15.73 35.80 10.47
C ILE F 381 -15.12 35.03 11.64
N LYS F 382 -14.92 33.73 11.45
CA LYS F 382 -14.23 32.87 12.41
C LYS F 382 -12.96 32.31 11.78
N GLN F 383 -11.90 32.21 12.59
CA GLN F 383 -10.65 31.64 12.12
C GLN F 383 -10.38 30.25 12.68
N ILE F 384 -11.00 29.88 13.80
CA ILE F 384 -10.87 28.54 14.36
C ILE F 384 -12.09 27.74 13.90
N ILE F 385 -11.83 26.69 13.13
CA ILE F 385 -12.87 25.99 12.38
C ILE F 385 -12.93 24.54 12.86
N ASN F 386 -14.15 24.06 13.12
CA ASN F 386 -14.42 22.66 13.41
C ASN F 386 -15.45 22.18 12.40
N MET F 387 -14.97 21.68 11.27
CA MET F 387 -15.82 21.32 10.14
C MET F 387 -16.02 19.80 10.12
N TRP F 388 -17.18 19.38 9.59
CA TRP F 388 -17.81 18.07 9.73
C TRP F 388 -18.20 17.77 11.17
N GLN F 389 -18.37 18.80 12.01
CA GLN F 389 -18.74 18.68 13.42
C GLN F 389 -17.75 17.82 14.21
N GLU F 390 -16.48 17.88 13.83
CA GLU F 390 -15.47 17.07 14.48
C GLU F 390 -14.94 17.77 15.74
N VAL F 391 -14.60 16.95 16.74
CA VAL F 391 -14.06 17.44 18.01
C VAL F 391 -12.64 16.90 18.14
N GLY F 392 -11.70 17.79 18.44
CA GLY F 392 -10.30 17.43 18.52
C GLY F 392 -9.53 17.63 17.24
N ARG F 393 -10.17 18.05 16.16
CA ARG F 393 -9.52 18.33 14.88
C ARG F 393 -9.98 19.73 14.46
N ALA F 394 -9.06 20.69 14.51
CA ALA F 394 -9.40 22.09 14.28
C ALA F 394 -8.43 22.72 13.29
N MET F 395 -8.91 23.77 12.62
CA MET F 395 -8.23 24.42 11.51
C MET F 395 -8.11 25.91 11.79
N TYR F 396 -6.92 26.47 11.53
CA TYR F 396 -6.73 27.91 11.57
C TYR F 396 -6.71 28.46 10.15
N ALA F 397 -7.47 29.52 9.93
CA ALA F 397 -7.58 30.14 8.61
C ALA F 397 -6.63 31.33 8.52
N PRO F 398 -5.62 31.29 7.65
CA PRO F 398 -4.77 32.47 7.43
C PRO F 398 -5.57 33.59 6.79
N PRO F 399 -5.30 34.84 7.16
CA PRO F 399 -6.01 35.96 6.54
C PRO F 399 -5.55 36.19 5.11
N ILE F 400 -6.39 36.91 4.37
CA ILE F 400 -6.10 37.29 2.99
C ILE F 400 -6.08 38.82 2.92
N ALA F 401 -4.99 39.38 2.43
CA ALA F 401 -4.84 40.82 2.36
C ALA F 401 -5.82 41.43 1.35
N GLY F 402 -6.21 42.67 1.60
CA GLY F 402 -7.18 43.33 0.75
C GLY F 402 -8.61 42.96 1.10
N ASN F 403 -9.49 43.16 0.13
CA ASN F 403 -10.91 42.87 0.24
C ASN F 403 -11.27 41.62 -0.55
N ILE F 404 -12.43 41.03 -0.23
CA ILE F 404 -12.85 39.77 -0.81
C ILE F 404 -14.29 39.89 -1.30
N THR F 405 -14.54 39.44 -2.53
CA THR F 405 -15.88 39.40 -3.08
C THR F 405 -16.12 38.04 -3.73
N CYS F 406 -17.22 37.39 -3.37
CA CYS F 406 -17.61 36.12 -3.98
C CYS F 406 -19.04 36.24 -4.47
N THR F 407 -19.25 35.96 -5.75
CA THR F 407 -20.59 35.90 -6.33
C THR F 407 -20.89 34.45 -6.69
N SER F 408 -21.98 33.91 -6.14
CA SER F 408 -22.33 32.51 -6.29
C SER F 408 -23.82 32.41 -6.61
N ASN F 409 -24.26 31.17 -6.81
CA ASN F 409 -25.63 30.87 -7.19
C ASN F 409 -26.31 30.05 -6.11
N ILE F 410 -27.49 30.49 -5.69
CA ILE F 410 -28.36 29.73 -4.81
C ILE F 410 -29.16 28.78 -5.70
N THR F 411 -28.93 27.48 -5.52
CA THR F 411 -29.58 26.45 -6.30
C THR F 411 -30.33 25.42 -5.46
N GLY F 412 -30.28 25.52 -4.14
CA GLY F 412 -30.98 24.57 -3.29
C GLY F 412 -31.16 25.12 -1.89
N LEU F 413 -32.12 24.53 -1.18
CA LEU F 413 -32.44 24.92 0.19
C LEU F 413 -32.57 23.67 1.05
N LEU F 414 -32.23 23.81 2.32
CA LEU F 414 -32.41 22.76 3.32
C LEU F 414 -33.35 23.27 4.39
N LEU F 415 -34.46 22.56 4.59
CA LEU F 415 -35.51 23.00 5.49
C LEU F 415 -35.85 21.89 6.48
N THR F 416 -36.38 22.28 7.63
CA THR F 416 -36.82 21.35 8.66
C THR F 416 -38.16 21.80 9.20
N ARG F 417 -39.11 20.88 9.29
CA ARG F 417 -40.43 21.16 9.84
C ARG F 417 -40.44 20.87 11.34
N ASP F 418 -41.18 21.69 12.07
CA ASP F 418 -41.35 21.50 13.50
C ASP F 418 -42.64 20.72 13.76
N GLY F 419 -42.69 20.08 14.93
CA GLY F 419 -43.84 19.28 15.30
C GLY F 419 -45.01 20.10 15.78
N GLY F 420 -46.07 20.17 14.98
CA GLY F 420 -47.27 20.88 15.36
C GLY F 420 -48.22 19.97 16.13
N ASN F 421 -48.80 20.51 17.19
CA ASN F 421 -49.73 19.75 18.01
C ASN F 421 -51.04 19.56 17.28
N ASN F 422 -51.34 18.31 16.92
CA ASN F 422 -52.52 17.90 16.14
C ASN F 422 -52.54 18.67 14.82
N SER F 423 -53.72 19.02 14.33
CA SER F 423 -53.88 19.81 13.11
C SER F 423 -54.27 21.22 13.51
N THR F 424 -53.28 22.07 13.71
CA THR F 424 -53.50 23.48 14.03
C THR F 424 -53.63 24.35 12.78
N GLU F 425 -53.70 23.72 11.60
CA GLU F 425 -53.76 24.41 10.30
C GLU F 425 -52.57 25.32 10.07
N THR F 426 -51.43 24.98 10.65
CA THR F 426 -50.21 25.75 10.44
C THR F 426 -49.01 24.82 10.50
N GLU F 427 -48.07 25.04 9.59
CA GLU F 427 -46.81 24.31 9.57
C GLU F 427 -45.68 25.31 9.39
N THR F 428 -44.69 25.25 10.28
CA THR F 428 -43.56 26.16 10.21
C THR F 428 -42.31 25.40 9.78
N PHE F 429 -41.45 26.09 9.04
CA PHE F 429 -40.20 25.52 8.53
C PHE F 429 -39.05 26.45 8.88
N ARG F 430 -37.94 25.87 9.31
CA ARG F 430 -36.75 26.62 9.67
C ARG F 430 -35.55 26.06 8.92
N PRO F 431 -34.57 26.90 8.58
CA PRO F 431 -33.38 26.38 7.91
C PRO F 431 -32.55 25.51 8.84
N GLY F 432 -32.10 24.37 8.31
CA GLY F 432 -31.37 23.39 9.08
C GLY F 432 -30.07 23.01 8.39
N GLY F 433 -29.73 21.74 8.54
CA GLY F 433 -28.49 21.23 7.99
C GLY F 433 -27.68 20.46 9.00
N GLY F 434 -26.38 20.75 9.08
CA GLY F 434 -25.51 20.07 10.03
C GLY F 434 -24.86 18.83 9.44
N ASP F 435 -25.63 18.08 8.64
CA ASP F 435 -25.13 16.89 7.97
C ASP F 435 -24.68 17.30 6.57
N MET F 436 -23.37 17.32 6.35
CA MET F 436 -22.84 17.65 5.03
C MET F 436 -23.10 16.54 4.02
N ARG F 437 -23.48 15.34 4.48
CA ARG F 437 -23.87 14.26 3.58
C ARG F 437 -25.04 14.68 2.71
N ASP F 438 -26.00 15.40 3.30
CA ASP F 438 -27.11 15.97 2.54
C ASP F 438 -26.63 16.90 1.45
N ASN F 439 -25.51 17.60 1.69
CA ASN F 439 -24.93 18.46 0.66
C ASN F 439 -24.48 17.65 -0.55
N TRP F 440 -24.03 16.41 -0.33
CA TRP F 440 -23.73 15.57 -1.48
C TRP F 440 -24.97 14.83 -1.97
N ARG F 441 -26.05 14.83 -1.19
CA ARG F 441 -27.23 14.07 -1.58
C ARG F 441 -28.07 14.83 -2.60
N SER F 442 -27.98 16.16 -2.58
CA SER F 442 -28.73 16.97 -3.55
C SER F 442 -28.07 16.96 -4.93
N GLU F 443 -26.84 16.49 -5.03
CA GLU F 443 -26.15 16.36 -6.32
C GLU F 443 -26.03 14.92 -6.79
N LEU F 444 -26.17 13.96 -5.88
CA LEU F 444 -26.11 12.54 -6.21
C LEU F 444 -27.47 11.86 -6.17
N TYR F 445 -28.56 12.63 -6.30
CA TYR F 445 -29.89 12.05 -6.22
C TYR F 445 -30.19 11.20 -7.45
N LYS F 446 -29.70 11.60 -8.61
CA LYS F 446 -30.05 10.94 -9.86
C LYS F 446 -29.16 9.76 -10.20
N TYR F 447 -28.11 9.51 -9.43
CA TYR F 447 -27.12 8.50 -9.75
C TYR F 447 -27.24 7.31 -8.80
N LYS F 448 -27.16 6.11 -9.36
CA LYS F 448 -27.14 4.89 -8.55
C LYS F 448 -26.12 3.91 -9.12
N VAL F 449 -25.69 2.99 -8.27
CA VAL F 449 -24.63 2.04 -8.60
C VAL F 449 -25.21 0.65 -8.70
N VAL F 450 -24.94 -0.04 -9.81
CA VAL F 450 -25.46 -1.39 -10.04
C VAL F 450 -24.30 -2.31 -10.42
N GLU F 451 -24.49 -3.60 -10.15
CA GLU F 451 -23.50 -4.63 -10.42
C GLU F 451 -24.00 -5.53 -11.55
N ILE F 452 -23.13 -5.79 -12.52
CA ILE F 452 -23.49 -6.64 -13.65
C ILE F 452 -23.40 -8.10 -13.24
N LYS F 453 -24.38 -8.89 -13.67
CA LYS F 453 -24.41 -10.33 -13.49
C LYS F 453 -24.53 -10.98 -14.86
N PRO F 454 -23.46 -10.97 -15.66
CA PRO F 454 -23.60 -11.25 -17.10
C PRO F 454 -24.01 -12.69 -17.42
N LEU F 455 -23.86 -13.61 -16.49
CA LEU F 455 -24.27 -14.99 -16.74
C LEU F 455 -25.79 -15.09 -16.77
N GLY F 456 -26.31 -15.87 -17.72
CA GLY F 456 -27.74 -16.04 -17.87
C GLY F 456 -28.07 -17.42 -18.40
N ILE F 457 -29.32 -17.82 -18.16
CA ILE F 457 -29.83 -19.12 -18.54
C ILE F 457 -31.08 -18.94 -19.37
N ALA F 458 -31.21 -19.71 -20.45
CA ALA F 458 -32.41 -19.61 -21.28
C ALA F 458 -32.72 -20.98 -21.87
N PRO F 459 -34.00 -21.37 -21.92
CA PRO F 459 -34.35 -22.59 -22.65
C PRO F 459 -34.40 -22.35 -24.15
N THR F 460 -33.78 -23.25 -24.89
CA THR F 460 -33.74 -23.15 -26.35
C THR F 460 -33.81 -24.56 -26.92
N GLY F 461 -34.24 -24.65 -28.18
CA GLY F 461 -34.29 -25.93 -28.87
C GLY F 461 -32.95 -26.47 -29.33
N CYS F 462 -31.86 -25.77 -29.04
CA CYS F 462 -30.53 -26.20 -29.40
C CYS F 462 -30.01 -27.23 -28.39
N LYS F 463 -29.38 -28.28 -28.91
CA LYS F 463 -28.81 -29.34 -28.09
C LYS F 463 -27.36 -29.55 -28.49
N ARG F 464 -26.50 -29.71 -27.48
CA ARG F 464 -25.10 -29.96 -27.75
C ARG F 464 -24.88 -31.41 -28.21
N ARG F 465 -23.73 -31.64 -28.83
CA ARG F 465 -23.41 -32.95 -29.38
C ARG F 465 -22.75 -33.80 -28.29
N VAL F 466 -22.29 -35.00 -28.68
CA VAL F 466 -21.62 -35.90 -27.74
C VAL F 466 -20.17 -36.11 -28.17
C1 NAG G . -10.17 -46.23 3.49
C2 NAG G . -11.33 -45.73 2.62
C3 NAG G . -12.58 -46.54 2.95
C4 NAG G . -12.30 -48.04 2.72
C5 NAG G . -11.06 -48.44 3.53
C6 NAG G . -10.62 -49.87 3.33
C7 NAG G . -11.44 -43.48 1.75
C8 NAG G . -11.71 -42.03 2.04
N2 NAG G . -11.56 -44.32 2.77
O3 NAG G . -13.61 -46.03 2.15
O4 NAG G . -13.43 -48.79 3.14
O5 NAG G . -9.96 -47.59 3.20
O6 NAG G . -9.41 -50.10 4.03
O7 NAG G . -11.11 -43.86 0.62
C1 NAG G . -14.21 -49.22 1.99
C2 NAG G . -14.73 -50.65 2.23
C3 NAG G . -15.74 -51.05 1.16
C4 NAG G . -16.81 -49.98 0.95
C5 NAG G . -16.12 -48.63 0.69
C6 NAG G . -17.08 -47.48 0.49
C7 NAG G . -12.75 -51.99 1.41
C8 NAG G . -11.80 -53.07 1.87
N2 NAG G . -13.67 -51.63 2.34
O3 NAG G . -16.31 -52.28 1.54
O4 NAG G . -17.60 -50.39 -0.15
O5 NAG G . -15.29 -48.34 1.80
O6 NAG G . -17.68 -47.56 -0.78
O7 NAG G . -12.64 -51.52 0.29
C1 NAG H . 3.57 11.96 49.02
C2 NAG H . 2.54 11.96 50.17
C3 NAG H . 1.57 13.12 49.94
C4 NAG H . 2.29 14.46 49.82
C5 NAG H . 3.43 14.35 48.79
C6 NAG H . 4.34 15.56 48.75
C7 NAG H . 1.50 10.16 51.46
C8 NAG H . 0.68 8.89 51.37
N2 NAG H . 1.78 10.75 50.27
O3 NAG H . 0.65 13.13 51.00
O4 NAG H . 1.32 15.40 49.41
O5 NAG H . 4.23 13.20 49.04
O6 NAG H . 4.71 15.87 47.43
O7 NAG H . 1.88 10.59 52.53
C1 NAG H . 1.18 16.42 50.42
C2 NAG H . 0.66 17.69 49.74
C3 NAG H . 0.50 18.80 50.78
C4 NAG H . -0.39 18.33 51.93
C5 NAG H . 0.15 17.00 52.49
C6 NAG H . -0.70 16.41 53.59
C7 NAG H . 1.26 17.96 47.36
C8 NAG H . 2.34 18.44 46.41
N2 NAG H . 1.55 18.08 48.67
O3 NAG H . -0.04 19.92 50.14
O4 NAG H . -0.38 19.34 52.91
O5 NAG H . 0.26 16.06 51.43
O6 NAG H . -2.05 16.36 53.17
O7 NAG H . 0.21 17.50 46.95
C1 NAG I . 7.50 -38.39 19.11
C2 NAG I . 8.95 -38.41 19.60
C3 NAG I . 9.84 -38.64 18.38
C4 NAG I . 9.45 -39.92 17.64
C5 NAG I . 7.92 -39.96 17.40
C6 NAG I . 7.41 -41.27 16.85
C7 NAG I . 9.29 -37.08 21.64
C8 NAG I . 9.64 -35.72 22.16
N2 NAG I . 9.27 -37.19 20.29
O3 NAG I . 11.18 -38.68 18.83
O4 NAG I . 10.15 -39.90 16.42
O5 NAG I . 7.21 -39.67 18.60
O6 NAG I . 6.01 -41.23 16.72
O7 NAG I . 9.02 -38.00 22.38
C1 NAG I . 11.08 -41.00 16.32
C2 NAG I . 12.10 -40.67 15.23
C3 NAG I . 13.09 -41.82 15.11
C4 NAG I . 13.75 -42.12 16.45
C5 NAG I . 12.66 -42.34 17.51
C6 NAG I . 13.18 -42.57 18.90
C7 NAG I . 11.49 -39.23 13.34
C8 NAG I . 10.74 -39.18 12.02
N2 NAG I . 11.45 -40.41 13.96
O3 NAG I . 14.02 -41.46 14.11
O4 NAG I . 14.56 -43.27 16.29
O5 NAG I . 11.78 -41.22 17.53
O6 NAG I . 12.12 -42.63 19.82
O7 NAG I . 12.08 -38.24 13.76
C1 BMA I . 15.95 -42.91 16.40
C2 BMA I . 16.70 -44.10 16.99
C3 BMA I . 18.22 -43.83 17.08
C4 BMA I . 18.77 -42.76 16.10
C5 BMA I . 17.87 -42.46 14.90
C6 BMA I . 18.24 -43.25 13.63
O2 BMA I . 16.39 -45.23 16.22
O3 BMA I . 18.85 -45.08 16.93
O4 BMA I . 18.97 -41.60 16.89
O5 BMA I . 16.48 -42.57 15.13
O6 BMA I . 18.03 -44.62 13.88
C1 NAG J . -8.12 -16.22 31.16
C2 NAG J . -7.58 -14.80 31.40
C3 NAG J . -8.32 -14.16 32.57
C4 NAG J . -9.85 -14.25 32.41
C5 NAG J . -10.22 -15.71 32.12
C6 NAG J . -11.70 -15.97 31.89
C7 NAG J . -5.23 -14.28 30.87
C8 NAG J . -3.82 -14.43 31.36
N2 NAG J . -6.18 -14.83 31.66
O3 NAG J . -7.90 -12.83 32.67
O4 NAG J . -10.40 -13.77 33.61
O5 NAG J . -9.52 -16.15 30.99
O6 NAG J . -12.18 -15.08 30.91
O7 NAG J . -5.49 -13.69 29.83
C1 NAG J . -11.26 -12.64 33.32
C2 NAG J . -11.77 -12.05 34.64
C3 NAG J . -12.68 -10.87 34.34
C4 NAG J . -12.03 -9.85 33.40
C5 NAG J . -11.42 -10.58 32.18
C6 NAG J . -10.61 -9.69 31.26
C7 NAG J . -12.13 -13.43 36.66
C8 NAG J . -13.01 -14.49 37.26
N2 NAG J . -12.47 -13.04 35.42
O3 NAG J . -13.05 -10.28 35.57
O4 NAG J . -13.07 -8.97 33.01
O5 NAG J . -10.57 -11.62 32.64
O6 NAG J . -9.56 -9.09 31.98
O7 NAG J . -11.17 -12.96 37.27
C1 BMA J . -12.73 -7.62 33.40
C2 BMA J . -13.24 -6.70 32.31
C3 BMA J . -12.93 -5.22 32.65
C4 BMA J . -12.75 -4.89 34.16
C5 BMA J . -13.36 -5.93 35.11
C6 BMA J . -14.78 -5.56 35.55
O2 BMA J . -14.61 -6.94 32.14
O3 BMA J . -13.94 -4.46 32.04
O4 BMA J . -11.35 -4.78 34.36
O5 BMA J . -13.31 -7.28 34.65
O6 BMA J . -15.66 -6.55 35.04
C1 MAN J . -13.32 -3.59 31.05
C2 MAN J . -14.31 -2.46 30.73
C3 MAN J . -15.53 -3.04 30.00
C4 MAN J . -15.09 -3.76 28.73
C5 MAN J . -14.06 -4.85 29.10
C6 MAN J . -13.44 -5.47 27.87
O2 MAN J . -13.62 -1.55 29.94
O3 MAN J . -16.39 -1.96 29.71
O4 MAN J . -16.25 -4.31 28.14
O5 MAN J . -13.01 -4.30 29.87
O6 MAN J . -14.31 -6.44 27.34
C1 MAN J . -13.53 -0.28 30.62
C2 MAN J . -13.35 0.80 29.56
C3 MAN J . -12.04 0.53 28.81
C4 MAN J . -10.86 0.49 29.78
C5 MAN J . -11.14 -0.47 30.94
C6 MAN J . -10.14 -0.31 32.07
O2 MAN J . -13.33 2.04 30.22
O3 MAN J . -11.89 1.54 27.85
O4 MAN J . -9.74 0.06 29.03
O5 MAN J . -12.43 -0.25 31.50
O6 MAN J . -10.06 1.05 32.42
C1 MAN J . -16.28 -7.23 36.15
C2 MAN J . -16.25 -8.73 35.85
C3 MAN J . -17.09 -9.02 34.62
C4 MAN J . -18.52 -8.51 34.80
C5 MAN J . -18.51 -7.03 35.21
C6 MAN J . -19.88 -6.56 35.64
O2 MAN J . -16.73 -9.38 36.99
O3 MAN J . -17.06 -10.42 34.41
O4 MAN J . -19.20 -8.72 33.58
O5 MAN J . -17.63 -6.82 36.30
O6 MAN J . -20.43 -7.52 36.52
C1 NAG K . 20.05 -34.85 20.29
C2 NAG K . 20.90 -34.83 19.01
C3 NAG K . 22.05 -35.81 19.13
C4 NAG K . 22.85 -35.60 20.43
C5 NAG K . 21.87 -35.61 21.61
C6 NAG K . 22.50 -35.37 22.97
C7 NAG K . 19.72 -34.26 16.92
C8 NAG K . 18.85 -34.82 15.82
N2 NAG K . 20.08 -35.14 17.86
O3 NAG K . 22.85 -35.67 17.99
O4 NAG K . 23.78 -36.65 20.51
O5 NAG K . 20.88 -34.61 21.40
O6 NAG K . 23.26 -34.18 22.94
O7 NAG K . 20.04 -33.08 16.93
C1 NAG K . 25.11 -36.11 20.48
C2 NAG K . 26.06 -37.18 21.04
C3 NAG K . 27.51 -36.70 20.91
C4 NAG K . 27.81 -36.28 19.47
C5 NAG K . 26.80 -35.22 19.06
C6 NAG K . 26.97 -34.68 17.65
C7 NAG K . 25.25 -38.67 22.83
C8 NAG K . 25.00 -38.76 24.32
N2 NAG K . 25.75 -37.48 22.41
O3 NAG K . 28.34 -37.74 21.35
O4 NAG K . 29.14 -35.80 19.43
O5 NAG K . 25.50 -35.77 19.17
O6 NAG K . 25.92 -33.80 17.35
O7 NAG K . 25.03 -39.61 22.08
C1 BMA K . 29.98 -36.69 18.64
C2 BMA K . 31.35 -36.71 19.32
C3 BMA K . 32.32 -37.68 18.60
C4 BMA K . 31.67 -38.82 17.78
C5 BMA K . 30.21 -39.12 18.15
C6 BMA K . 30.06 -40.26 19.15
O2 BMA K . 31.16 -37.02 20.67
O3 BMA K . 33.19 -38.15 19.60
O4 BMA K . 31.77 -38.41 16.43
O5 BMA K . 29.45 -38.00 18.57
O6 BMA K . 30.61 -39.87 20.38
C1 NAG L . -4.94 -37.21 32.87
C2 NAG L . -6.16 -38.07 33.22
C3 NAG L . -5.89 -38.80 34.54
C4 NAG L . -4.56 -39.55 34.52
C5 NAG L . -3.44 -38.58 34.07
C6 NAG L . -2.08 -39.20 33.98
C7 NAG L . -8.26 -37.16 32.33
C8 NAG L . -9.43 -36.26 32.65
N2 NAG L . -7.34 -37.27 33.31
O3 NAG L . -6.99 -39.65 34.79
O4 NAG L . -4.32 -40.05 35.83
O5 NAG L . -3.79 -38.03 32.81
O6 NAG L . -2.16 -40.46 33.33
O7 NAG L . -8.17 -37.73 31.25
C1 NAG L . -4.37 -41.49 35.81
C2 NAG L . -3.58 -42.02 37.02
C3 NAG L . -3.70 -43.55 37.08
C4 NAG L . -5.16 -44.00 37.02
C5 NAG L . -5.84 -43.36 35.81
C6 NAG L . -7.31 -43.69 35.68
C7 NAG L . -1.60 -40.85 37.86
C8 NAG L . -0.13 -40.57 37.60
N2 NAG L . -2.20 -41.64 36.96
O3 NAG L . -3.05 -43.99 38.24
O4 NAG L . -5.17 -45.41 36.95
O5 NAG L . -5.70 -41.96 35.89
O6 NAG L . -8.01 -43.18 36.79
O7 NAG L . -2.17 -40.36 38.83
C1 NAG M . -4.97 -17.27 49.06
C2 NAG M . -6.16 -16.39 49.47
C3 NAG M . -5.78 -15.64 50.75
C4 NAG M . -5.27 -16.58 51.85
C5 NAG M . -4.22 -17.56 51.29
C6 NAG M . -3.82 -18.67 52.24
C7 NAG M . -7.61 -15.60 47.66
C8 NAG M . -7.78 -14.51 46.63
N2 NAG M . -6.51 -15.47 48.43
O3 NAG M . -6.91 -14.92 51.17
O4 NAG M . -4.73 -15.75 52.85
O5 NAG M . -4.72 -18.17 50.12
O6 NAG M . -3.16 -19.70 51.54
O7 NAG M . -8.42 -16.50 47.78
C1 NAG M . -5.39 -15.96 54.11
C2 NAG M . -4.46 -15.42 55.22
C3 NAG M . -5.14 -15.57 56.59
C4 NAG M . -6.53 -14.96 56.58
C5 NAG M . -7.34 -15.53 55.40
C6 NAG M . -8.74 -14.97 55.27
C7 NAG M . -2.79 -17.31 55.36
C8 NAG M . -1.30 -17.54 55.25
N2 NAG M . -3.14 -16.01 55.18
O3 NAG M . -4.27 -15.01 57.53
O4 NAG M . -7.15 -15.27 57.82
O5 NAG M . -6.63 -15.29 54.19
O6 NAG M . -8.68 -13.56 55.13
O7 NAG M . -3.55 -18.23 55.57
C1 BMA M . -7.17 -14.10 58.66
C2 BMA M . -8.61 -13.71 58.93
C3 BMA M . -8.68 -12.48 59.87
C4 BMA M . -7.48 -12.28 60.82
C5 BMA M . -6.58 -13.51 61.01
C6 BMA M . -6.91 -14.34 62.26
O2 BMA M . -9.29 -14.83 59.45
O3 BMA M . -9.92 -12.57 60.54
O4 BMA M . -6.73 -11.21 60.27
O5 BMA M . -6.49 -14.38 59.88
O6 BMA M . -8.23 -14.79 62.18
C1 MAN M . -10.61 -11.30 60.45
C2 MAN M . -11.77 -11.35 61.45
C3 MAN M . -12.83 -12.34 60.98
C4 MAN M . -13.32 -11.98 59.57
C5 MAN M . -12.11 -11.93 58.63
C6 MAN M . -12.49 -11.39 57.26
O2 MAN M . -12.28 -10.05 61.55
O3 MAN M . -13.89 -12.31 61.91
O4 MAN M . -14.25 -12.96 59.18
O5 MAN M . -11.10 -11.07 59.15
O6 MAN M . -11.32 -11.29 56.48
C1 NAG N . 11.43 -16.59 45.83
C2 NAG N . 12.74 -15.90 45.40
C3 NAG N . 13.90 -16.79 45.85
C4 NAG N . 13.84 -17.14 47.34
C5 NAG N . 12.42 -17.57 47.74
C6 NAG N . 12.22 -17.72 49.23
C7 NAG N . 12.97 -14.50 43.38
C8 NAG N . 13.05 -14.55 41.88
N2 NAG N . 12.84 -15.70 43.98
O3 NAG N . 15.07 -16.10 45.48
O4 NAG N . 14.73 -18.21 47.55
O5 NAG N . 11.45 -16.66 47.24
O6 NAG N . 10.88 -18.06 49.51
O7 NAG N . 13.04 -13.45 43.99
C1 NAG N . 15.95 -17.78 48.17
C2 NAG N . 16.46 -18.90 49.08
C3 NAG N . 17.89 -18.62 49.55
C4 NAG N . 18.81 -18.19 48.40
C5 NAG N . 18.17 -17.03 47.65
C6 NAG N . 18.96 -16.54 46.45
C7 NAG N . 14.83 -20.16 50.43
C8 NAG N . 13.99 -20.10 51.68
N2 NAG N . 15.59 -19.07 50.20
O3 NAG N . 18.36 -19.77 50.21
O4 NAG N . 20.13 -17.89 48.86
O5 NAG N . 16.91 -17.48 47.17
O6 NAG N . 18.16 -15.68 45.68
O7 NAG N . 14.80 -21.13 49.69
C1 BMA N . 20.14 -16.93 49.95
C2 BMA N . 21.12 -17.45 50.99
C3 BMA N . 21.02 -16.55 52.25
C4 BMA N . 20.81 -15.04 51.97
C5 BMA N . 20.84 -14.61 50.49
C6 BMA N . 22.12 -13.88 50.08
O2 BMA N . 22.41 -17.52 50.44
O3 BMA N . 22.12 -16.85 53.07
O4 BMA N . 19.53 -14.76 52.51
O5 BMA N . 20.55 -15.63 49.54
O6 BMA N . 23.23 -14.57 50.59
C1 MAN N . 21.59 -17.57 54.21
C2 MAN N . 22.56 -17.49 55.39
C3 MAN N . 22.43 -18.69 56.32
C4 MAN N . 21.04 -19.34 56.30
C5 MAN N . 20.68 -19.71 54.85
C6 MAN N . 19.20 -19.52 54.55
O2 MAN N . 22.30 -16.27 56.05
O3 MAN N . 22.76 -18.25 57.62
O4 MAN N . 21.09 -20.48 57.13
O5 MAN N . 21.40 -18.93 53.90
O6 MAN N . 18.66 -18.57 55.44
C1 MAN N . 24.19 -13.60 51.06
C2 MAN N . 24.92 -13.01 49.84
C3 MAN N . 25.79 -14.07 49.17
C4 MAN N . 26.73 -14.73 50.17
C5 MAN N . 25.92 -15.25 51.37
C6 MAN N . 26.82 -15.77 52.46
O2 MAN N . 25.68 -11.92 50.31
O3 MAN N . 26.49 -13.44 48.13
O4 MAN N . 27.40 -15.77 49.49
O5 MAN N . 25.14 -14.21 51.92
O6 MAN N . 26.02 -16.25 53.52
C1 NAG O . -12.26 -5.84 45.78
C2 NAG O . -12.75 -7.11 45.05
C3 NAG O . -14.22 -7.37 45.39
C4 NAG O . -14.48 -7.37 46.89
C5 NAG O . -13.93 -6.05 47.48
C6 NAG O . -14.08 -5.93 48.98
C7 NAG O . -11.58 -7.50 42.92
C8 NAG O . -11.67 -7.31 41.42
N2 NAG O . -12.63 -7.04 43.63
O3 NAG O . -14.57 -8.59 44.79
O4 NAG O . -15.87 -7.48 47.09
O5 NAG O . -12.56 -5.95 47.16
O6 NAG O . -13.43 -6.99 49.61
O7 NAG O . -10.61 -8.01 43.44
C1 NAG O . -16.14 -8.76 47.70
C2 NAG O . -17.43 -8.61 48.54
C3 NAG O . -17.79 -9.96 49.16
C4 NAG O . -17.85 -11.06 48.10
C5 NAG O . -16.56 -11.06 47.28
C6 NAG O . -16.54 -12.07 46.15
C7 NAG O . -17.83 -6.38 49.50
C8 NAG O . -17.52 -5.48 50.67
N2 NAG O . -17.27 -7.60 49.54
O3 NAG O . -19.00 -9.82 49.85
O4 NAG O . -18.04 -12.29 48.77
O5 NAG O . -16.36 -9.77 46.74
O6 NAG O . -17.61 -11.81 45.27
O7 NAG O . -18.55 -6.01 48.58
C1 NAG P . -11.02 -23.11 32.68
C2 NAG P . -11.82 -22.41 31.58
C3 NAG P . -13.32 -22.41 31.92
C4 NAG P . -13.81 -23.81 32.33
C5 NAG P . -12.85 -24.42 33.37
C6 NAG P . -13.19 -25.84 33.78
C7 NAG P . -11.08 -19.89 31.70
C8 NAG P . -11.46 -19.58 33.14
N2 NAG P . -11.29 -21.12 31.15
O3 NAG P . -14.02 -21.91 30.81
O4 NAG P . -15.10 -23.66 32.86
O5 NAG P . -11.53 -24.41 32.86
O6 NAG P . -13.35 -26.64 32.64
O7 NAG P . -10.58 -19.00 31.04
C1 NAG P . -16.05 -24.24 31.95
C2 NAG P . -17.18 -24.91 32.75
C3 NAG P . -18.23 -25.47 31.79
C4 NAG P . -18.70 -24.40 30.81
C5 NAG P . -17.49 -23.77 30.11
C6 NAG P . -17.84 -22.65 29.15
C7 NAG P . -16.78 -25.96 34.95
C8 NAG P . -16.18 -27.16 35.63
N2 NAG P . -16.67 -25.95 33.60
O3 NAG P . -19.28 -25.99 32.57
O4 NAG P . -19.56 -25.04 29.88
O5 NAG P . -16.61 -23.27 31.10
O6 NAG P . -18.66 -21.70 29.80
O7 NAG P . -17.32 -25.07 35.59
C1 BMA P . -20.93 -24.58 30.02
C2 BMA P . -21.81 -25.81 29.77
C3 BMA P . -23.32 -25.45 29.95
C4 BMA P . -23.63 -24.23 30.85
C5 BMA P . -22.50 -23.85 31.82
C6 BMA P . -22.62 -24.55 33.17
O2 BMA P . -21.40 -26.83 30.65
O3 BMA P . -23.94 -26.62 30.40
O4 BMA P . -23.91 -23.16 29.96
O5 BMA P . -21.18 -24.04 31.31
O6 BMA P . -21.44 -24.28 33.89
C1 NAG Q . 12.06 21.77 41.00
C2 NAG Q . 13.19 21.16 41.85
C3 NAG Q . 13.33 21.97 43.14
C4 NAG Q . 13.51 23.45 42.84
C5 NAG Q . 12.42 23.93 41.87
C6 NAG Q . 12.57 25.38 41.43
C7 NAG Q . 11.99 19.12 42.73
C8 NAG Q . 12.14 17.62 42.79
N2 NAG Q . 13.00 19.74 42.10
O3 NAG Q . 14.41 21.41 43.86
O4 NAG Q . 13.44 24.12 44.09
O5 NAG Q . 12.41 23.10 40.72
O6 NAG Q . 13.84 25.57 40.83
O7 NAG Q . 11.01 19.66 43.24
C1 NAG Q . 14.71 24.74 44.38
C2 NAG Q . 14.49 25.80 45.47
C3 NAG Q . 15.82 26.44 45.84
C4 NAG Q . 16.86 25.37 46.21
C5 NAG Q . 16.95 24.34 45.08
C6 NAG Q . 17.89 23.19 45.31
C7 NAG Q . 12.27 26.88 45.44
C8 NAG Q . 11.47 28.00 44.84
N2 NAG Q . 13.55 26.79 45.02
O3 NAG Q . 15.59 27.35 46.88
O4 NAG Q . 18.09 26.03 46.42
O5 NAG Q . 15.65 23.80 44.85
O6 NAG Q . 17.55 22.52 46.50
O7 NAG Q . 11.77 26.10 46.25
C1 BMA Q . 18.53 25.83 47.78
C2 BMA Q . 19.91 26.47 47.93
C3 BMA Q . 20.44 26.33 49.38
C4 BMA Q . 19.36 26.15 50.47
C5 BMA Q . 17.94 26.58 50.08
C6 BMA Q . 17.58 28.01 50.50
O2 BMA Q . 19.81 27.81 47.51
O3 BMA Q . 21.26 27.45 49.60
O4 BMA Q . 19.39 24.78 50.81
O5 BMA Q . 17.61 26.41 48.70
O6 BMA Q . 18.42 28.92 49.83
C1 NAG R . -1.21 -41.39 17.44
C2 NAG R . -1.90 -42.72 17.11
C3 NAG R . -1.19 -43.85 17.86
C4 NAG R . 0.33 -43.83 17.70
C5 NAG R . 0.87 -42.41 17.88
C6 NAG R . 2.34 -42.26 17.55
C7 NAG R . -4.32 -42.63 16.59
C8 NAG R . -5.68 -42.66 17.22
N2 NAG R . -3.29 -42.72 17.45
O3 NAG R . -1.77 -45.05 17.42
O4 NAG R . 0.88 -44.66 18.70
O5 NAG R . 0.14 -41.51 17.08
O6 NAG R . 2.58 -42.73 16.24
O7 NAG R . -4.17 -42.54 15.37
C1 NAG R . 1.28 -45.93 18.15
C2 NAG R . 2.64 -46.35 18.74
C3 NAG R . 3.02 -47.72 18.19
C4 NAG R . 1.91 -48.74 18.50
C5 NAG R . 0.59 -48.22 17.92
C6 NAG R . -0.61 -49.09 18.22
C7 NAG R . 4.39 -44.75 19.40
C8 NAG R . 5.44 -43.80 18.88
N2 NAG R . 3.68 -45.40 18.45
O3 NAG R . 4.26 -48.08 18.75
O4 NAG R . 2.30 -49.97 17.90
O5 NAG R . 0.33 -46.92 18.46
O6 NAG R . -0.74 -49.23 19.62
O7 NAG R . 4.22 -44.92 20.60
C1 BMA R . 2.48 -50.96 18.95
C2 BMA R . 2.39 -52.34 18.30
C3 BMA R . 2.64 -53.46 19.34
C4 BMA R . 3.48 -53.05 20.57
C5 BMA R . 4.34 -51.80 20.38
C6 BMA R . 5.74 -52.10 19.85
O2 BMA R . 3.28 -52.39 17.22
O3 BMA R . 3.22 -54.54 18.63
O4 BMA R . 2.56 -52.87 21.63
O5 BMA R . 3.74 -50.79 19.57
O6 BMA R . 6.31 -50.87 19.45
C1 NAG S . -10.54 -38.55 13.74
C2 NAG S . -11.30 -39.26 14.87
C3 NAG S . -12.79 -38.94 14.74
C4 NAG S . -13.03 -37.43 14.70
C5 NAG S . -12.16 -36.81 13.59
C6 NAG S . -12.22 -35.31 13.51
C7 NAG S . -10.16 -41.32 15.60
C8 NAG S . -10.09 -42.81 15.40
N2 NAG S . -11.07 -40.67 14.83
O3 NAG S . -13.44 -39.55 15.82
O4 NAG S . -14.40 -37.22 14.45
O5 NAG S . -10.81 -37.17 13.80
O6 NAG S . -11.88 -34.75 14.76
O7 NAG S . -9.45 -40.74 16.41
C1 NAG S . -14.99 -36.61 15.61
C2 NAG S . -16.05 -35.60 15.16
C3 NAG S . -16.77 -35.03 16.38
C4 NAG S . -17.28 -36.12 17.31
C5 NAG S . -16.13 -37.09 17.64
C6 NAG S . -16.51 -38.28 18.51
C7 NAG S . -15.88 -34.19 13.15
C8 NAG S . -15.10 -33.05 12.54
N2 NAG S . -15.47 -34.55 14.38
O3 NAG S . -17.80 -34.20 15.91
O4 NAG S . -17.81 -35.48 18.45
O5 NAG S . -15.60 -37.59 16.43
O6 NAG S . -17.57 -38.98 17.92
O7 NAG S . -16.80 -34.72 12.56
C1 BMA S . -19.22 -35.79 18.65
C2 BMA S . -19.93 -34.49 19.02
C3 BMA S . -21.45 -34.74 19.24
C4 BMA S . -22.04 -35.99 18.53
C5 BMA S . -21.22 -36.49 17.34
C6 BMA S . -21.64 -35.88 16.01
O2 BMA S . -19.69 -33.55 18.02
O3 BMA S . -22.10 -33.56 18.86
O4 BMA S . -22.16 -36.99 19.52
O5 BMA S . -19.80 -36.35 17.48
O6 BMA S . -20.68 -36.27 15.04
C1 NAG T . 1.13 -36.09 46.53
C2 NAG T . 0.98 -36.33 48.04
C3 NAG T . 1.64 -37.65 48.42
C4 NAG T . 1.25 -38.81 47.52
C5 NAG T . 1.35 -38.39 46.04
C6 NAG T . 0.87 -39.38 45.01
C7 NAG T . 2.69 -34.68 48.88
C8 NAG T . 2.81 -33.50 49.81
N2 NAG T . 1.44 -35.21 48.82
O3 NAG T . 1.35 -37.91 49.77
O4 NAG T . 2.13 -39.87 47.85
O5 NAG T . 0.60 -37.21 45.85
O6 NAG T . 0.46 -38.69 43.85
O7 NAG T . 3.67 -35.07 48.26
C1 NAG T . 1.40 -41.09 48.13
C2 NAG T . 2.39 -42.26 48.09
C3 NAG T . 1.61 -43.56 48.34
C4 NAG T . 0.81 -43.47 49.63
C5 NAG T . -0.04 -42.19 49.64
C6 NAG T . -0.83 -41.99 50.92
C7 NAG T . 4.39 -42.06 46.69
C8 NAG T . 4.91 -42.16 45.27
N2 NAG T . 3.07 -42.30 46.83
O3 NAG T . 2.54 -44.61 48.37
O4 NAG T . 0.01 -44.63 49.70
O5 NAG T . 0.78 -41.07 49.41
O6 NAG T . 0.03 -42.08 52.03
O7 NAG T . 5.14 -41.80 47.62
C1 NAG U . 11.02 -25.71 49.96
C2 NAG U . 10.12 -25.04 51.01
C3 NAG U . 10.84 -25.04 52.36
C4 NAG U . 11.30 -26.44 52.73
C5 NAG U . 12.14 -27.03 51.58
C6 NAG U . 12.60 -28.45 51.79
C7 NAG U . 8.56 -23.36 50.11
C8 NAG U . 8.41 -21.91 49.76
N2 NAG U . 9.76 -23.71 50.61
O3 NAG U . 9.95 -24.50 53.30
O4 NAG U . 12.05 -26.35 53.92
O5 NAG U . 11.37 -27.00 50.40
O6 NAG U . 11.47 -29.29 51.95
O7 NAG U . 7.65 -24.16 49.94
C1 NAG U . 11.33 -27.02 54.97
C2 NAG U . 12.33 -27.64 55.95
C3 NAG U . 11.56 -28.31 57.08
C4 NAG U . 10.56 -27.36 57.75
C5 NAG U . 9.69 -26.72 56.65
C6 NAG U . 8.71 -25.64 57.10
C7 NAG U . 14.47 -28.36 54.97
C8 NAG U . 15.17 -29.51 54.28
N2 NAG U . 13.19 -28.59 55.28
O3 NAG U . 12.51 -28.83 57.98
O4 NAG U . 9.84 -28.14 58.68
O5 NAG U . 10.52 -26.12 55.68
O6 NAG U . 9.42 -24.58 57.68
O7 NAG U . 15.06 -27.31 55.20
C1 BMA U . 9.71 -27.53 59.99
C2 BMA U . 10.39 -28.41 61.03
C3 BMA U . 10.21 -27.80 62.45
C4 BMA U . 9.98 -26.28 62.51
C5 BMA U . 10.43 -25.52 61.26
C6 BMA U . 11.86 -24.99 61.36
O2 BMA U . 11.75 -28.55 60.70
O3 BMA U . 11.32 -28.21 63.19
O4 BMA U . 8.59 -26.10 62.75
O5 BMA U . 10.28 -26.22 60.03
O6 BMA U . 11.86 -23.94 62.30
C1 NAG V . 20.15 -14.04 -40.67
C2 NAG V . 19.64 -15.38 -40.12
C3 NAG V . 20.61 -16.49 -40.53
C4 NAG V . 20.75 -16.52 -42.05
C5 NAG V . 21.14 -15.12 -42.55
C6 NAG V . 21.24 -14.99 -44.05
C7 NAG V . 18.23 -15.51 -38.15
C8 NAG V . 18.17 -15.45 -36.65
N2 NAG V . 19.45 -15.33 -38.70
O3 NAG V . 20.10 -17.67 -39.96
O4 NAG V . 21.73 -17.48 -42.40
O5 NAG V . 20.22 -14.15 -42.07
O6 NAG V . 21.50 -13.65 -44.40
O7 NAG V . 17.24 -15.72 -38.83
C1 NAG V . 21.11 -18.70 -42.87
C2 NAG V . 21.92 -19.27 -44.04
C3 NAG V . 21.44 -20.67 -44.43
C4 NAG V . 21.31 -21.58 -43.21
C5 NAG V . 20.45 -20.87 -42.15
C6 NAG V . 20.26 -21.67 -40.87
C7 NAG V . 20.89 -17.98 -45.96
C8 NAG V . 21.28 -17.08 -47.10
N2 NAG V . 21.93 -18.40 -45.20
O3 NAG V . 22.34 -21.19 -45.37
O4 NAG V . 20.73 -22.79 -43.65
O5 NAG V . 21.06 -19.64 -41.82
O6 NAG V . 19.36 -22.73 -41.08
O7 NAG V . 19.72 -18.28 -45.78
C1 NAG W . 38.85 24.51 21.07
C2 NAG W . 40.24 24.03 21.57
C3 NAG W . 40.03 23.23 22.84
C4 NAG W . 39.28 24.01 23.91
C5 NAG W . 37.99 24.62 23.31
C6 NAG W . 37.30 25.59 24.24
C7 NAG W . 42.27 23.37 20.38
C8 NAG W . 42.85 22.43 19.36
N2 NAG W . 40.95 23.23 20.62
O3 NAG W . 41.29 22.82 23.31
O4 NAG W . 38.99 23.09 24.94
O5 NAG W . 38.28 25.28 22.10
O6 NAG W . 35.90 25.43 24.16
O7 NAG W . 42.97 24.20 20.94
C1 NAG W . 39.64 23.50 26.17
C2 NAG W . 38.83 22.94 27.34
C3 NAG W . 39.49 23.35 28.65
C4 NAG W . 40.97 22.96 28.67
C5 NAG W . 41.66 23.48 27.41
C6 NAG W . 43.12 23.07 27.29
C7 NAG W . 36.43 22.56 26.93
C8 NAG W . 35.08 23.23 26.92
N2 NAG W . 37.46 23.37 27.27
O3 NAG W . 38.77 22.77 29.70
O4 NAG W . 41.54 23.49 29.84
O5 NAG W . 40.96 23.02 26.26
O6 NAG W . 43.23 21.68 27.47
O7 NAG W . 36.57 21.38 26.65
C1 NAG X . 25.58 9.30 -34.04
C2 NAG X . 25.51 10.80 -34.30
C3 NAG X . 24.19 11.09 -35.00
C4 NAG X . 24.03 10.26 -36.27
C5 NAG X . 24.37 8.77 -36.01
C6 NAG X . 24.44 7.92 -37.24
C7 NAG X . 26.81 12.10 -32.68
C8 NAG X . 26.76 12.82 -31.36
N2 NAG X . 25.65 11.54 -33.08
O3 NAG X . 24.13 12.47 -35.26
O4 NAG X . 22.69 10.41 -36.69
O5 NAG X . 25.60 8.64 -35.30
O6 NAG X . 24.81 6.60 -36.90
O7 NAG X . 27.85 12.04 -33.33
C1 NAG X . 22.61 11.07 -37.98
C2 NAG X . 21.18 11.59 -38.14
C3 NAG X . 21.05 12.29 -39.50
C4 NAG X . 22.11 13.39 -39.63
C5 NAG X . 23.50 12.79 -39.35
C6 NAG X . 24.63 13.80 -39.40
C7 NAG X . 19.28 10.48 -37.04
C8 NAG X . 18.37 9.28 -37.10
N2 NAG X . 20.22 10.54 -38.01
O3 NAG X . 19.75 12.79 -39.59
O4 NAG X . 22.02 13.89 -40.95
O5 NAG X . 23.50 12.16 -38.09
O6 NAG X . 25.83 13.18 -39.00
O7 NAG X . 19.17 11.32 -36.16
C1 BMA X . 21.54 15.26 -40.92
C2 BMA X . 22.15 16.00 -42.10
C3 BMA X . 21.62 17.46 -42.18
C4 BMA X . 20.24 17.71 -41.51
C5 BMA X . 19.39 16.46 -41.28
C6 BMA X . 18.37 16.18 -42.39
O2 BMA X . 21.90 15.27 -43.27
O3 BMA X . 21.63 17.80 -43.54
O4 BMA X . 20.52 18.36 -40.29
O5 BMA X . 20.12 15.28 -41.00
O6 BMA X . 19.06 15.90 -43.58
C1 NAG Y . 35.29 2.96 -6.73
C2 NAG Y . 34.90 3.73 -5.46
C3 NAG Y . 36.01 3.61 -4.42
C4 NAG Y . 36.43 2.16 -4.18
C5 NAG Y . 36.73 1.50 -5.54
C6 NAG Y . 37.11 0.04 -5.48
C7 NAG Y . 33.45 5.72 -5.64
C8 NAG Y . 33.43 7.18 -6.01
N2 NAG Y . 34.65 5.11 -5.76
O3 NAG Y . 35.56 4.23 -3.24
O4 NAG Y . 37.55 2.19 -3.33
O5 NAG Y . 35.60 1.63 -6.37
O6 NAG Y . 36.15 -0.66 -4.74
O7 NAG Y . 32.45 5.15 -5.24
C1 NAG Y . 37.27 1.46 -2.12
C2 NAG Y . 38.45 1.61 -1.16
C3 NAG Y . 38.15 0.81 0.12
C4 NAG Y . 36.79 1.16 0.72
C5 NAG Y . 35.71 1.14 -0.38
C6 NAG Y . 34.34 1.63 0.06
C7 NAG Y . 40.76 1.91 -1.94
C8 NAG Y . 41.93 1.20 -2.60
N2 NAG Y . 39.67 1.15 -1.76
O3 NAG Y . 39.20 1.05 1.03
O4 NAG Y . 36.54 0.20 1.71
O5 NAG Y . 36.12 1.94 -1.46
O6 NAG Y . 34.43 2.95 0.53
O7 NAG Y . 40.84 3.08 -1.58
C1 BMA Y . 36.38 0.84 3.00
C2 BMA Y . 35.32 0.06 3.76
C3 BMA Y . 35.08 0.68 5.16
C4 BMA Y . 36.26 1.49 5.75
C5 BMA Y . 37.63 1.18 5.13
C6 BMA Y . 38.41 0.11 5.89
O2 BMA Y . 35.73 -1.28 3.83
O3 BMA Y . 34.66 -0.38 5.97
O4 BMA Y . 35.92 2.85 5.57
O5 BMA Y . 37.60 0.86 3.73
O6 BMA Y . 38.55 -1.02 5.07
C1 MAN Y . 33.32 -0.10 6.44
C2 MAN Y . 33.06 -0.97 7.67
C3 MAN Y . 32.99 -2.44 7.26
C4 MAN Y . 31.92 -2.64 6.19
C5 MAN Y . 32.21 -1.72 5.00
C6 MAN Y . 31.07 -1.73 4.00
O2 MAN Y . 31.83 -0.53 8.21
O3 MAN Y . 32.72 -3.19 8.43
O4 MAN Y . 31.97 -4.00 5.82
O5 MAN Y . 32.37 -0.37 5.44
O6 MAN Y . 31.19 -2.86 3.18
C1 MAN Y . 32.04 -0.01 9.53
C2 MAN Y . 30.72 -0.13 10.28
C3 MAN Y . 29.67 0.72 9.56
C4 MAN Y . 30.13 2.18 9.44
C5 MAN Y . 31.54 2.26 8.85
C6 MAN Y . 32.14 3.64 9.01
O2 MAN Y . 30.94 0.31 11.59
O3 MAN Y . 28.47 0.61 10.27
O4 MAN Y . 29.20 2.84 8.62
O5 MAN Y . 32.43 1.34 9.50
O6 MAN Y . 32.03 4.03 10.36
C1 MAN Y . 39.96 -1.23 4.81
C2 MAN Y . 40.12 -1.52 3.32
C3 MAN Y . 39.41 -2.82 2.98
C4 MAN Y . 39.92 -3.97 3.83
C5 MAN Y . 39.84 -3.59 5.32
C6 MAN Y . 40.56 -4.60 6.19
O2 MAN Y . 41.50 -1.59 3.06
O3 MAN Y . 39.61 -3.06 1.59
O4 MAN Y . 39.13 -5.10 3.53
O5 MAN Y . 40.44 -2.33 5.55
O6 MAN Y . 41.82 -4.88 5.61
C1 NAG Z . 21.21 21.62 -33.42
C2 NAG Z . 19.76 21.86 -33.87
C3 NAG Z . 19.75 22.84 -35.06
C4 NAG Z . 20.57 24.11 -34.76
C5 NAG Z . 21.97 23.69 -34.27
C6 NAG Z . 22.88 24.85 -33.90
C7 NAG Z . 18.14 20.04 -33.50
C8 NAG Z . 17.63 18.75 -34.07
N2 NAG Z . 19.12 20.63 -34.22
O3 NAG Z . 18.41 23.13 -35.36
O4 NAG Z . 20.62 24.84 -35.96
O5 NAG Z . 21.82 22.85 -33.15
O6 NAG Z . 22.25 25.67 -32.96
O7 NAG Z . 17.69 20.50 -32.47
C1 NAG Z . 19.97 26.11 -35.77
C2 NAG Z . 20.45 27.05 -36.89
C3 NAG Z . 19.68 28.37 -36.80
C4 NAG Z . 18.18 28.13 -36.79
C5 NAG Z . 17.85 27.18 -35.62
C6 NAG Z . 16.39 26.85 -35.47
C7 NAG Z . 22.76 26.84 -37.71
C8 NAG Z . 24.20 27.20 -37.41
N2 NAG Z . 21.87 27.27 -36.80
O3 NAG Z . 20.09 29.16 -37.89
O4 NAG Z . 17.53 29.38 -36.67
O5 NAG Z . 18.57 25.98 -35.82
O6 NAG Z . 16.22 25.90 -34.45
O7 NAG Z . 22.45 26.21 -38.71
C1 BMA Z . 16.80 29.70 -37.87
C2 BMA Z . 16.93 31.21 -38.06
C3 BMA Z . 16.23 31.68 -39.37
C4 BMA Z . 16.06 30.61 -40.47
C5 BMA Z . 16.98 29.39 -40.34
C6 BMA Z . 18.26 29.49 -41.16
O2 BMA Z . 18.29 31.54 -38.03
O3 BMA Z . 16.95 32.79 -39.81
O4 BMA Z . 14.70 30.21 -40.40
O5 BMA Z . 17.30 29.01 -39.00
O6 BMA Z . 19.06 30.54 -40.65
C1 NAG AA . 41.83 3.69 -26.98
C2 NAG AA . 42.82 2.62 -27.43
C3 NAG AA . 44.12 3.29 -27.90
C4 NAG AA . 43.85 4.38 -28.92
C5 NAG AA . 42.79 5.34 -28.37
C6 NAG AA . 42.40 6.46 -29.31
C7 NAG AA . 42.50 0.47 -26.26
C8 NAG AA . 42.93 -0.34 -25.06
N2 NAG AA . 43.08 1.68 -26.37
O3 NAG AA . 44.96 2.27 -28.38
O4 NAG AA . 45.07 5.05 -29.17
O5 NAG AA . 41.62 4.60 -28.04
O6 NAG AA . 42.22 5.96 -30.61
O7 NAG AA . 41.68 0.05 -27.05
C1 NAG AA . 45.51 4.80 -30.52
C2 NAG AA . 46.46 5.93 -30.96
C3 NAG AA . 46.99 5.64 -32.36
C4 NAG AA . 47.59 4.25 -32.45
C5 NAG AA . 46.57 3.22 -31.95
C6 NAG AA . 47.06 1.79 -31.94
C7 NAG AA . 46.16 8.23 -30.12
C8 NAG AA . 45.34 9.49 -30.27
N2 NAG AA . 45.80 7.22 -30.93
O3 NAG AA . 47.94 6.64 -32.68
O4 NAG AA . 47.93 4.02 -33.80
O5 NAG AA . 46.18 3.57 -30.64
O6 NAG AA . 48.15 1.68 -31.05
O7 NAG AA . 47.07 8.17 -29.32
C1 NAG BA . 50.42 12.83 -4.57
C2 NAG BA . 50.96 12.05 -3.37
C3 NAG BA . 51.74 13.01 -2.47
C4 NAG BA . 52.81 13.78 -3.24
C5 NAG BA . 52.23 14.37 -4.54
C6 NAG BA . 53.26 14.97 -5.48
C7 NAG BA . 49.61 10.12 -2.66
C8 NAG BA . 48.43 9.69 -1.82
N2 NAG BA . 49.87 11.44 -2.64
O3 NAG BA . 52.28 12.25 -1.42
O4 NAG BA . 53.26 14.78 -2.36
O5 NAG BA . 51.53 13.37 -5.26
O6 NAG BA . 52.71 15.15 -6.76
O7 NAG BA . 50.26 9.31 -3.31
C1 NAG BA . 54.69 14.66 -2.13
C2 NAG BA . 55.19 16.02 -1.60
C3 NAG BA . 56.68 15.93 -1.29
C4 NAG BA . 56.99 14.76 -0.37
C5 NAG BA . 56.38 13.48 -0.98
C6 NAG BA . 56.59 12.22 -0.15
C7 NAG BA . 55.27 17.34 -3.74
C8 NAG BA . 54.72 18.60 -4.35
N2 NAG BA . 54.86 17.11 -2.48
O3 NAG BA . 57.06 17.18 -0.76
O4 NAG BA . 58.39 14.63 -0.26
O5 NAG BA . 54.99 13.66 -1.18
O6 NAG BA . 56.04 12.42 1.14
O7 NAG BA . 56.00 16.61 -4.40
C1 BMA BA . 58.81 15.12 1.05
C2 BMA BA . 59.44 13.97 1.81
C3 BMA BA . 59.94 14.46 3.20
C4 BMA BA . 60.31 15.96 3.31
C5 BMA BA . 60.52 16.68 1.97
C6 BMA BA . 61.99 16.77 1.55
O2 BMA BA . 60.47 13.42 1.02
O3 BMA BA . 61.00 13.60 3.55
O4 BMA BA . 59.25 16.55 4.03
O5 BMA BA . 59.75 16.18 0.88
O6 BMA BA . 62.52 15.48 1.41
C1 MAN BA . 60.79 13.10 4.89
C2 MAN BA . 62.10 12.45 5.34
C3 MAN BA . 62.34 11.15 4.55
C4 MAN BA . 61.16 10.21 4.71
C5 MAN BA . 59.88 10.93 4.27
C6 MAN BA . 58.63 10.11 4.56
O2 MAN BA . 61.99 12.20 6.73
O3 MAN BA . 63.53 10.58 5.03
O4 MAN BA . 61.42 9.07 3.91
O5 MAN BA . 59.74 12.17 4.94
O6 MAN BA . 57.49 10.86 4.21
C1 NAG CA . 41.61 26.50 -8.51
C2 NAG CA . 40.56 27.61 -8.28
C3 NAG CA . 40.82 28.72 -9.29
C4 NAG CA . 42.28 29.21 -9.28
C5 NAG CA . 43.26 28.03 -9.27
C6 NAG CA . 44.69 28.43 -9.03
C7 NAG CA . 38.28 27.21 -7.44
C8 NAG CA . 36.93 26.67 -7.83
N2 NAG CA . 39.22 27.15 -8.42
O3 NAG CA . 39.89 29.73 -9.00
O4 NAG CA . 42.47 29.96 -10.47
O5 NAG CA . 42.87 27.08 -8.29
O6 NAG CA . 45.51 27.28 -8.99
O7 NAG CA . 38.50 27.65 -6.32
C1 NAG CA . 42.46 31.38 -10.20
C2 NAG CA . 43.41 32.06 -11.19
C3 NAG CA . 43.25 33.58 -11.16
C4 NAG CA . 41.78 34.01 -11.23
C5 NAG CA . 41.00 33.27 -10.14
C6 NAG CA . 39.51 33.58 -10.12
C7 NAG CA . 45.56 30.94 -11.70
C8 NAG CA . 46.96 30.69 -11.17
N2 NAG CA . 44.77 31.69 -10.90
O3 NAG CA . 44.02 34.11 -12.21
O4 NAG CA . 41.64 35.42 -11.14
O5 NAG CA . 41.15 31.88 -10.37
O6 NAG CA . 38.85 32.66 -9.28
O7 NAG CA . 45.20 30.50 -12.78
C1 BMA CA . 42.33 36.00 -10.02
C2 BMA CA . 43.07 37.24 -10.50
C3 BMA CA . 43.96 37.77 -9.36
C4 BMA CA . 43.34 37.67 -7.94
C5 BMA CA . 41.88 37.16 -7.86
C6 BMA CA . 40.86 38.26 -7.57
O2 BMA CA . 42.14 38.17 -11.00
O3 BMA CA . 44.39 39.06 -9.73
O4 BMA CA . 44.19 36.76 -7.25
O5 BMA CA . 41.44 36.38 -8.97
O6 BMA CA . 41.12 39.37 -8.38
C1 MAN CA . 45.80 38.93 -10.04
C2 MAN CA . 46.48 40.30 -9.93
C3 MAN CA . 47.71 40.38 -10.84
C4 MAN CA . 48.36 39.03 -11.13
C5 MAN CA . 47.32 38.07 -11.71
C6 MAN CA . 47.51 36.64 -11.24
O2 MAN CA . 46.81 40.49 -8.58
O3 MAN CA . 48.63 41.27 -10.22
O4 MAN CA . 49.42 39.26 -12.03
O5 MAN CA . 45.99 38.46 -11.35
O6 MAN CA . 48.21 36.63 -10.02
C1 MAN CA . 40.92 40.57 -7.59
C2 MAN CA . 39.41 40.81 -7.46
C3 MAN CA . 38.83 41.19 -8.82
C4 MAN CA . 39.58 42.36 -9.45
C5 MAN CA . 41.08 42.03 -9.49
C6 MAN CA . 41.90 43.22 -9.95
O2 MAN CA . 39.24 41.84 -6.51
O3 MAN CA . 37.46 41.50 -8.61
O4 MAN CA . 39.04 42.56 -10.73
O5 MAN CA . 41.54 41.69 -8.20
O6 MAN CA . 43.25 42.85 -9.99
C1 NAG DA . 46.72 6.46 7.26
C2 NAG DA . 46.61 5.56 6.02
C3 NAG DA . 47.50 4.32 6.20
C4 NAG DA . 48.92 4.70 6.59
C5 NAG DA . 48.87 5.60 7.83
C6 NAG DA . 50.21 6.08 8.31
C7 NAG DA . 44.41 5.71 4.91
C8 NAG DA . 43.07 5.05 4.79
N2 NAG DA . 45.27 5.11 5.75
O3 NAG DA . 47.44 3.59 5.00
O4 NAG DA . 49.62 3.50 6.85
O5 NAG DA . 48.07 6.74 7.53
O6 NAG DA . 50.87 6.78 7.28
O7 NAG DA . 44.69 6.73 4.31
C1 NAG DA . 50.63 3.32 5.85
C2 NAG DA . 51.79 2.52 6.47
C3 NAG DA . 52.86 2.26 5.40
C4 NAG DA . 52.26 1.63 4.16
C5 NAG DA . 51.07 2.47 3.67
C6 NAG DA . 50.35 1.90 2.47
C7 NAG DA . 52.13 2.83 8.89
C8 NAG DA . 52.79 3.70 9.92
N2 NAG DA . 52.33 3.19 7.61
O3 NAG DA . 53.85 1.44 5.98
O4 NAG DA . 53.28 1.55 3.18
O5 NAG DA . 50.15 2.61 4.73
O6 NAG DA . 49.88 0.61 2.77
O7 NAG DA . 51.45 1.86 9.21
C1 NAG EA . 39.67 0.01 -12.23
C2 NAG EA . 38.76 -1.07 -11.61
C3 NAG EA . 39.60 -2.28 -11.18
C4 NAG EA . 40.54 -2.75 -12.30
C5 NAG EA . 41.31 -1.55 -12.88
C6 NAG EA . 42.20 -1.90 -14.05
C7 NAG EA . 37.89 0.00 -9.38
C8 NAG EA . 39.20 0.27 -8.67
N2 NAG EA . 37.82 -0.58 -10.61
O3 NAG EA . 38.70 -3.29 -10.78
O4 NAG EA . 41.42 -3.69 -11.75
O5 NAG EA . 40.39 -0.55 -13.30
O6 NAG EA . 41.47 -2.60 -15.02
O7 NAG EA . 36.85 0.31 -8.79
C1 NAG EA . 41.10 -5.00 -12.27
C2 NAG EA . 42.41 -5.79 -12.46
C3 NAG EA . 42.09 -7.20 -12.95
C4 NAG EA . 41.07 -7.88 -12.04
C5 NAG EA . 39.84 -6.97 -11.88
C6 NAG EA . 38.78 -7.52 -10.95
C7 NAG EA . 44.54 -4.69 -13.06
C8 NAG EA . 45.29 -4.03 -14.20
N2 NAG EA . 43.30 -5.13 -13.38
O3 NAG EA . 43.29 -7.91 -13.01
O4 NAG EA . 40.73 -9.12 -12.64
O5 NAG EA . 40.26 -5.71 -11.39
O6 NAG EA . 39.36 -7.88 -9.72
O7 NAG EA . 45.03 -4.81 -11.96
C1 BMA EA . 41.20 -10.23 -11.86
C2 BMA EA . 41.66 -11.30 -12.85
C3 BMA EA . 42.22 -12.54 -12.12
C4 BMA EA . 42.78 -12.30 -10.69
C5 BMA EA . 43.13 -10.84 -10.40
C6 BMA EA . 44.59 -10.50 -10.73
O2 BMA EA . 42.58 -10.71 -13.73
O3 BMA EA . 43.18 -13.09 -12.99
O4 BMA EA . 41.77 -12.76 -9.81
O5 BMA EA . 42.27 -9.87 -10.99
O6 BMA EA . 44.74 -9.11 -10.59
C1 NAG FA . 25.88 30.32 26.60
C2 NAG FA . 26.41 31.60 25.93
C3 NAG FA . 27.28 32.35 26.94
C4 NAG FA . 26.52 32.60 28.25
C5 NAG FA . 25.89 31.29 28.75
C6 NAG FA . 25.02 31.44 29.98
C7 NAG FA . 28.21 30.58 24.48
C8 NAG FA . 28.66 30.54 23.03
N2 NAG FA . 27.11 31.33 24.69
O3 NAG FA . 27.71 33.54 26.33
O4 NAG FA . 27.45 33.12 29.16
O5 NAG FA . 25.12 30.70 27.72
O6 NAG FA . 23.99 32.37 29.73
O7 NAG FA . 28.85 29.98 25.34
C1 NAG FA . 27.09 34.47 29.52
C2 NAG FA . 27.82 34.85 30.81
C3 NAG FA . 27.50 36.30 31.17
C4 NAG FA . 27.78 37.25 30.00
C5 NAG FA . 27.05 36.72 28.75
C6 NAG FA . 27.26 37.52 27.49
C7 NAG FA . 28.26 32.97 32.35
C8 NAG FA . 27.67 32.16 33.47
N2 NAG FA . 27.47 33.95 31.88
O3 NAG FA . 28.24 36.63 32.32
O4 NAG FA . 27.35 38.53 30.38
O5 NAG FA . 27.45 35.39 28.51
O6 NAG FA . 28.63 37.60 27.20
O7 NAG FA . 29.38 32.75 31.91
C1 BMA FA . 28.46 39.44 30.37
C2 BMA FA . 27.92 40.84 30.69
C3 BMA FA . 29.07 41.88 30.76
C4 BMA FA . 30.47 41.32 31.08
C5 BMA FA . 30.49 39.94 31.73
C6 BMA FA . 30.57 39.97 33.26
O2 BMA FA . 27.19 40.76 31.88
O3 BMA FA . 28.65 42.86 31.66
O4 BMA FA . 31.17 41.30 29.84
O5 BMA FA . 29.44 39.07 31.34
O6 BMA FA . 29.42 40.59 33.77
C1 NAG GA . 28.02 0.33 -35.18
C2 NAG GA . 28.34 -0.62 -36.35
C3 NAG GA . 29.10 0.18 -37.43
C4 NAG GA . 28.43 1.50 -37.80
C5 NAG GA . 27.98 2.25 -36.54
C6 NAG GA . 27.13 3.47 -36.82
C7 NAG GA . 28.70 -2.99 -35.81
C8 NAG GA . 29.75 -3.99 -35.37
N2 NAG GA . 29.15 -1.73 -35.95
O3 NAG GA . 29.27 -0.68 -38.52
O4 NAG GA . 29.36 2.29 -38.50
O5 NAG GA . 27.25 1.40 -35.69
O6 NAG GA . 26.02 3.10 -37.61
O7 NAG GA . 27.55 -3.33 -36.02
C1 NAG GA . 29.10 2.26 -39.92
C2 NAG GA . 29.27 3.66 -40.50
C3 NAG GA . 29.05 3.60 -42.02
C4 NAG GA . 30.01 2.58 -42.66
C5 NAG GA . 29.82 1.23 -41.96
C6 NAG GA . 30.76 0.14 -42.43
C7 NAG GA . 28.78 5.74 -39.27
C8 NAG GA . 27.68 6.60 -38.72
N2 NAG GA . 28.38 4.62 -39.91
O3 NAG GA . 29.23 4.90 -42.53
O4 NAG GA . 29.72 2.52 -44.03
O5 NAG GA . 30.00 1.38 -40.56
O6 NAG GA . 32.09 0.55 -42.24
O7 NAG GA . 29.95 6.04 -39.13
C1 BMA GA . 30.85 2.98 -44.79
C2 BMA GA . 30.72 2.45 -46.22
C3 BMA GA . 31.89 2.95 -47.10
C4 BMA GA . 32.57 4.27 -46.66
C5 BMA GA . 31.74 5.12 -45.71
C6 BMA GA . 30.86 6.14 -46.44
O2 BMA GA . 29.46 2.83 -46.71
O3 BMA GA . 31.38 3.04 -48.41
O4 BMA GA . 33.79 3.87 -46.04
O5 BMA GA . 30.93 4.40 -44.79
O6 BMA GA . 29.95 6.67 -45.51
C1 NAG HA . 27.16 -9.23 -31.09
C2 NAG HA . 28.63 -9.56 -31.33
C3 NAG HA . 28.95 -10.92 -30.71
C4 NAG HA . 28.55 -10.95 -29.24
C5 NAG HA . 27.08 -10.52 -29.09
C6 NAG HA . 26.60 -10.41 -27.66
C7 NAG HA . 29.49 -8.52 -33.39
C8 NAG HA . 29.72 -8.73 -34.86
N2 NAG HA . 28.94 -9.56 -32.74
O3 NAG HA . 30.32 -11.16 -30.89
O4 NAG HA . 28.75 -12.26 -28.76
O5 NAG HA . 26.90 -9.26 -29.71
O6 NAG HA . 27.42 -9.52 -26.94
O7 NAG HA . 29.78 -7.46 -32.84
C1 NAG HA . 29.82 -12.26 -27.79
C2 NAG HA . 29.49 -13.26 -26.68
C3 NAG HA . 30.66 -13.34 -25.70
C4 NAG HA . 31.99 -13.58 -26.41
C5 NAG HA . 32.16 -12.54 -27.53
C6 NAG HA . 33.42 -12.69 -28.37
C7 NAG HA . 27.22 -13.71 -25.81
C8 NAG HA . 26.08 -13.10 -25.05
N2 NAG HA . 28.28 -12.90 -25.99
O3 NAG HA . 30.36 -14.35 -24.77
O4 NAG HA . 33.00 -13.51 -25.43
O5 NAG HA . 31.04 -12.62 -28.40
O6 NAG HA . 33.46 -13.99 -28.91
O7 NAG HA . 27.18 -14.86 -26.23
C1 BMA HA . 33.76 -14.75 -25.35
C2 BMA HA . 33.96 -15.08 -23.87
C3 BMA HA . 34.76 -16.40 -23.70
C4 BMA HA . 34.70 -17.39 -24.89
C5 BMA HA . 33.50 -17.18 -25.82
C6 BMA HA . 32.28 -18.02 -25.43
O2 BMA HA . 32.71 -15.13 -23.24
O3 BMA HA . 34.30 -16.97 -22.50
O4 BMA HA . 35.91 -17.22 -25.59
O5 BMA HA . 33.09 -15.83 -25.99
O6 BMA HA . 31.19 -17.60 -26.23
C1 NAG IA . 51.54 14.81 -24.39
C2 NAG IA . 53.00 15.24 -24.25
C3 NAG IA . 53.50 15.84 -25.57
C4 NAG IA . 53.17 14.95 -26.79
C5 NAG IA . 51.69 14.51 -26.72
C6 NAG IA . 51.24 13.51 -27.77
C7 NAG IA . 52.68 17.36 -22.91
C8 NAG IA . 53.12 18.00 -21.62
N2 NAG IA . 53.21 16.14 -23.13
O3 NAG IA . 54.88 16.06 -25.46
O4 NAG IA . 53.46 15.73 -27.92
O5 NAG IA . 51.45 13.92 -25.47
O6 NAG IA . 50.14 12.78 -27.27
O7 NAG IA . 51.90 17.94 -23.65
C1 NAG IA . 54.33 15.02 -28.83
C2 NAG IA . 54.29 15.74 -30.18
C3 NAG IA . 55.16 14.97 -31.18
C4 NAG IA . 56.58 14.77 -30.62
C5 NAG IA . 56.51 14.17 -29.22
C6 NAG IA . 57.85 14.01 -28.55
C7 NAG IA . 52.28 17.03 -30.78
C8 NAG IA . 50.87 16.92 -31.31
N2 NAG IA . 52.93 15.86 -30.66
O3 NAG IA . 55.17 15.68 -32.39
O4 NAG IA . 57.26 13.92 -31.52
O5 NAG IA . 55.68 14.99 -28.40
O6 NAG IA . 58.56 15.22 -28.61
O7 NAG IA . 52.77 18.11 -30.51
C1 NAG JA . 48.09 26.55 -16.16
C2 NAG JA . 49.15 26.25 -15.09
C3 NAG JA . 50.10 27.44 -14.97
C4 NAG JA . 50.68 27.82 -16.32
C5 NAG JA . 49.53 28.04 -17.32
C6 NAG JA . 49.98 28.35 -18.74
C7 NAG JA . 48.40 24.70 -13.32
C8 NAG JA . 47.72 24.62 -11.97
N2 NAG JA . 48.53 25.94 -13.82
O3 NAG JA . 51.09 27.09 -14.03
O4 NAG JA . 51.45 29.00 -16.15
O5 NAG JA . 48.75 26.88 -17.37
O6 NAG JA . 50.76 27.28 -19.23
O7 NAG JA . 48.81 23.69 -13.89
C1 NAG JA . 52.83 28.67 -16.38
C2 NAG JA . 53.53 29.88 -16.99
C3 NAG JA . 55.01 29.55 -17.20
C4 NAG JA . 55.68 29.04 -15.91
C5 NAG JA . 54.81 27.89 -15.34
C6 NAG JA . 55.23 27.33 -14.00
C7 NAG JA . 52.11 31.34 -18.40
C8 NAG JA . 51.59 31.54 -19.80
N2 NAG JA . 52.92 30.27 -18.23
O3 NAG JA . 55.63 30.70 -17.71
O4 NAG JA . 56.98 28.65 -16.29
O5 NAG JA . 53.48 28.34 -15.18
O6 NAG JA . 55.21 28.35 -13.03
O7 NAG JA . 51.81 32.10 -17.49
C1 BMA JA . 58.01 29.13 -15.39
C2 BMA JA . 58.96 30.06 -16.16
C3 BMA JA . 60.11 30.54 -15.23
C4 BMA JA . 59.79 30.57 -13.71
C5 BMA JA . 58.31 30.57 -13.38
C6 BMA JA . 57.73 31.98 -13.20
O2 BMA JA . 58.23 31.13 -16.69
O3 BMA JA . 60.50 31.79 -15.73
O4 BMA JA . 60.43 29.42 -13.17
O5 BMA JA . 57.47 29.85 -14.28
O6 BMA JA . 58.27 32.50 -12.00
C1 NAG KA . -39.13 -0.02 -26.90
C2 NAG KA . -38.08 -0.43 -27.93
C3 NAG KA . -38.45 0.13 -29.30
C4 NAG KA . -39.85 -0.37 -29.70
C5 NAG KA . -40.83 -0.02 -28.57
C6 NAG KA . -42.24 -0.52 -28.80
C7 NAG KA . -35.79 -0.94 -27.30
C8 NAG KA . -34.44 -0.37 -26.89
N2 NAG KA . -36.75 -0.03 -27.53
O3 NAG KA . -37.43 -0.26 -30.18
O4 NAG KA . -40.22 0.24 -30.91
O5 NAG KA . -40.37 -0.53 -27.33
O6 NAG KA . -43.03 -0.25 -27.67
O7 NAG KA . -35.98 -2.13 -27.41
C1 NAG KA . -40.07 -0.66 -32.02
C2 NAG KA . -41.24 -0.48 -33.01
C3 NAG KA . -40.99 -1.26 -34.31
C4 NAG KA . -39.59 -1.00 -34.86
C5 NAG KA . -38.56 -1.26 -33.78
C6 NAG KA . -37.12 -1.02 -34.19
C7 NAG KA . -42.95 -2.01 -31.96
C8 NAG KA . -44.37 -2.00 -31.44
N2 NAG KA . -42.52 -0.83 -32.44
O3 NAG KA . -41.99 -0.90 -35.22
O4 NAG KA . -39.43 -1.86 -35.97
O5 NAG KA . -38.85 -0.42 -32.67
O6 NAG KA . -36.68 -2.06 -35.04
O7 NAG KA . -42.29 -3.05 -31.92
C1 NAG LA . -2.10 47.01 18.53
C2 NAG LA . -2.00 48.39 17.88
C3 NAG LA . -0.55 48.61 17.42
C4 NAG LA . 0.42 48.46 18.59
C5 NAG LA . 0.18 47.14 19.33
C6 NAG LA . 0.95 47.02 20.61
C7 NAG LA . -3.58 49.66 16.51
C8 NAG LA . -4.42 49.65 15.25
N2 NAG LA . -2.86 48.55 16.74
O3 NAG LA . -0.48 49.88 16.84
O4 NAG LA . 1.71 48.50 18.01
O5 NAG LA . -1.20 46.99 19.63
O6 NAG LA . 1.43 45.69 20.78
O7 NAG LA . -3.57 50.63 17.24
C1 NAG LA . 2.45 49.63 18.51
C2 NAG LA . 3.95 49.30 18.42
C3 NAG LA . 4.75 50.48 18.93
C4 NAG LA . 4.36 51.77 18.22
C5 NAG LA . 2.84 51.97 18.27
C6 NAG LA . 2.36 53.17 17.52
C7 NAG LA . 4.54 46.91 18.54
C8 NAG LA . 4.82 45.78 19.49
N2 NAG LA . 4.24 48.09 19.13
O3 NAG LA . 6.12 50.19 18.78
O4 NAG LA . 5.05 52.83 18.84
O5 NAG LA . 2.20 50.81 17.76
O6 NAG LA . 2.87 53.17 16.20
O7 NAG LA . 4.59 46.77 17.32
C1 NAG MA . -41.96 10.69 -4.65
C2 NAG MA . -42.61 10.73 -3.26
C3 NAG MA . -42.84 9.29 -2.83
C4 NAG MA . -43.67 8.53 -3.86
C5 NAG MA . -43.12 8.74 -5.28
C6 NAG MA . -44.00 8.19 -6.39
C7 NAG MA . -42.00 12.74 -1.99
C8 NAG MA . -41.02 13.32 -1.00
N2 NAG MA . -41.78 11.46 -2.34
O3 NAG MA . -43.45 9.31 -1.56
O4 NAG MA . -43.61 7.17 -3.48
O5 NAG MA . -42.89 10.11 -5.54
O6 NAG MA . -43.44 8.48 -7.64
O7 NAG MA . -42.93 13.40 -2.44
C1 NAG MA . -44.93 6.66 -3.13
C2 NAG MA . -44.72 5.37 -2.32
C3 NAG MA . -46.08 4.81 -1.92
C4 NAG MA . -46.90 5.85 -1.17
C5 NAG MA . -46.97 7.13 -2.00
C6 NAG MA . -47.69 8.28 -1.32
C7 NAG MA . -42.75 3.95 -2.69
C8 NAG MA . -42.13 2.94 -3.62
N2 NAG MA . -43.95 4.41 -3.06
O3 NAG MA . -45.84 3.65 -1.16
O4 NAG MA . -48.19 5.30 -0.95
O5 NAG MA . -45.65 7.57 -2.33
O6 NAG MA . -47.59 9.44 -2.10
O7 NAG MA . -42.17 4.31 -1.67
C1 BMA MA . -48.38 5.06 0.46
C2 BMA MA . -49.87 5.24 0.77
C3 BMA MA . -50.16 4.92 2.25
C4 BMA MA . -49.17 3.98 2.97
C5 BMA MA . -48.29 3.13 2.04
C6 BMA MA . -48.83 1.73 1.77
O2 BMA MA . -50.60 4.44 -0.13
O3 BMA MA . -51.48 4.43 2.28
O4 BMA MA . -48.37 4.81 3.78
O5 BMA MA . -47.96 3.74 0.79
O6 BMA MA . -50.06 1.84 1.08
C1 NAG NA . -19.25 29.66 -7.04
C2 NAG NA . -18.22 29.93 -5.94
C3 NAG NA . -17.65 31.33 -6.09
C4 NAG NA . -17.17 31.61 -7.52
C5 NAG NA . -18.29 31.26 -8.51
C6 NAG NA . -17.94 31.43 -9.97
C7 NAG NA . -18.45 28.81 -3.76
C8 NAG NA . -19.21 28.83 -2.45
N2 NAG NA . -18.80 29.76 -4.64
O3 NAG NA . -16.62 31.48 -5.15
O4 NAG NA . -16.82 32.99 -7.57
O5 NAG NA . -18.67 29.91 -8.30
O6 NAG NA . -16.74 30.76 -10.25
O7 NAG NA . -17.58 27.98 -3.98
C1 NAG NA . -15.43 33.11 -7.93
C2 NAG NA . -15.03 34.59 -7.87
C3 NAG NA . -13.56 34.73 -8.26
C4 NAG NA . -12.65 33.78 -7.49
C5 NAG NA . -13.24 32.35 -7.49
C6 NAG NA . -12.51 31.37 -6.61
C7 NAG NA . -16.64 36.41 -8.30
C8 NAG NA . -17.43 37.10 -9.38
N2 NAG NA . -15.87 35.39 -8.72
O3 NAG NA . -13.19 36.07 -8.09
O4 NAG NA . -11.40 33.84 -8.13
O5 NAG NA . -14.58 32.40 -7.06
O6 NAG NA . -12.51 31.82 -5.28
O7 NAG NA . -16.69 36.78 -7.13
C1 BMA NA . -10.39 34.30 -7.20
C2 BMA NA . -9.10 33.53 -7.53
C3 BMA NA . -7.96 33.97 -6.58
C4 BMA NA . -8.09 35.39 -5.96
C5 BMA NA . -9.03 36.32 -6.71
C6 BMA NA . -8.32 37.20 -7.75
O2 BMA NA . -8.81 33.75 -8.88
O3 BMA NA . -6.77 33.77 -7.31
O4 BMA NA . -8.53 35.19 -4.63
O5 BMA NA . -10.16 35.70 -7.32
O6 BMA NA . -8.78 36.85 -9.03
C1 MAN NA . -5.97 32.79 -6.62
C2 MAN NA . -4.53 32.92 -7.12
C3 MAN NA . -4.44 32.51 -8.58
C4 MAN NA . -4.96 31.09 -8.76
C5 MAN NA . -6.39 30.98 -8.21
C6 MAN NA . -6.87 29.55 -8.16
O2 MAN NA . -3.75 32.09 -6.30
O3 MAN NA . -3.10 32.64 -8.98
O4 MAN NA . -4.90 30.79 -10.14
O5 MAN NA . -6.44 31.48 -6.88
O6 MAN NA . -7.32 29.18 -9.45
C1 MAN NA . -2.80 32.89 -5.57
C2 MAN NA . -1.63 31.97 -5.20
C3 MAN NA . -2.15 30.86 -4.30
C4 MAN NA . -2.84 31.42 -3.06
C5 MAN NA . -3.89 32.47 -3.46
C6 MAN NA . -4.36 33.26 -2.25
O2 MAN NA . -0.67 32.77 -4.55
O3 MAN NA . -1.06 30.04 -3.98
O4 MAN NA . -3.44 30.33 -2.39
O5 MAN NA . -3.36 33.41 -4.39
O6 MAN NA . -3.24 33.77 -1.56
C1 MAN NA . -9.43 37.99 -9.62
C2 MAN NA . -10.74 37.49 -10.25
C3 MAN NA . -10.42 36.53 -11.39
C4 MAN NA . -9.49 37.19 -12.42
C5 MAN NA . -8.26 37.77 -11.72
C6 MAN NA . -7.45 38.64 -12.66
O2 MAN NA . -11.43 38.63 -10.70
O3 MAN NA . -11.64 36.12 -11.97
O4 MAN NA . -9.15 36.20 -13.36
O5 MAN NA . -8.63 38.58 -10.61
O6 MAN NA . -8.32 39.50 -13.35
C1 NAG OA . -43.44 8.64 8.19
C2 NAG OA . -43.41 7.18 8.67
C3 NAG OA . -44.75 6.83 9.33
C4 NAG OA . -45.13 7.85 10.40
C5 NAG OA . -45.09 9.26 9.79
C6 NAG OA . -45.41 10.39 10.74
C7 NAG OA . -41.98 5.62 7.40
C8 NAG OA . -41.93 4.76 6.17
N2 NAG OA . -43.14 6.30 7.57
O3 NAG OA . -44.62 5.53 9.85
O4 NAG OA . -46.44 7.52 10.82
O5 NAG OA . -43.79 9.48 9.27
O6 NAG OA . -44.60 10.30 11.89
O7 NAG OA . -41.04 5.70 8.17
C1 NAG OA . -46.41 7.17 12.22
C2 NAG OA . -47.85 7.28 12.77
C3 NAG OA . -47.90 6.80 14.22
C4 NAG OA . -47.27 5.41 14.34
C5 NAG OA . -45.85 5.46 13.78
C6 NAG OA . -45.09 4.15 13.84
C7 NAG OA . -49.33 9.01 11.84
C8 NAG OA . -49.68 10.49 11.89
N2 NAG OA . -48.34 8.63 12.65
O3 NAG OA . -49.23 6.83 14.63
O4 NAG OA . -47.30 5.05 15.71
O5 NAG OA . -45.93 5.87 12.42
O6 NAG OA . -43.85 4.29 13.20
O7 NAG OA . -49.93 8.25 11.09
C1 BMA OA . -48.21 3.94 15.94
C2 BMA OA . -48.86 4.18 17.29
C3 BMA OA . -49.91 3.08 17.61
C4 BMA OA . -50.52 2.34 16.40
C5 BMA OA . -50.38 3.06 15.06
C6 BMA OA . -51.59 3.91 14.66
O2 BMA OA . -49.41 5.48 17.29
O3 BMA OA . -50.89 3.71 18.40
O4 BMA OA . -49.86 1.09 16.35
O5 BMA OA . -49.20 3.84 14.91
O6 BMA OA . -51.72 4.98 15.58
C1 NAG PA . -39.79 27.51 -12.28
C2 NAG PA . -40.23 28.08 -13.64
C3 NAG PA . -41.30 29.15 -13.41
C4 NAG PA . -42.44 28.64 -12.52
C5 NAG PA . -41.85 28.03 -11.24
C6 NAG PA . -42.87 27.45 -10.30
C7 NAG PA . -38.45 27.98 -15.33
C8 NAG PA . -37.30 28.74 -15.94
N2 NAG PA . -39.11 28.62 -14.35
O3 NAG PA . -41.74 29.58 -14.67
O4 NAG PA . -43.28 29.74 -12.24
O5 NAG PA . -40.92 27.01 -11.60
O6 NAG PA . -43.82 26.69 -11.01
O7 NAG PA . -38.74 26.84 -15.71
C1 NAG PA . -44.57 29.55 -12.86
C2 NAG PA . -45.61 30.38 -12.11
C3 NAG PA . -46.97 30.27 -12.82
C4 NAG PA . -46.85 30.59 -14.31
C5 NAG PA . -45.74 29.72 -14.92
C6 NAG PA . -45.50 29.98 -16.39
C7 NAG PA . -45.44 30.77 -9.69
C8 NAG PA . -45.65 30.13 -8.34
N2 NAG PA . -45.73 29.98 -10.74
O3 NAG PA . -47.88 31.12 -12.17
O4 NAG PA . -48.11 30.32 -14.90
O5 NAG PA . -44.54 29.94 -14.22
O6 NAG PA . -45.05 31.31 -16.56
O7 NAG PA . -45.03 31.91 -9.79
C1 NAG QA . -25.58 45.55 -0.80
C2 NAG QA . -24.46 46.41 -1.41
C3 NAG QA . -24.22 47.62 -0.50
C4 NAG QA . -25.52 48.38 -0.20
C5 NAG QA . -26.63 47.41 0.23
C6 NAG QA . -28.00 48.04 0.35
C7 NAG QA . -22.80 45.22 -2.77
C8 NAG QA . -21.51 44.44 -2.72
N2 NAG QA . -23.25 45.64 -1.59
O3 NAG QA . -23.27 48.44 -1.12
O4 NAG QA . -25.18 49.28 0.85
O5 NAG QA . -26.74 46.35 -0.71
O6 NAG QA . -29.00 47.05 0.37
O7 NAG QA . -23.36 45.45 -3.83
C1 NAG QA . -25.44 50.64 0.45
C2 NAG QA . -25.54 51.49 1.72
C3 NAG QA . -25.78 52.96 1.36
C4 NAG QA . -24.72 53.45 0.36
C5 NAG QA . -24.67 52.48 -0.83
C6 NAG QA . -23.64 52.84 -1.88
C7 NAG QA . -27.87 50.87 2.49
C8 NAG QA . -28.58 50.30 3.69
N2 NAG QA . -26.53 50.99 2.65
O3 NAG QA . -25.79 53.68 2.56
O4 NAG QA . -25.08 54.75 -0.05
O5 NAG QA . -24.42 51.16 -0.37
O6 NAG QA . -22.36 52.88 -1.30
O7 NAG QA . -28.50 51.18 1.49
C1 BMA QA . -24.21 55.72 0.59
C2 BMA QA . -23.42 56.44 -0.48
C3 BMA QA . -22.50 57.52 0.16
C4 BMA QA . -22.97 58.10 1.52
C5 BMA QA . -24.45 57.85 1.86
C6 BMA QA . -25.38 59.02 1.51
O2 BMA QA . -24.32 56.99 -1.42
O3 BMA QA . -22.31 58.49 -0.84
O4 BMA QA . -22.14 57.51 2.49
O5 BMA QA . -25.00 56.64 1.34
O6 BMA QA . -25.30 59.27 0.12
C1 MAN QA . -20.90 58.80 -0.97
C2 MAN QA . -20.78 60.07 -1.79
C3 MAN QA . -21.18 59.80 -3.24
C4 MAN QA . -20.35 58.66 -3.83
C5 MAN QA . -20.51 57.42 -2.94
C6 MAN QA . -19.57 56.30 -3.35
O2 MAN QA . -19.44 60.50 -1.70
O3 MAN QA . -21.02 60.99 -3.97
O4 MAN QA . -20.82 58.43 -5.13
O5 MAN QA . -20.21 57.73 -1.58
O6 MAN QA . -19.69 55.23 -2.44
C1 NAG RA . -29.95 37.81 13.37
C2 NAG RA . -29.68 37.12 14.72
C3 NAG RA . -31.01 37.09 15.50
C4 NAG RA . -31.65 38.47 15.62
C5 NAG RA . -31.64 39.21 14.27
C6 NAG RA . -32.06 40.65 14.35
C7 NAG RA . -28.02 35.33 15.05
C8 NAG RA . -27.73 33.88 14.79
N2 NAG RA . -29.20 35.77 14.58
O3 NAG RA . -30.71 36.50 16.73
O4 NAG RA . -32.99 38.27 16.03
O5 NAG RA . -30.36 39.13 13.66
O6 NAG RA . -31.97 41.26 13.09
O7 NAG RA . -27.24 36.03 15.67
C1 NAG RA . -33.17 38.55 17.42
C2 NAG RA . -34.58 39.11 17.62
C3 NAG RA . -34.95 39.19 19.11
C4 NAG RA . -34.61 37.88 19.85
C5 NAG RA . -33.15 37.51 19.58
C6 NAG RA . -32.70 36.22 20.23
C7 NAG RA . -35.47 40.70 15.95
C8 NAG RA . -35.42 42.14 15.50
N2 NAG RA . -34.70 40.41 17.01
O3 NAG RA . -36.30 39.51 19.21
O4 NAG RA . -34.90 37.98 21.25
O5 NAG RA . -33.00 37.37 18.18
O6 NAG RA . -31.46 35.83 19.69
O7 NAG RA . -36.17 39.87 15.38
C1 BMA RA . -34.31 39.14 21.87
C2 BMA RA . -35.37 39.76 22.76
C3 BMA RA . -34.81 41.10 23.32
C4 BMA RA . -33.30 41.11 23.67
C5 BMA RA . -32.57 39.75 23.54
C6 BMA RA . -32.27 39.09 24.89
O2 BMA RA . -35.74 38.86 23.77
O3 BMA RA . -35.67 41.52 24.35
O4 BMA RA . -32.72 42.03 22.76
O5 BMA RA . -33.18 38.80 22.67
O6 BMA RA . -33.40 39.15 25.71
C1 MAN RA . -36.41 42.65 23.83
C2 MAN RA . -36.95 43.50 24.98
C3 MAN RA . -38.22 44.27 24.58
C4 MAN RA . -38.31 44.55 23.08
C5 MAN RA . -38.17 43.23 22.29
C6 MAN RA . -37.41 43.41 20.99
O2 MAN RA . -35.91 44.37 25.37
O3 MAN RA . -38.24 45.46 25.33
O4 MAN RA . -39.56 45.19 22.84
O5 MAN RA . -37.50 42.24 23.05
O6 MAN RA . -36.57 44.54 21.08
C1 MAN RA . -32.98 39.46 27.06
C2 MAN RA . -32.40 38.17 27.68
C3 MAN RA . -33.51 37.14 27.88
C4 MAN RA . -34.68 37.72 28.67
C5 MAN RA . -35.16 39.02 28.00
C6 MAN RA . -36.19 39.73 28.83
O2 MAN RA . -31.80 38.54 28.89
O3 MAN RA . -32.94 36.03 28.53
O4 MAN RA . -35.69 36.75 28.71
O5 MAN RA . -34.06 39.91 27.83
O6 MAN RA . -36.60 40.90 28.14
C1 NAG SA . -11.89 46.12 -3.41
C2 NAG SA . -12.69 45.41 -4.51
C3 NAG SA . -12.49 46.12 -5.85
C4 NAG SA . -12.76 47.61 -5.74
C5 NAG SA . -11.90 48.18 -4.60
C6 NAG SA . -12.08 49.67 -4.37
C7 NAG SA . -12.94 42.99 -4.08
C8 NAG SA . -12.39 41.63 -4.41
N2 NAG SA . -12.32 44.03 -4.68
O3 NAG SA . -13.32 45.48 -6.77
O4 NAG SA . -12.42 48.18 -6.98
O5 NAG SA . -12.20 47.49 -3.41
O6 NAG SA . -13.43 49.93 -4.08
O7 NAG SA . -13.87 43.13 -3.32
C1 NAG SA . -13.61 48.67 -7.62
C2 NAG SA . -13.23 49.86 -8.52
C3 NAG SA . -14.48 50.37 -9.24
C4 NAG SA . -15.20 49.24 -9.97
C5 NAG SA . -15.46 48.08 -9.00
C6 NAG SA . -16.11 46.87 -9.63
C7 NAG SA . -11.30 51.20 -7.78
C8 NAG SA . -10.87 52.33 -6.88
N2 NAG SA . -12.61 50.91 -7.74
O3 NAG SA . -14.09 51.39 -10.12
O4 NAG SA . -16.40 49.75 -10.49
O5 NAG SA . -14.22 47.68 -8.41
O6 NAG SA . -15.29 46.38 -10.67
O7 NAG SA . -10.49 50.58 -8.46
C1 NAG TA . -24.84 31.01 -12.06
C2 NAG TA . -23.66 30.29 -12.74
C3 NAG TA . -23.22 31.06 -14.00
C4 NAG TA . -24.41 31.40 -14.89
C5 NAG TA . -25.55 32.02 -14.07
C6 NAG TA . -26.80 32.32 -14.86
C7 NAG TA . -21.67 30.55 -11.03
C8 NAG TA . -21.60 32.05 -10.94
N2 NAG TA . -22.58 29.91 -11.83
O3 NAG TA . -22.26 30.27 -14.65
O4 NAG TA . -23.95 32.29 -15.88
O5 NAG TA . -25.88 31.16 -13.00
O6 NAG TA . -27.20 31.17 -15.57
O7 NAG TA . -20.89 29.88 -10.38
C1 NAG TA . -23.93 31.63 -17.16
C2 NAG TA . -24.33 32.62 -18.25
C3 NAG TA . -24.23 31.95 -19.62
C4 NAG TA . -22.87 31.30 -19.82
C5 NAG TA . -22.56 30.37 -18.64
C6 NAG TA . -21.20 29.72 -18.71
C7 NAG TA . -25.93 34.45 -17.84
C8 NAG TA . -27.40 34.76 -17.64
N2 NAG TA . -25.65 33.14 -18.04
O3 NAG TA . -24.51 32.91 -20.60
O4 NAG TA . -22.92 30.58 -21.04
O5 NAG TA . -22.64 31.12 -17.45
O6 NAG TA . -20.20 30.69 -18.92
O7 NAG TA . -25.09 35.33 -17.82
C1 BMA TA . -22.06 31.18 -22.05
C2 BMA TA . -22.80 31.04 -23.38
C3 BMA TA . -21.99 31.69 -24.53
C4 BMA TA . -20.99 32.79 -24.13
C5 BMA TA . -21.28 33.44 -22.77
C6 BMA TA . -22.19 34.65 -22.86
O2 BMA TA . -24.07 31.60 -23.24
O3 BMA TA . -22.94 32.13 -25.47
O4 BMA TA . -19.71 32.19 -24.14
O5 BMA TA . -21.78 32.54 -21.78
O6 BMA TA . -22.53 35.03 -21.55
C1 NAG UA . 5.71 38.27 28.31
C2 NAG UA . 4.55 38.65 29.25
C3 NAG UA . 4.92 39.95 29.98
C4 NAG UA . 6.29 39.81 30.68
C5 NAG UA . 7.34 39.27 29.70
C6 NAG UA . 8.69 39.00 30.30
C7 NAG UA . 2.92 39.56 27.55
C8 NAG UA . 1.50 39.37 27.09
N2 NAG UA . 3.28 38.74 28.57
O3 NAG UA . 3.88 40.25 30.87
O4 NAG UA . 6.62 41.10 31.15
O5 NAG UA . 6.87 38.08 29.09
O6 NAG UA . 8.57 38.11 31.38
O7 NAG UA . 3.64 40.39 27.01
C1 NAG UA . 6.67 41.09 32.59
C2 NAG UA . 7.45 42.33 33.06
C3 NAG UA . 7.46 42.38 34.58
C4 NAG UA . 6.05 42.29 35.16
C5 NAG UA . 5.36 41.05 34.57
C6 NAG UA . 3.92 40.84 35.00
C7 NAG UA . 9.20 43.10 31.51
C8 NAG UA . 10.65 42.91 31.11
N2 NAG UA . 8.79 42.32 32.52
O3 NAG UA . 8.12 43.56 34.97
O4 NAG UA . 6.16 42.22 36.56
O5 NAG UA . 5.37 41.15 33.16
O6 NAG UA . 3.16 41.98 34.68
O7 NAG UA . 8.48 43.91 30.93
C1 BMA UA . 5.49 43.36 37.16
C2 BMA UA . 5.57 43.18 38.67
C3 BMA UA . 4.91 44.38 39.40
C4 BMA UA . 4.86 45.71 38.61
C5 BMA UA . 5.85 45.80 37.44
C6 BMA UA . 7.16 46.51 37.79
O2 BMA UA . 6.90 42.99 39.03
O3 BMA UA . 5.57 44.50 40.63
O4 BMA UA . 3.52 45.84 38.16
O5 BMA UA . 6.12 44.58 36.77
O6 BMA UA . 7.84 45.75 38.75
C1 NAG VA . -41.22 11.24 -13.98
C2 NAG VA . -42.11 10.94 -15.19
C3 NAG VA . -43.55 11.30 -14.85
C4 NAG VA . -44.03 10.71 -13.53
C5 NAG VA . -42.98 10.91 -12.43
C6 NAG VA . -43.28 10.19 -11.14
C7 NAG VA . -41.05 11.17 -17.42
C8 NAG VA . -40.74 12.15 -18.52
N2 NAG VA . -41.69 11.68 -16.36
O3 NAG VA . -44.33 10.89 -15.95
O4 NAG VA . -45.22 11.38 -13.15
O5 NAG VA . -41.71 10.48 -12.89
O6 NAG VA . -43.48 8.82 -11.39
O7 NAG VA . -40.73 9.99 -17.51
C1 NAG VA . -46.37 10.56 -13.43
C2 NAG VA . -47.37 10.67 -12.26
C3 NAG VA . -48.62 9.87 -12.60
C4 NAG VA . -49.22 10.33 -13.92
C5 NAG VA . -48.14 10.25 -15.02
C6 NAG VA . -48.58 10.77 -16.36
C7 NAG VA . -46.69 11.00 -9.92
C8 NAG VA . -46.08 10.34 -8.72
N2 NAG VA . -46.80 10.23 -11.01
O3 NAG VA . -49.51 9.98 -11.52
O4 NAG VA . -50.33 9.49 -14.21
O5 NAG VA . -47.01 11.00 -14.61
O6 NAG VA . -49.00 12.11 -16.24
O7 NAG VA . -47.07 12.17 -9.87
C1 BMA VA . -51.54 10.30 -14.21
C2 BMA VA . -52.60 9.52 -14.99
C3 BMA VA . -53.95 10.28 -14.98
C4 BMA VA . -54.17 11.27 -13.81
C5 BMA VA . -53.29 11.00 -12.59
C6 BMA VA . -53.93 10.05 -11.57
O2 BMA VA . -52.70 8.23 -14.44
O3 BMA VA . -54.96 9.30 -15.06
O4 BMA VA . -53.94 12.56 -14.33
O5 BMA VA . -51.97 10.54 -12.88
O6 BMA VA . -52.93 9.67 -10.66
C1 NAG WA . -34.50 10.83 -21.93
C2 NAG WA . -35.13 12.03 -22.66
C3 NAG WA . -34.30 12.39 -23.88
C4 NAG WA . -32.83 12.61 -23.49
C5 NAG WA . -32.31 11.41 -22.70
C6 NAG WA . -30.90 11.55 -22.18
C7 NAG WA . -37.57 12.11 -22.31
C8 NAG WA . -38.90 11.70 -22.89
N2 NAG WA . -36.50 11.74 -23.02
O3 NAG WA . -34.87 13.53 -24.46
O4 NAG WA . -32.10 12.81 -24.68
O5 NAG WA . -33.17 11.16 -21.60
O6 NAG WA . -30.82 12.71 -21.38
O7 NAG WA . -37.50 12.74 -21.26
C1 NAG WA . -31.62 14.17 -24.71
C2 NAG WA . -30.23 14.19 -25.35
C3 NAG WA . -29.74 15.63 -25.50
C4 NAG WA . -30.78 16.51 -26.19
C5 NAG WA . -32.14 16.36 -25.48
C6 NAG WA . -33.27 17.13 -26.10
C7 NAG WA . -28.53 12.42 -25.05
C8 NAG WA . -27.62 11.77 -24.04
N2 NAG WA . -29.29 13.42 -24.57
O3 NAG WA . -28.52 15.61 -26.17
O4 NAG WA . -30.28 17.84 -26.15
O5 NAG WA . -32.48 14.98 -25.48
O6 NAG WA . -33.40 16.78 -27.47
O7 NAG WA . -28.55 12.06 -26.22
C1 BMA WA . -30.11 18.39 -27.48
C2 BMA WA . -28.77 19.12 -27.52
C3 BMA WA . -28.52 19.74 -28.93
C4 BMA WA . -29.27 19.07 -30.10
C5 BMA WA . -29.73 17.63 -29.82
C6 BMA WA . -28.71 16.58 -30.25
O2 BMA WA . -27.75 18.23 -27.13
O3 BMA WA . -27.13 19.73 -29.10
O4 BMA WA . -30.37 19.92 -30.39
O5 BMA WA . -30.13 17.38 -28.49
O6 BMA WA . -29.16 15.33 -29.76
C1 NAG XA . -44.16 38.83 -3.48
C2 NAG XA . -44.68 40.27 -3.39
C3 NAG XA . -46.21 40.26 -3.23
C4 NAG XA . -46.91 39.36 -4.26
C5 NAG XA . -46.20 37.99 -4.31
C6 NAG XA . -46.68 37.02 -5.37
C7 NAG XA . -43.99 40.79 -1.02
C8 NAG XA . -43.19 41.80 -0.24
N2 NAG XA . -44.02 41.02 -2.35
O3 NAG XA . -46.65 41.58 -3.32
O4 NAG XA . -48.25 39.27 -3.83
O5 NAG XA . -44.82 38.18 -4.54
O6 NAG XA . -45.63 36.14 -5.70
O7 NAG XA . -44.55 39.86 -0.44
C1 NAG XA . -49.16 39.60 -4.91
C2 NAG XA . -50.56 39.10 -4.52
C3 NAG XA . -51.53 39.39 -5.66
C4 NAG XA . -51.48 40.86 -6.07
C5 NAG XA . -50.02 41.28 -6.31
C6 NAG XA . -49.86 42.76 -6.64
C7 NAG XA . -50.76 37.21 -2.94
C8 NAG XA . -50.68 35.71 -2.83
N2 NAG XA . -50.54 37.70 -4.17
O3 NAG XA . -52.81 38.99 -5.25
O4 NAG XA . -52.26 40.99 -7.23
O5 NAG XA . -49.24 40.98 -5.16
O6 NAG XA . -50.51 43.54 -5.67
O7 NAG XA . -51.00 37.91 -1.98
C1 NAG YA . -39.05 40.60 10.23
C2 NAG YA . -38.38 41.95 9.92
C3 NAG YA . -38.95 43.02 10.85
C4 NAG YA . -40.48 43.05 10.79
C5 NAG YA . -41.02 41.64 11.04
C6 NAG YA . -42.53 41.52 10.93
C7 NAG YA . -36.09 41.78 9.02
C8 NAG YA . -34.64 41.69 9.39
N2 NAG YA . -36.95 41.86 10.06
O3 NAG YA . -38.37 44.25 10.49
O4 NAG YA . -40.94 43.97 11.75
O5 NAG YA . -40.44 40.75 10.12
O6 NAG YA . -42.92 41.88 9.63
O7 NAG YA . -36.45 41.78 7.85
C1 NAG YA . -41.54 45.08 11.06
C2 NAG YA . -42.68 45.63 11.92
C3 NAG YA . -43.29 46.84 11.21
C4 NAG YA . -42.23 47.90 10.85
C5 NAG YA . -41.08 47.20 10.09
C6 NAG YA . -39.87 48.04 9.74
C7 NAG YA . -43.85 43.98 13.33
C8 NAG YA . -44.97 42.97 13.34
N2 NAG YA . -43.68 44.63 12.16
O3 NAG YA . -44.30 47.35 12.04
O4 NAG YA . -42.91 48.87 10.08
O5 NAG YA . -40.61 46.12 10.86
O6 NAG YA . -39.29 48.55 10.93
O7 NAG YA . -43.16 44.18 14.31
C1 BMA YA . -42.62 50.25 10.49
C2 BMA YA . -43.91 50.91 10.98
C3 BMA YA . -43.63 52.39 11.35
C4 BMA YA . -42.18 52.72 11.79
C5 BMA YA . -41.36 51.50 12.22
C6 BMA YA . -41.41 51.25 13.73
O2 BMA YA . -44.43 50.18 12.05
O3 BMA YA . -44.57 52.71 12.35
O4 BMA YA . -41.59 53.37 10.67
O5 BMA YA . -41.66 50.29 11.53
O6 BMA YA . -40.68 52.29 14.36
C1 NAG ZA . 11.46 -43.55 -22.99
C2 NAG ZA . 11.63 -42.99 -24.41
C3 NAG ZA . 12.98 -43.46 -24.96
C4 NAG ZA . 14.12 -43.09 -24.01
C5 NAG ZA . 13.79 -43.59 -22.60
C6 NAG ZA . 14.82 -43.20 -21.55
C7 NAG ZA . 9.63 -42.55 -25.78
C8 NAG ZA . 8.58 -43.20 -26.65
N2 NAG ZA . 10.55 -43.40 -25.26
O3 NAG ZA . 13.15 -42.89 -26.23
O4 NAG ZA . 15.30 -43.67 -24.51
O5 NAG ZA . 12.53 -43.09 -22.19
O6 NAG ZA . 15.00 -41.80 -21.57
O7 NAG ZA . 9.62 -41.35 -25.56
C1 NAG AB . 14.75 -39.51 -8.91
C2 NAG AB . 14.87 -41.00 -8.57
C3 NAG AB . 15.62 -41.17 -7.26
C4 NAG AB . 16.95 -40.41 -7.26
C5 NAG AB . 16.70 -38.96 -7.66
C6 NAG AB . 17.97 -38.12 -7.77
C7 NAG AB . 13.05 -42.41 -9.47
C8 NAG AB . 11.67 -42.96 -9.16
N2 NAG AB . 13.58 -41.63 -8.50
O3 NAG AB . 15.79 -42.54 -7.03
O4 NAG AB . 17.49 -40.51 -5.96
O5 NAG AB . 16.04 -38.93 -8.92
O6 NAG AB . 17.66 -36.84 -8.26
O7 NAG AB . 13.63 -42.68 -10.50
C1 NAG BB . 7.83 6.77 59.58
C2 NAG BB . 7.58 8.22 60.04
C3 NAG BB . 8.81 8.75 60.79
C4 NAG BB . 9.24 7.80 61.91
C5 NAG BB . 9.40 6.38 61.34
C6 NAG BB . 9.78 5.35 62.37
C7 NAG BB . 6.03 9.49 58.60
C8 NAG BB . 5.95 10.38 57.39
N2 NAG BB . 7.27 9.08 58.93
O3 NAG BB . 8.50 10.03 61.28
O4 NAG BB . 10.43 8.30 62.45
O5 NAG BB . 8.20 5.99 60.70
O6 NAG BB . 8.80 5.33 63.39
O7 NAG BB . 5.03 9.17 59.23
C1 NAG CB . 22.32 3.78 32.49
C2 NAG CB . 23.03 2.64 31.74
C3 NAG CB . 23.31 1.49 32.71
C4 NAG CB . 24.04 1.98 33.97
C5 NAG CB . 23.24 3.14 34.58
C6 NAG CB . 23.88 3.73 35.82
C7 NAG CB . 22.45 2.45 29.35
C8 NAG CB . 21.48 1.84 28.38
N2 NAG CB . 22.22 2.17 30.64
O3 NAG CB . 24.07 0.53 32.03
O4 NAG CB . 24.12 0.88 34.85
O5 NAG CB . 23.09 4.15 33.61
O6 NAG CB . 25.20 4.12 35.53
O7 NAG CB . 23.38 3.14 28.96
C1 NAG DB . -11.46 2.49 47.16
C2 NAG DB . -12.68 1.55 47.04
C3 NAG DB . -13.89 2.35 46.56
C4 NAG DB . -14.13 3.57 47.44
C5 NAG DB . -12.83 4.39 47.52
C6 NAG DB . -12.92 5.60 48.42
C7 NAG DB . -12.18 -0.80 46.52
C8 NAG DB . -11.91 -1.76 45.38
N2 NAG DB . -12.40 0.47 46.13
O3 NAG DB . -15.00 1.49 46.56
O4 NAG DB . -15.18 4.31 46.84
O5 NAG DB . -11.79 3.56 48.00
O6 NAG DB . -13.68 6.62 47.79
O7 NAG DB . -12.19 -1.17 47.68
C1 NAG EB . -11.87 -4.80 -48.87
C2 NAG EB . -13.36 -5.13 -48.69
C3 NAG EB . -14.19 -4.20 -49.57
C4 NAG EB . -13.85 -2.73 -49.28
C5 NAG EB . -12.33 -2.52 -49.38
C6 NAG EB . -11.88 -1.12 -49.02
C7 NAG EB . -13.98 -7.44 -48.11
C8 NAG EB . -14.19 -8.84 -48.67
N2 NAG EB . -13.61 -6.52 -49.01
O3 NAG EB . -15.54 -4.49 -49.35
O4 NAG EB . -14.55 -1.95 -50.22
O5 NAG EB . -11.67 -3.44 -48.52
O6 NAG EB . -12.36 -0.78 -47.75
O7 NAG EB . -14.14 -7.21 -46.92
C1 NAG FB . -1.69 4.40 -42.75
C2 NAG FB . -1.00 4.45 -44.14
C3 NAG FB . -0.04 5.63 -44.18
C4 NAG FB . -0.73 6.93 -43.78
C5 NAG FB . -1.44 6.74 -42.43
C6 NAG FB . -2.21 7.96 -41.97
C7 NAG FB . -0.74 2.26 -45.24
C8 NAG FB . 0.17 1.06 -45.37
N2 NAG FB . -0.30 3.22 -44.40
O3 NAG FB . 0.50 5.70 -45.48
O4 NAG FB . 0.25 7.94 -43.72
O5 NAG FB . -2.32 5.64 -42.52
O6 NAG FB . -2.92 7.64 -40.79
O7 NAG FB . -1.80 2.33 -45.86
C1 NAG GB . 48.28 31.91 17.45
C2 NAG GB . 48.35 32.06 18.97
C3 NAG GB . 48.44 33.54 19.35
C4 NAG GB . 49.56 34.24 18.59
C5 NAG GB . 49.41 33.98 17.09
C6 NAG GB . 50.50 34.59 16.24
C7 NAG GB . 47.24 30.24 20.23
C8 NAG GB . 45.93 29.81 20.83
N2 NAG GB . 47.22 31.44 19.62
O3 NAG GB . 48.60 33.63 20.74
O4 NAG GB . 49.47 35.62 18.90
O5 NAG GB . 49.38 32.58 16.86
O6 NAG GB . 51.74 34.11 16.68
O7 NAG GB . 48.24 29.54 20.29
C1 NAG HB . 19.97 33.77 5.27
C2 NAG HB . 19.40 33.96 3.86
C3 NAG HB . 20.48 34.46 2.92
C4 NAG HB . 21.21 35.68 3.49
C5 NAG HB . 21.70 35.36 4.90
C6 NAG HB . 22.40 36.52 5.59
C7 NAG HB . 17.52 32.46 3.30
C8 NAG HB . 17.18 31.10 2.74
N2 NAG HB . 18.83 32.73 3.37
O3 NAG HB . 19.90 34.74 1.67
O4 NAG HB . 22.29 35.96 2.62
O5 NAG HB . 20.58 34.97 5.69
O6 NAG HB . 21.58 37.65 5.57
O7 NAG HB . 16.65 33.24 3.65
C1 NAG IB . 45.23 8.87 15.25
C2 NAG IB . 45.82 7.59 14.64
C3 NAG IB . 45.58 6.40 15.58
C4 NAG IB . 46.09 6.71 16.98
C5 NAG IB . 45.47 8.03 17.47
C6 NAG IB . 45.95 8.46 18.84
C7 NAG IB . 45.86 7.51 12.17
C8 NAG IB . 45.04 7.17 10.96
N2 NAG IB . 45.24 7.34 13.35
O3 NAG IB . 46.22 5.28 15.02
O4 NAG IB . 45.72 5.63 17.80
O5 NAG IB . 45.78 9.05 16.53
O6 NAG IB . 45.36 7.66 19.83
O7 NAG IB . 47.01 7.91 12.09
C1 NAG JB . -38.09 -30.88 -12.24
C2 NAG JB . -37.32 -32.21 -12.14
C3 NAG JB . -38.10 -33.17 -11.26
C4 NAG JB . -38.40 -32.54 -9.89
C5 NAG JB . -39.07 -31.17 -10.10
C6 NAG JB . -39.33 -30.42 -8.81
C7 NAG JB . -35.89 -32.88 -14.04
C8 NAG JB . -35.90 -33.50 -15.41
N2 NAG JB . -37.10 -32.77 -13.45
O3 NAG JB . -37.35 -34.36 -11.14
O4 NAG JB . -39.23 -33.43 -9.19
O5 NAG JB . -38.25 -30.37 -10.93
O6 NAG JB . -38.12 -30.30 -8.08
O7 NAG JB . -34.85 -32.52 -13.51
C1 NAG KB . -38.90 -17.90 -4.75
C2 NAG KB . -40.38 -17.81 -5.19
C3 NAG KB . -41.11 -16.78 -4.32
C4 NAG KB . -40.91 -17.06 -2.83
C5 NAG KB . -39.40 -17.19 -2.54
C6 NAG KB . -39.09 -17.53 -1.10
C7 NAG KB . -40.80 -18.33 -7.56
C8 NAG KB . -40.86 -17.73 -8.94
N2 NAG KB . -40.49 -17.46 -6.58
O3 NAG KB . -42.47 -16.80 -4.68
O4 NAG KB . -41.49 -16.00 -2.12
O5 NAG KB . -38.85 -18.19 -3.37
O6 NAG KB . -37.71 -17.75 -0.95
O7 NAG KB . -40.99 -19.52 -7.36
C1 NAG LB . -10.80 55.07 22.53
C2 NAG LB . -9.51 55.76 22.99
C3 NAG LB . -9.64 56.19 24.45
C4 NAG LB . -10.92 57.00 24.69
C5 NAG LB . -12.12 56.21 24.15
C6 NAG LB . -13.43 56.94 24.28
C7 NAG LB . -7.48 55.02 21.80
C8 NAG LB . -6.36 54.02 21.83
N2 NAG LB . -8.36 54.92 22.81
O3 NAG LB . -8.49 56.90 24.80
O4 NAG LB . -11.02 57.22 26.07
O5 NAG LB . -11.91 55.91 22.79
O6 NAG LB . -13.36 58.19 23.63
O7 NAG LB . -7.56 55.86 20.92
C1 NAG MB . -12.16 24.77 28.37
C2 NAG MB . -13.27 23.70 28.38
C3 NAG MB . -14.64 24.38 28.39
C4 NAG MB . -14.74 25.43 29.49
C5 NAG MB . -13.56 26.41 29.38
C6 NAG MB . -13.55 27.46 30.46
C7 NAG MB . -12.67 21.58 27.28
C8 NAG MB . -12.64 20.86 25.95
N2 NAG MB . -13.14 22.84 27.24
O3 NAG MB . -15.61 23.39 28.51
O4 NAG MB . -15.98 26.09 29.33
O5 NAG MB . -12.36 25.66 29.45
O6 NAG MB . -13.60 26.86 31.73
O7 NAG MB . -12.27 21.05 28.30
C1 NAG NB . -4.96 48.33 0.96
C2 NAG NB . -5.35 48.44 -0.53
C3 NAG NB . -4.08 48.45 -1.39
C4 NAG NB . -3.10 49.52 -0.92
C5 NAG NB . -2.83 49.33 0.58
C6 NAG NB . -1.92 50.37 1.18
C7 NAG NB . -7.52 47.49 -1.14
C8 NAG NB . -8.22 46.20 -1.54
N2 NAG NB . -6.20 47.35 -0.91
O3 NAG NB . -4.47 48.65 -2.73
O4 NAG NB . -1.92 49.36 -1.68
O5 NAG NB . -4.07 49.37 1.28
O6 NAG NB . -0.59 50.12 0.78
O7 NAG NB . -8.13 48.54 -1.05
#